data_6OCE
#
_entry.id   6OCE
#
_entity_poly.entity_id   1
_entity_poly.type   'polypeptide(L)'
_entity_poly.pdbx_seq_one_letter_code
;MATVSDIGLSAAINVSMAVAFLLVFAFLRLQPINDRVYFPKWYLRGMRDSPVSSGAAVQKVVNLNMRSYLKFLSWMPAAL
KMPEDELINHAGLDSAVYLRIYLTGIKIFVPISILASLVLFPVNWTNDTLDSMKVVHSKIDKLSISNIPYGSNRFVTHLV
MAYAVTFWTCYVLFREYEIITTMRLRFLASEKRRPDQFTVLVRNIPPDPDESISELVEHFFLVNHPDHYLRHQVVYNANK
LADLVEKKKKLQNWLDYYQLKYERNPSKRPTTKTGFLGCFGSEVDAIEYYKAEIEKIGKEEADERQKIMKDPQSAVPAAF
VSFRSRWGAAVCAQTQQTSNPTVWITEWAPEPRDVYWNNLSIPFVSLTVRRLIVAVAFFFLNFFYVIPIAFVQSLASLEG
IEKALPFLKPLIKIDVIKSFIQGFLPGIALKVFLILLPTILMFMSKFEGLISQSSLERRSASKYYIFLFFNVFLGSIVTG
SALDQLKAYIHQSANEIPRTIGVAIPMRATFFITYVMVDGWTGVAGEILRLRALIIFHLKNFFLVKTEKDREEAMDPGSI
CFDWCEPRIQLYFLLGLVYAVVTPLLLPFILVFFGLAYVVYRHQIINVYNQQYESGAQFWPSVHGRIIIALIVSQLLLIG
LLSTKGFEETTPVLVVLPVLTFWFYKYCKNRFEPAFVRNPLQEAMRKDTLERAREPTFDLKAYLANAYLHPVFKGREEED
NMSISEDVGMEEVIVPTKRQSRRNTPAQSKYEGSDTLSLPETVHERIKPQLEGS
;
_entity_poly.pdbx_strand_id   A,B
#
# COMPACT_ATOMS: atom_id res chain seq x y z
N THR A 3 1.71 44.24 -20.07
CA THR A 3 0.32 44.70 -20.06
C THR A 3 -0.22 44.72 -18.64
N VAL A 4 -0.21 43.55 -17.98
CA VAL A 4 -0.70 43.42 -16.62
C VAL A 4 0.45 43.14 -15.66
N SER A 5 1.42 42.32 -16.07
CA SER A 5 2.56 42.03 -15.22
C SER A 5 3.52 43.20 -15.13
N ASP A 6 3.49 44.12 -16.09
CA ASP A 6 4.39 45.25 -16.06
C ASP A 6 3.95 46.28 -15.01
N ILE A 7 2.67 46.30 -14.69
CA ILE A 7 2.14 47.23 -13.70
C ILE A 7 1.86 46.57 -12.36
N GLY A 8 1.76 45.25 -12.32
CA GLY A 8 1.51 44.57 -11.06
C GLY A 8 2.70 44.51 -10.14
N LEU A 9 3.91 44.75 -10.68
CA LEU A 9 5.11 44.73 -9.87
C LEU A 9 5.32 46.00 -9.08
N SER A 10 4.74 47.11 -9.51
CA SER A 10 4.92 48.36 -8.78
C SER A 10 4.04 48.41 -7.54
N ALA A 11 2.77 48.06 -7.69
CA ALA A 11 1.85 48.08 -6.58
C ALA A 11 2.21 47.10 -5.46
N ALA A 12 3.11 46.16 -5.72
CA ALA A 12 3.58 45.22 -4.71
C ALA A 12 4.89 45.64 -4.10
N ILE A 13 5.83 46.12 -4.91
CA ILE A 13 7.11 46.56 -4.39
C ILE A 13 6.95 47.83 -3.57
N ASN A 14 6.08 48.72 -4.03
CA ASN A 14 5.87 49.96 -3.30
C ASN A 14 5.25 49.72 -1.92
N VAL A 15 4.59 48.59 -1.73
CA VAL A 15 4.03 48.25 -0.42
C VAL A 15 5.04 47.46 0.43
N SER A 16 5.83 46.59 -0.19
CA SER A 16 6.83 45.83 0.57
C SER A 16 7.89 46.75 1.17
N MET A 17 8.33 47.74 0.41
CA MET A 17 9.30 48.68 0.93
C MET A 17 8.72 49.46 2.10
N ALA A 18 7.46 49.86 1.98
CA ALA A 18 6.82 50.58 3.07
C ALA A 18 6.68 49.70 4.30
N VAL A 19 6.38 48.43 4.10
CA VAL A 19 6.27 47.52 5.22
C VAL A 19 7.63 47.27 5.85
N ALA A 20 8.66 47.16 5.02
CA ALA A 20 10.00 46.93 5.54
C ALA A 20 10.54 48.15 6.26
N PHE A 21 10.18 49.35 5.80
CA PHE A 21 10.64 50.56 6.48
C PHE A 21 9.98 50.71 7.83
N LEU A 22 8.69 50.40 7.92
CA LEU A 22 8.01 50.49 9.20
C LEU A 22 8.59 49.52 10.22
N LEU A 23 9.14 48.39 9.75
CA LEU A 23 9.77 47.46 10.66
C LEU A 23 10.95 48.11 11.36
N VAL A 24 11.85 48.71 10.59
CA VAL A 24 13.00 49.37 11.19
C VAL A 24 12.54 50.55 12.03
N PHE A 25 11.45 51.20 11.64
CA PHE A 25 10.94 52.32 12.43
C PHE A 25 10.48 51.86 13.81
N ALA A 26 9.66 50.82 13.85
CA ALA A 26 9.12 50.31 15.10
C ALA A 26 10.06 49.34 15.80
N PHE A 27 11.24 49.12 15.25
CA PHE A 27 12.19 48.24 15.92
C PHE A 27 12.81 48.92 17.13
N LEU A 28 13.13 50.21 17.03
CA LEU A 28 13.75 50.96 18.12
C LEU A 28 12.67 51.69 18.91
N ARG A 29 11.84 50.90 19.56
CA ARG A 29 10.79 51.39 20.43
C ARG A 29 11.11 51.06 21.87
N LEU A 30 10.21 51.46 22.76
CA LEU A 30 10.39 51.29 24.20
C LEU A 30 9.38 50.36 24.83
N GLN A 31 8.10 50.63 24.66
CA GLN A 31 7.05 49.84 25.28
C GLN A 31 6.83 48.55 24.48
N PRO A 32 6.74 48.62 23.14
CA PRO A 32 6.53 47.37 22.39
C PRO A 32 7.81 46.52 22.28
N ILE A 33 8.06 45.74 23.33
CA ILE A 33 9.24 44.87 23.38
C ILE A 33 8.89 43.44 22.96
N ASN A 34 7.77 43.25 22.25
CA ASN A 34 7.41 41.92 21.80
C ASN A 34 8.35 41.37 20.75
N ASP A 35 9.03 42.25 20.01
CA ASP A 35 9.97 41.80 18.99
C ASP A 35 11.08 40.96 19.59
N ARG A 36 11.44 41.20 20.85
CA ARG A 36 12.47 40.44 21.53
C ARG A 36 11.99 40.00 22.89
N VAL A 37 10.75 39.50 22.96
CA VAL A 37 10.20 39.04 24.22
C VAL A 37 10.84 37.75 24.70
N TYR A 38 11.56 37.04 23.82
CA TYR A 38 12.13 35.77 24.21
C TYR A 38 13.47 35.94 24.91
N PHE A 39 14.23 36.96 24.55
CA PHE A 39 15.53 37.19 25.18
C PHE A 39 15.42 37.43 26.69
N PRO A 40 14.51 38.28 27.19
CA PRO A 40 14.44 38.47 28.64
C PRO A 40 13.66 37.38 29.37
N LYS A 41 13.45 36.23 28.71
CA LYS A 41 12.73 35.12 29.32
C LYS A 41 13.35 34.74 30.66
N TRP A 42 14.67 34.85 30.77
CA TRP A 42 15.37 34.53 32.00
C TRP A 42 15.08 35.59 33.05
N LEU A 64 16.99 62.18 7.51
CA LEU A 64 18.25 61.65 8.01
C LEU A 64 18.62 60.35 7.31
N ASN A 65 19.71 60.38 6.55
CA ASN A 65 20.15 59.21 5.79
C ASN A 65 20.97 58.23 6.61
N MET A 66 21.24 58.54 7.88
CA MET A 66 22.05 57.64 8.69
C MET A 66 21.28 56.37 9.03
N ARG A 67 20.00 56.50 9.39
CA ARG A 67 19.16 55.37 9.74
C ARG A 67 18.26 54.90 8.60
N SER A 68 18.50 55.37 7.37
CA SER A 68 17.67 55.07 6.21
C SER A 68 18.35 54.09 5.26
N TYR A 69 19.61 54.34 4.90
CA TYR A 69 20.36 53.48 4.00
C TYR A 69 21.39 52.64 4.72
N LEU A 70 21.57 52.84 6.02
CA LEU A 70 22.55 52.07 6.80
C LEU A 70 21.95 51.52 8.09
N LYS A 71 20.63 51.29 8.11
CA LYS A 71 19.95 50.76 9.28
C LYS A 71 19.20 49.46 9.11
N PHE A 72 18.90 49.04 7.88
CA PHE A 72 18.20 47.78 7.63
C PHE A 72 19.11 46.57 7.63
N LEU A 73 20.42 46.76 7.53
CA LEU A 73 21.39 45.67 7.55
C LEU A 73 21.78 45.27 8.97
N SER A 74 21.05 45.74 9.98
CA SER A 74 21.39 45.40 11.36
C SER A 74 21.07 43.96 11.71
N TRP A 75 20.14 43.32 10.99
CA TRP A 75 19.75 41.96 11.24
C TRP A 75 19.64 41.09 10.00
N MET A 76 19.78 41.66 8.80
CA MET A 76 19.70 40.84 7.60
C MET A 76 20.91 39.93 7.44
N PRO A 77 22.15 40.42 7.51
CA PRO A 77 23.29 39.49 7.37
C PRO A 77 23.61 38.75 8.65
N ALA A 78 23.13 39.22 9.79
CA ALA A 78 23.45 38.58 11.06
C ALA A 78 22.66 37.31 11.26
N ALA A 79 21.49 37.21 10.64
CA ALA A 79 20.68 36.02 10.82
C ALA A 79 21.33 34.80 10.20
N LEU A 80 22.08 34.99 9.12
CA LEU A 80 22.75 33.87 8.47
C LEU A 80 24.02 33.43 9.18
N LYS A 81 24.46 34.18 10.20
CA LYS A 81 25.68 33.86 10.92
C LYS A 81 25.46 32.89 12.07
N MET A 82 24.35 32.15 12.06
CA MET A 82 24.06 31.18 13.11
C MET A 82 24.32 29.78 12.58
N PRO A 83 25.41 29.12 12.96
CA PRO A 83 25.64 27.75 12.47
C PRO A 83 24.52 26.82 12.90
N GLU A 84 24.51 25.65 12.26
CA GLU A 84 23.49 24.65 12.55
C GLU A 84 23.56 24.16 13.99
N ASP A 85 24.77 24.06 14.53
CA ASP A 85 24.92 23.63 15.91
C ASP A 85 24.25 24.62 16.85
N GLU A 86 24.39 25.90 16.57
CA GLU A 86 23.76 26.90 17.42
C GLU A 86 22.25 26.89 17.26
N LEU A 87 21.75 26.59 16.07
CA LEU A 87 20.31 26.52 15.87
C LEU A 87 19.69 25.36 16.60
N ILE A 88 20.32 24.20 16.53
CA ILE A 88 19.77 23.01 17.17
C ILE A 88 19.89 23.13 18.67
N ASN A 89 20.93 23.81 19.14
CA ASN A 89 21.21 23.99 20.55
C ASN A 89 20.56 25.25 21.10
N HIS A 90 19.45 25.67 20.49
CA HIS A 90 18.67 26.85 20.87
C HIS A 90 17.20 26.51 20.89
N ALA A 91 16.38 27.55 21.06
CA ALA A 91 14.93 27.43 21.05
C ALA A 91 14.52 26.72 19.78
N GLY A 92 13.58 25.82 19.90
CA GLY A 92 13.17 25.08 18.72
C GLY A 92 14.07 23.91 18.43
N LEU A 93 14.17 23.01 19.41
CA LEU A 93 15.04 21.85 19.29
C LEU A 93 14.71 21.05 18.03
N ASP A 94 13.41 20.96 17.70
CA ASP A 94 12.94 20.25 16.52
C ASP A 94 12.47 21.21 15.43
N SER A 95 13.04 22.42 15.39
CA SER A 95 12.74 23.41 14.37
C SER A 95 13.83 23.57 13.33
N ALA A 96 15.04 23.07 13.60
CA ALA A 96 16.10 23.13 12.61
C ALA A 96 15.73 22.32 11.39
N VAL A 97 14.97 21.26 11.58
CA VAL A 97 14.49 20.47 10.47
C VAL A 97 13.37 21.16 9.73
N TYR A 98 12.66 22.06 10.40
CA TYR A 98 11.64 22.83 9.72
C TYR A 98 12.26 23.87 8.81
N LEU A 99 13.42 24.39 9.18
CA LEU A 99 14.15 25.29 8.31
C LEU A 99 14.87 24.60 7.18
N ARG A 100 14.73 23.27 7.11
CA ARG A 100 15.37 22.48 6.05
C ARG A 100 14.40 22.52 4.88
N ILE A 101 13.51 23.50 4.89
CA ILE A 101 12.53 23.66 3.82
C ILE A 101 12.90 24.84 2.94
N TYR A 102 13.31 25.93 3.56
CA TYR A 102 13.70 27.14 2.85
C TYR A 102 15.18 27.10 2.50
N LEU A 103 15.98 26.58 3.43
CA LEU A 103 17.42 26.48 3.22
C LEU A 103 17.72 25.45 2.13
N THR A 104 17.14 24.27 2.27
CA THR A 104 17.32 23.20 1.29
C THR A 104 16.55 23.52 0.02
N GLY A 105 15.43 24.23 0.18
CA GLY A 105 14.61 24.59 -0.95
C GLY A 105 15.42 25.35 -1.99
N ILE A 106 16.15 26.36 -1.53
CA ILE A 106 16.99 27.15 -2.42
C ILE A 106 18.11 26.29 -2.98
N LYS A 107 18.67 25.43 -2.13
CA LYS A 107 19.74 24.52 -2.54
C LYS A 107 19.25 23.63 -3.67
N ILE A 108 18.05 23.08 -3.51
CA ILE A 108 17.45 22.22 -4.51
C ILE A 108 17.12 23.04 -5.75
N PHE A 109 16.63 24.26 -5.51
CA PHE A 109 16.30 25.17 -6.60
C PHE A 109 17.55 25.53 -7.38
N VAL A 110 18.67 25.65 -6.66
CA VAL A 110 19.94 25.97 -7.29
C VAL A 110 20.13 25.14 -8.55
N PRO A 111 19.93 23.82 -8.42
CA PRO A 111 20.05 22.90 -9.56
C PRO A 111 19.13 23.37 -10.69
N ILE A 112 17.87 23.65 -10.37
CA ILE A 112 16.92 24.12 -11.34
C ILE A 112 17.40 25.45 -11.92
N SER A 113 17.86 26.33 -11.05
CA SER A 113 18.36 27.63 -11.47
C SER A 113 19.55 27.44 -12.41
N ILE A 114 20.45 26.54 -12.03
CA ILE A 114 21.61 26.24 -12.85
C ILE A 114 21.13 25.80 -14.22
N LEU A 115 20.03 25.06 -14.24
CA LEU A 115 19.45 24.57 -15.48
C LEU A 115 18.69 25.66 -16.21
N ALA A 116 18.04 26.55 -15.45
CA ALA A 116 17.28 27.64 -16.02
C ALA A 116 18.18 28.59 -16.80
N SER A 117 19.45 28.66 -16.41
CA SER A 117 20.42 29.52 -17.08
C SER A 117 20.70 29.00 -18.48
N LEU A 118 20.72 27.68 -18.62
CA LEU A 118 20.97 27.05 -19.92
C LEU A 118 19.70 27.05 -20.77
N VAL A 119 18.55 26.99 -20.12
CA VAL A 119 17.28 26.99 -20.83
C VAL A 119 16.76 28.41 -21.06
N LEU A 120 17.28 29.40 -20.36
CA LEU A 120 16.92 30.78 -20.66
C LEU A 120 17.40 31.22 -22.03
N PHE A 121 18.41 30.58 -22.58
CA PHE A 121 18.88 30.93 -23.91
C PHE A 121 17.88 30.41 -24.94
N PRO A 122 17.43 29.15 -24.85
CA PRO A 122 16.27 28.74 -25.66
C PRO A 122 15.08 29.65 -25.49
N VAL A 123 14.93 30.30 -24.33
CA VAL A 123 13.85 31.26 -24.17
C VAL A 123 14.19 32.55 -24.92
N ASN A 124 15.45 32.98 -24.85
CA ASN A 124 15.90 34.10 -25.66
C ASN A 124 16.09 33.72 -27.13
N TRP A 125 16.03 32.44 -27.46
CA TRP A 125 16.14 31.98 -28.84
C TRP A 125 14.86 31.38 -29.38
N THR A 126 13.78 31.35 -28.57
CA THR A 126 12.45 30.95 -29.04
C THR A 126 11.46 32.08 -29.09
N ASN A 127 11.64 33.10 -28.25
CA ASN A 127 10.72 34.24 -28.27
C ASN A 127 11.09 35.26 -29.33
N ASP A 128 12.37 35.36 -29.66
CA ASP A 128 12.83 36.35 -30.62
C ASP A 128 12.57 35.93 -32.06
N THR A 129 11.85 34.83 -32.28
CA THR A 129 11.48 34.38 -33.62
C THR A 129 10.03 34.82 -33.84
N LEU A 130 9.85 35.86 -34.65
CA LEU A 130 8.53 36.44 -34.87
C LEU A 130 7.77 35.66 -35.92
N ASP A 131 6.45 35.62 -35.75
CA ASP A 131 5.57 34.93 -36.68
C ASP A 131 4.23 35.68 -36.68
N SER A 132 3.20 35.06 -37.26
CA SER A 132 1.88 35.68 -37.29
C SER A 132 1.38 35.98 -35.90
N MET A 133 1.49 35.02 -34.99
CA MET A 133 1.06 35.18 -33.61
C MET A 133 -0.42 35.58 -33.53
N LYS A 134 -1.27 34.68 -34.04
CA LYS A 134 -2.72 34.88 -34.08
C LYS A 134 -3.40 34.12 -32.97
N VAL A 135 -2.77 34.09 -31.78
CA VAL A 135 -3.29 33.32 -30.65
C VAL A 135 -4.74 33.71 -30.39
N VAL A 136 -4.96 34.98 -30.06
CA VAL A 136 -6.31 35.48 -29.88
C VAL A 136 -6.54 36.69 -30.79
N HIS A 137 -5.78 37.77 -30.58
CA HIS A 137 -5.88 38.97 -31.43
C HIS A 137 -4.57 39.73 -31.30
N SER A 138 -3.67 39.51 -32.25
CA SER A 138 -2.42 40.24 -32.46
C SER A 138 -1.78 40.69 -31.14
N LYS A 139 -1.51 39.71 -30.30
CA LYS A 139 -0.92 39.93 -28.97
C LYS A 139 0.56 39.58 -29.06
N ILE A 140 1.39 40.59 -29.30
CA ILE A 140 2.84 40.41 -29.39
C ILE A 140 3.35 40.54 -27.96
N ASP A 141 3.36 39.42 -27.25
CA ASP A 141 3.78 39.37 -25.86
C ASP A 141 4.65 38.13 -25.69
N LYS A 142 4.91 37.77 -24.44
CA LYS A 142 5.71 36.61 -24.13
C LYS A 142 4.93 35.37 -24.50
N LEU A 143 5.28 34.77 -25.63
CA LEU A 143 4.60 33.61 -26.15
C LEU A 143 5.61 32.59 -26.63
N SER A 144 6.64 32.36 -25.84
CA SER A 144 7.74 31.46 -26.18
C SER A 144 7.40 29.97 -26.07
N ILE A 145 6.13 29.63 -25.92
CA ILE A 145 5.71 28.25 -25.70
C ILE A 145 5.50 27.54 -27.03
N SER A 146 4.57 28.06 -27.83
CA SER A 146 4.12 27.41 -29.05
C SER A 146 4.09 28.39 -30.21
N ASN A 147 5.20 29.11 -30.40
CA ASN A 147 5.30 30.07 -31.49
C ASN A 147 5.08 29.40 -32.84
N ILE A 148 5.91 28.40 -33.14
CA ILE A 148 5.99 27.81 -34.47
C ILE A 148 5.66 26.32 -34.35
N PRO A 149 5.14 25.67 -35.40
CA PRO A 149 4.97 24.20 -35.33
C PRO A 149 6.30 23.49 -35.12
N TYR A 150 6.24 22.16 -35.10
CA TYR A 150 7.33 21.27 -34.68
C TYR A 150 8.70 21.76 -35.14
N GLY A 151 8.89 21.89 -36.44
CA GLY A 151 10.15 22.36 -36.97
C GLY A 151 11.25 21.31 -37.03
N SER A 152 11.19 20.31 -36.14
CA SER A 152 12.17 19.24 -36.05
C SER A 152 13.55 19.75 -35.69
N ASN A 153 13.66 20.97 -35.16
CA ASN A 153 14.95 21.55 -34.80
C ASN A 153 14.92 22.28 -33.47
N ARG A 154 13.76 22.39 -32.81
CA ARG A 154 13.64 23.10 -31.54
C ARG A 154 13.06 22.25 -30.42
N PHE A 155 12.07 21.41 -30.72
CA PHE A 155 11.46 20.57 -29.67
C PHE A 155 12.39 19.50 -29.15
N VAL A 156 13.51 19.25 -29.84
CA VAL A 156 14.46 18.24 -29.38
C VAL A 156 14.99 18.60 -28.00
N THR A 157 15.41 19.85 -27.84
CA THR A 157 15.91 20.29 -26.55
C THR A 157 14.78 20.33 -25.53
N HIS A 158 13.60 20.74 -25.96
CA HIS A 158 12.46 20.80 -25.05
C HIS A 158 12.10 19.42 -24.52
N LEU A 159 12.36 18.38 -25.29
CA LEU A 159 12.12 17.02 -24.84
C LEU A 159 13.27 16.43 -24.04
N VAL A 160 14.50 16.81 -24.36
CA VAL A 160 15.65 16.26 -23.67
C VAL A 160 15.82 16.90 -22.30
N MET A 161 15.38 18.15 -22.13
CA MET A 161 15.55 18.81 -20.85
C MET A 161 14.77 18.13 -19.73
N ALA A 162 13.69 17.42 -20.08
CA ALA A 162 12.88 16.76 -19.06
C ALA A 162 13.69 15.75 -18.27
N TYR A 163 14.72 15.17 -18.89
CA TYR A 163 15.58 14.24 -18.18
C TYR A 163 16.24 14.91 -16.99
N ALA A 164 17.05 15.94 -17.24
CA ALA A 164 17.72 16.63 -16.15
C ALA A 164 16.75 17.31 -15.21
N VAL A 165 15.55 17.63 -15.68
CA VAL A 165 14.53 18.25 -14.83
C VAL A 165 14.25 17.40 -13.61
N THR A 166 14.34 16.08 -13.75
CA THR A 166 14.05 15.17 -12.66
C THR A 166 15.28 14.51 -12.08
N PHE A 167 16.26 14.20 -12.92
CA PHE A 167 17.40 13.43 -12.46
C PHE A 167 18.21 14.19 -11.44
N TRP A 168 18.41 15.49 -11.65
CA TRP A 168 19.22 16.25 -10.73
C TRP A 168 18.48 16.51 -9.43
N THR A 169 17.19 16.85 -9.51
CA THR A 169 16.44 17.11 -8.29
C THR A 169 16.32 15.85 -7.43
N CYS A 170 16.14 14.70 -8.06
CA CYS A 170 16.10 13.46 -7.29
C CYS A 170 17.44 13.17 -6.66
N TYR A 171 18.52 13.40 -7.40
CA TYR A 171 19.86 13.18 -6.87
C TYR A 171 20.13 14.09 -5.68
N VAL A 172 19.59 15.30 -5.72
CA VAL A 172 19.78 16.22 -4.61
C VAL A 172 18.90 15.83 -3.44
N LEU A 173 17.67 15.43 -3.72
CA LEU A 173 16.79 15.00 -2.65
C LEU A 173 17.32 13.76 -1.95
N PHE A 174 18.05 12.92 -2.68
CA PHE A 174 18.67 11.76 -2.07
C PHE A 174 19.64 12.18 -0.97
N ARG A 175 20.59 13.05 -1.31
CA ARG A 175 21.52 13.54 -0.30
C ARG A 175 20.81 14.31 0.79
N GLU A 176 19.75 15.02 0.44
CA GLU A 176 19.00 15.75 1.45
C GLU A 176 18.41 14.82 2.50
N TYR A 177 17.72 13.79 2.05
CA TYR A 177 17.11 12.84 2.99
C TYR A 177 18.16 12.07 3.76
N GLU A 178 19.34 11.89 3.18
CA GLU A 178 20.42 11.22 3.88
C GLU A 178 20.94 12.10 5.01
N ILE A 179 21.17 13.37 4.72
CA ILE A 179 21.66 14.28 5.75
C ILE A 179 20.64 14.41 6.86
N ILE A 180 19.36 14.45 6.49
CA ILE A 180 18.30 14.59 7.47
C ILE A 180 18.25 13.39 8.39
N THR A 181 18.34 12.19 7.82
CA THR A 181 18.31 11.00 8.65
C THR A 181 19.50 10.95 9.60
N THR A 182 20.68 11.31 9.11
CA THR A 182 21.86 11.27 9.95
C THR A 182 21.74 12.25 11.12
N MET A 183 21.32 13.46 10.84
CA MET A 183 21.21 14.44 11.89
C MET A 183 20.13 14.07 12.90
N ARG A 184 19.05 13.44 12.45
CA ARG A 184 18.02 12.99 13.39
C ARG A 184 18.54 11.89 14.29
N LEU A 185 19.26 10.93 13.71
CA LEU A 185 19.83 9.87 14.53
C LEU A 185 20.84 10.43 15.50
N ARG A 186 21.58 11.46 15.11
CA ARG A 186 22.54 12.07 16.02
C ARG A 186 21.81 12.75 17.16
N PHE A 187 20.77 13.52 16.82
CA PHE A 187 20.00 14.20 17.85
C PHE A 187 19.27 13.21 18.73
N LEU A 188 18.95 12.04 18.19
CA LEU A 188 18.25 11.05 18.99
C LEU A 188 19.07 10.58 20.19
N ALA A 189 20.38 10.77 20.14
CA ALA A 189 21.27 10.38 21.23
C ALA A 189 21.70 11.56 22.08
N SER A 190 21.01 12.69 21.95
CA SER A 190 21.32 13.89 22.71
C SER A 190 20.06 14.50 23.26
N GLU A 191 19.20 13.66 23.84
CA GLU A 191 17.94 14.08 24.41
C GLU A 191 17.87 13.72 25.88
N LYS A 192 17.19 14.57 26.65
CA LYS A 192 17.03 14.38 28.07
C LYS A 192 15.97 13.32 28.34
N ARG A 193 15.64 13.12 29.60
CA ARG A 193 14.66 12.12 30.00
C ARG A 193 13.26 12.69 29.92
N ARG A 194 12.58 12.41 28.80
CA ARG A 194 11.22 12.85 28.60
C ARG A 194 10.25 11.69 28.84
N PRO A 195 9.00 11.99 29.20
CA PRO A 195 8.03 10.93 29.44
C PRO A 195 7.48 10.31 28.18
N ASP A 196 7.86 10.80 27.01
CA ASP A 196 7.34 10.25 25.76
C ASP A 196 7.77 8.81 25.59
N GLN A 197 9.06 8.55 25.75
CA GLN A 197 9.55 7.20 25.58
C GLN A 197 9.18 6.31 26.74
N PHE A 198 8.82 6.89 27.87
CA PHE A 198 8.49 6.13 29.05
C PHE A 198 7.00 5.78 29.10
N THR A 199 6.13 6.75 28.87
CA THR A 199 4.70 6.56 29.04
C THR A 199 4.02 6.39 27.69
N VAL A 200 3.26 5.30 27.55
CA VAL A 200 2.46 5.05 26.38
C VAL A 200 0.99 5.01 26.77
N LEU A 201 0.14 5.22 25.78
CA LEU A 201 -1.30 5.27 25.97
C LEU A 201 -1.93 4.01 25.43
N VAL A 202 -2.64 3.29 26.29
CA VAL A 202 -3.33 2.06 25.95
C VAL A 202 -4.83 2.31 26.04
N ARG A 203 -5.53 2.14 24.92
CA ARG A 203 -6.96 2.40 24.84
C ARG A 203 -7.72 1.16 24.44
N ASN A 204 -9.05 1.26 24.51
CA ASN A 204 -9.98 0.18 24.15
C ASN A 204 -9.78 -1.02 25.04
N ILE A 205 -9.61 -0.76 26.32
CA ILE A 205 -9.57 -1.86 27.28
C ILE A 205 -10.93 -2.54 27.26
N PRO A 206 -11.02 -3.86 27.42
CA PRO A 206 -12.33 -4.51 27.35
C PRO A 206 -13.29 -3.93 28.38
N PRO A 207 -14.59 -3.92 28.08
CA PRO A 207 -15.55 -3.41 29.06
C PRO A 207 -15.51 -4.22 30.34
N ASP A 208 -15.23 -3.53 31.44
CA ASP A 208 -15.21 -4.20 32.73
C ASP A 208 -16.57 -4.85 33.02
N PRO A 209 -16.58 -6.01 33.69
CA PRO A 209 -17.88 -6.65 34.02
C PRO A 209 -18.64 -5.97 35.14
N ASP A 210 -18.79 -4.64 35.07
CA ASP A 210 -19.57 -3.81 35.98
C ASP A 210 -19.14 -4.02 37.45
N GLU A 211 -17.96 -4.57 37.71
CA GLU A 211 -17.42 -4.75 39.04
C GLU A 211 -16.00 -4.18 39.21
N SER A 212 -15.14 -4.36 38.23
CA SER A 212 -13.77 -3.91 38.31
C SER A 212 -13.41 -2.70 37.44
N ILE A 213 -12.58 -1.81 38.02
CA ILE A 213 -12.20 -0.55 37.41
C ILE A 213 -10.74 -0.61 36.95
N SER A 214 -9.84 -1.02 37.84
CA SER A 214 -8.41 -1.13 37.55
C SER A 214 -7.82 -2.43 37.99
N GLU A 215 -8.56 -3.30 38.67
CA GLU A 215 -8.00 -4.56 39.12
C GLU A 215 -7.66 -5.48 37.96
N LEU A 216 -8.30 -5.29 36.82
CA LEU A 216 -8.05 -6.10 35.64
C LEU A 216 -6.90 -5.60 34.79
N VAL A 217 -6.45 -4.37 35.00
CA VAL A 217 -5.35 -3.83 34.22
C VAL A 217 -4.04 -4.43 34.67
N GLU A 218 -3.70 -4.22 35.95
CA GLU A 218 -2.44 -4.73 36.48
C GLU A 218 -2.39 -6.24 36.42
N HIS A 219 -3.56 -6.88 36.48
CA HIS A 219 -3.61 -8.33 36.42
C HIS A 219 -2.99 -8.85 35.14
N PHE A 220 -3.13 -8.10 34.05
CA PHE A 220 -2.56 -8.52 32.78
C PHE A 220 -1.10 -8.13 32.65
N PHE A 221 -0.75 -6.96 33.17
CA PHE A 221 0.61 -6.48 33.05
C PHE A 221 1.57 -7.10 34.07
N LEU A 222 1.08 -7.97 34.95
CA LEU A 222 1.95 -8.67 35.88
C LEU A 222 2.26 -10.08 35.46
N VAL A 223 1.35 -10.71 34.70
CA VAL A 223 1.63 -12.02 34.16
C VAL A 223 2.65 -11.92 33.05
N ASN A 224 2.60 -10.84 32.28
CA ASN A 224 3.54 -10.61 31.20
C ASN A 224 4.83 -10.05 31.78
N HIS A 225 5.71 -9.59 30.88
CA HIS A 225 6.98 -8.97 31.24
C HIS A 225 6.71 -7.89 32.28
N PRO A 226 7.11 -8.08 33.53
CA PRO A 226 6.86 -7.03 34.52
C PRO A 226 7.53 -5.72 34.15
N ASP A 227 8.84 -5.78 33.94
CA ASP A 227 9.64 -4.61 33.63
C ASP A 227 9.39 -3.46 34.60
N HIS A 228 9.16 -3.82 35.87
CA HIS A 228 8.93 -2.84 36.94
C HIS A 228 7.81 -1.87 36.56
N TYR A 229 6.62 -2.43 36.41
CA TYR A 229 5.44 -1.64 36.07
C TYR A 229 5.28 -0.47 37.04
N LEU A 230 5.35 0.72 36.50
CA LEU A 230 5.30 1.93 37.30
C LEU A 230 3.85 2.29 37.62
N ARG A 231 3.62 3.49 38.14
CA ARG A 231 2.29 3.93 38.52
C ARG A 231 1.31 3.76 37.38
N HIS A 232 0.04 3.60 37.73
CA HIS A 232 -1.05 3.42 36.79
C HIS A 232 -2.07 4.53 36.94
N GLN A 233 -2.49 5.09 35.80
CA GLN A 233 -3.47 6.17 35.76
C GLN A 233 -4.65 5.74 34.92
N VAL A 234 -5.81 5.72 35.54
CA VAL A 234 -7.06 5.37 34.89
C VAL A 234 -7.67 6.65 34.36
N VAL A 235 -7.89 6.71 33.05
CA VAL A 235 -8.48 7.88 32.42
C VAL A 235 -9.99 7.74 32.43
N TYR A 236 -10.66 8.65 33.13
CA TYR A 236 -12.10 8.63 33.22
C TYR A 236 -12.68 9.47 32.09
N ASN A 237 -13.99 9.74 32.14
CA ASN A 237 -14.64 10.53 31.10
C ASN A 237 -14.14 11.96 31.12
N ALA A 238 -13.42 12.34 30.07
CA ALA A 238 -12.79 13.66 30.01
C ALA A 238 -13.85 14.76 30.01
N ASN A 239 -14.77 14.70 29.05
CA ASN A 239 -15.73 15.80 28.84
C ASN A 239 -16.91 15.73 29.82
N LYS A 240 -16.61 15.59 31.09
CA LYS A 240 -17.54 15.82 32.18
C LYS A 240 -16.95 16.72 33.25
N LEU A 241 -15.65 16.59 33.49
CA LEU A 241 -14.88 17.50 34.33
C LEU A 241 -14.06 18.46 33.50
N ALA A 242 -13.54 18.00 32.35
CA ALA A 242 -12.79 18.88 31.49
C ALA A 242 -13.64 20.06 31.03
N ASP A 243 -14.95 19.85 30.89
CA ASP A 243 -15.84 20.92 30.50
C ASP A 243 -15.79 22.08 31.50
N LEU A 244 -16.04 21.77 32.78
CA LEU A 244 -16.01 22.83 33.79
C LEU A 244 -14.61 23.34 34.03
N VAL A 245 -13.60 22.50 33.81
CA VAL A 245 -12.22 22.96 33.92
C VAL A 245 -11.96 24.04 32.90
N GLU A 246 -12.41 23.82 31.67
CA GLU A 246 -12.22 24.82 30.63
C GLU A 246 -13.08 26.05 30.90
N LYS A 247 -14.29 25.85 31.41
CA LYS A 247 -15.13 26.98 31.74
C LYS A 247 -14.51 27.83 32.84
N LYS A 248 -13.76 27.21 33.74
CA LYS A 248 -13.08 27.97 34.77
C LYS A 248 -11.85 28.67 34.23
N LYS A 249 -11.09 27.99 33.38
CA LYS A 249 -9.96 28.64 32.72
C LYS A 249 -10.41 29.84 31.90
N LYS A 250 -11.63 29.79 31.35
CA LYS A 250 -12.17 30.92 30.63
C LYS A 250 -12.84 31.94 31.54
N LEU A 251 -13.51 31.47 32.59
CA LEU A 251 -14.10 32.38 33.55
C LEU A 251 -13.07 33.21 34.26
N GLN A 252 -11.82 32.75 34.30
CA GLN A 252 -10.76 33.56 34.88
C GLN A 252 -10.51 34.79 34.00
N ASN A 253 -10.41 34.58 32.68
CA ASN A 253 -10.32 35.72 31.78
C ASN A 253 -11.56 36.59 31.86
N TRP A 254 -12.72 35.98 31.96
CA TRP A 254 -13.93 36.77 32.13
C TRP A 254 -13.96 37.44 33.50
N LEU A 255 -13.42 36.76 34.52
CA LEU A 255 -13.33 37.40 35.82
C LEU A 255 -12.47 38.66 35.74
N ASP A 256 -11.36 38.57 35.03
CA ASP A 256 -10.53 39.75 34.85
C ASP A 256 -11.27 40.79 34.01
N TYR A 257 -12.04 40.32 33.02
CA TYR A 257 -12.80 41.25 32.19
C TYR A 257 -13.88 41.94 32.99
N TYR A 258 -14.38 41.30 34.04
CA TYR A 258 -15.34 41.94 34.92
C TYR A 258 -14.69 42.76 36.01
N GLN A 259 -13.43 42.45 36.38
CA GLN A 259 -12.74 43.26 37.37
C GLN A 259 -12.15 44.53 36.78
N LEU A 260 -11.80 44.52 35.50
CA LEU A 260 -11.34 45.75 34.87
C LEU A 260 -12.46 46.79 34.84
N LYS A 261 -13.71 46.35 34.83
CA LYS A 261 -14.82 47.28 34.89
C LYS A 261 -14.79 48.10 36.16
N TYR A 262 -14.36 47.50 37.27
CA TYR A 262 -14.23 48.20 38.53
C TYR A 262 -12.87 48.87 38.68
N GLU A 263 -11.87 48.42 37.94
CA GLU A 263 -10.55 49.02 38.01
C GLU A 263 -10.36 50.18 37.05
N ARG A 264 -11.28 50.36 36.10
CA ARG A 264 -11.16 51.41 35.09
C ARG A 264 -12.20 52.52 35.28
N ASN A 265 -13.48 52.17 35.31
CA ASN A 265 -14.51 53.22 35.34
C ASN A 265 -14.54 53.96 36.68
N PRO A 266 -14.48 53.27 37.84
CA PRO A 266 -14.45 54.00 39.10
C PRO A 266 -13.17 54.79 39.32
N SER A 267 -12.16 54.61 38.47
CA SER A 267 -10.93 55.36 38.63
C SER A 267 -11.18 56.85 38.44
N LYS A 268 -11.79 57.23 37.32
CA LYS A 268 -12.14 58.62 37.08
C LYS A 268 -13.44 58.98 37.77
N ARG A 269 -14.53 58.31 37.38
CA ARG A 269 -15.82 58.51 38.02
C ARG A 269 -16.80 57.44 37.53
N PRO A 270 -17.63 56.84 38.41
CA PRO A 270 -18.65 55.91 37.91
C PRO A 270 -19.78 56.63 37.20
N THR A 271 -19.84 56.49 35.87
CA THR A 271 -20.86 57.15 35.06
C THR A 271 -21.82 56.17 34.41
N THR A 272 -21.30 55.19 33.68
CA THR A 272 -22.12 54.19 32.99
C THR A 272 -21.33 52.91 32.86
N LYS A 273 -21.96 51.89 32.28
CA LYS A 273 -21.31 50.60 32.06
C LYS A 273 -21.59 50.14 30.64
N THR A 274 -21.21 48.90 30.33
CA THR A 274 -21.34 48.37 28.99
C THR A 274 -22.81 48.20 28.62
N GLY A 275 -23.04 47.94 27.34
CA GLY A 275 -24.37 47.84 26.78
C GLY A 275 -24.67 46.52 26.09
N PHE A 276 -24.92 46.60 24.78
CA PHE A 276 -25.34 45.44 23.98
C PHE A 276 -24.44 44.23 24.22
N LEU A 277 -23.15 44.36 23.90
CA LEU A 277 -22.16 43.29 24.08
C LEU A 277 -22.64 41.96 23.47
N GLY A 278 -23.18 42.04 22.26
CA GLY A 278 -23.55 40.87 21.49
C GLY A 278 -25.03 40.56 21.53
N CYS A 279 -25.71 40.88 22.62
CA CYS A 279 -27.13 40.57 22.80
C CYS A 279 -27.87 41.81 23.26
N PHE A 280 -29.20 41.77 23.14
CA PHE A 280 -30.05 42.89 23.53
C PHE A 280 -29.89 43.23 25.01
N GLY A 281 -30.35 44.42 25.38
CA GLY A 281 -30.26 44.87 26.76
C GLY A 281 -29.71 46.27 26.86
N SER A 282 -30.21 47.03 27.85
CA SER A 282 -29.76 48.40 28.06
C SER A 282 -28.29 48.45 28.45
N GLU A 283 -27.99 48.02 29.68
CA GLU A 283 -26.63 48.02 30.17
C GLU A 283 -26.48 47.08 31.36
N VAL A 284 -25.24 46.78 31.73
CA VAL A 284 -24.96 45.89 32.86
C VAL A 284 -25.40 46.51 34.18
N ASP A 285 -25.76 45.67 35.14
CA ASP A 285 -26.20 46.14 36.45
C ASP A 285 -25.29 46.57 37.58
N ALA A 286 -24.48 45.65 38.08
CA ALA A 286 -23.35 45.95 38.95
C ALA A 286 -22.17 45.04 38.65
N ILE A 287 -21.13 45.12 39.47
CA ILE A 287 -19.94 44.30 39.30
C ILE A 287 -19.97 43.07 40.21
N GLU A 288 -20.30 43.29 41.47
CA GLU A 288 -20.37 42.21 42.44
C GLU A 288 -21.47 41.24 42.04
N TYR A 289 -22.49 41.76 41.38
CA TYR A 289 -23.61 40.95 40.92
C TYR A 289 -23.17 40.06 39.77
N TYR A 290 -22.25 40.57 38.97
CA TYR A 290 -21.73 39.82 37.83
C TYR A 290 -20.63 38.87 38.29
N LYS A 291 -20.07 39.15 39.46
CA LYS A 291 -19.00 38.32 40.02
C LYS A 291 -19.59 37.16 40.79
N ALA A 292 -20.89 37.24 41.09
CA ALA A 292 -21.57 36.18 41.82
C ALA A 292 -21.94 35.02 40.90
N GLU A 293 -21.98 35.30 39.60
CA GLU A 293 -22.30 34.28 38.61
C GLU A 293 -21.24 33.19 38.57
N ILE A 294 -19.97 33.60 38.73
CA ILE A 294 -18.86 32.66 38.72
C ILE A 294 -18.96 31.68 39.88
N GLU A 295 -19.37 32.20 41.03
CA GLU A 295 -19.52 31.37 42.23
C GLU A 295 -20.97 30.92 42.38
N LYS A 296 -21.28 30.26 43.49
CA LYS A 296 -22.63 29.78 43.75
C LYS A 296 -22.77 28.95 42.47
N ILE A 297 -23.74 29.31 41.65
CA ILE A 297 -24.21 28.46 40.55
C ILE A 297 -23.04 27.83 39.81
N GLY A 298 -21.98 28.61 39.61
CA GLY A 298 -20.79 28.13 38.93
C GLY A 298 -19.85 27.40 39.87
N LYS A 299 -19.99 27.68 41.16
CA LYS A 299 -19.14 27.05 42.17
C LYS A 299 -19.64 25.65 42.50
N GLU A 300 -20.94 25.53 42.75
CA GLU A 300 -21.55 24.25 43.08
C GLU A 300 -21.38 23.27 41.93
N GLU A 301 -21.59 23.75 40.70
CA GLU A 301 -21.45 22.93 39.52
C GLU A 301 -20.08 22.26 39.46
N ALA A 302 -19.04 23.06 39.68
CA ALA A 302 -17.67 22.55 39.66
C ALA A 302 -17.39 21.69 40.89
N ASP A 303 -18.05 22.02 42.00
CA ASP A 303 -17.88 21.28 43.24
C ASP A 303 -18.43 19.86 43.11
N GLU A 304 -19.59 19.75 42.46
CA GLU A 304 -20.22 18.44 42.26
C GLU A 304 -19.44 17.56 41.30
N ARG A 305 -19.05 18.10 40.15
CA ARG A 305 -18.36 17.28 39.16
C ARG A 305 -16.94 16.95 39.60
N GLN A 306 -16.39 17.77 40.50
CA GLN A 306 -15.08 17.45 41.05
C GLN A 306 -15.18 16.29 42.03
N LYS A 307 -16.31 16.20 42.75
CA LYS A 307 -16.58 15.02 43.56
C LYS A 307 -16.92 13.81 42.69
N ILE A 308 -17.57 14.04 41.55
CA ILE A 308 -17.93 12.99 40.60
C ILE A 308 -16.71 12.24 40.08
N MET A 309 -15.62 12.94 39.77
CA MET A 309 -14.45 12.28 39.18
C MET A 309 -13.69 11.48 40.21
N LYS A 310 -13.97 11.73 41.49
CA LYS A 310 -13.31 11.01 42.57
C LYS A 310 -14.13 9.78 42.95
N ASP A 311 -15.38 9.75 42.51
CA ASP A 311 -16.27 8.64 42.77
C ASP A 311 -16.50 7.83 41.49
N PRO A 312 -17.03 6.61 41.62
CA PRO A 312 -17.37 5.75 40.48
C PRO A 312 -18.62 6.20 39.74
N GLN A 313 -18.44 6.70 38.52
CA GLN A 313 -19.56 7.15 37.69
C GLN A 313 -19.38 6.72 36.24
N SER A 314 -18.20 6.98 35.70
CA SER A 314 -17.89 6.62 34.32
C SER A 314 -16.39 6.42 34.13
N ALA A 315 -15.97 5.15 34.15
CA ALA A 315 -14.56 4.82 33.98
C ALA A 315 -14.24 4.44 32.52
N VAL A 316 -13.73 5.41 31.77
CA VAL A 316 -13.39 5.18 30.37
C VAL A 316 -12.22 4.20 30.25
N PRO A 317 -12.34 3.26 29.30
CA PRO A 317 -11.30 2.24 29.07
C PRO A 317 -10.05 2.83 28.42
N ALA A 318 -9.28 3.59 29.19
CA ALA A 318 -8.06 4.21 28.68
C ALA A 318 -7.12 4.50 29.83
N ALA A 319 -5.83 4.21 29.63
CA ALA A 319 -4.86 4.38 30.69
C ALA A 319 -3.47 4.59 30.09
N PHE A 320 -2.52 4.78 31.00
CA PHE A 320 -1.12 4.98 30.67
C PHE A 320 -0.30 3.82 31.21
N VAL A 321 0.70 3.43 30.44
CA VAL A 321 1.59 2.33 30.78
C VAL A 321 3.04 2.78 30.66
N SER A 322 3.86 2.33 31.59
CA SER A 322 5.27 2.64 31.59
C SER A 322 6.07 1.38 31.86
N PHE A 323 7.39 1.47 31.64
CA PHE A 323 8.30 0.35 31.81
C PHE A 323 9.59 0.86 32.46
N ARG A 324 10.62 0.02 32.46
CA ARG A 324 11.89 0.38 33.09
C ARG A 324 12.49 1.63 32.48
N SER A 325 12.80 1.58 31.19
CA SER A 325 13.43 2.70 30.51
C SER A 325 12.82 2.80 29.13
N ARG A 326 13.44 3.62 28.29
CA ARG A 326 12.95 3.83 26.94
C ARG A 326 12.89 2.51 26.19
N TRP A 327 13.93 1.69 26.33
CA TRP A 327 13.96 0.42 25.64
C TRP A 327 12.87 -0.52 26.14
N GLY A 328 12.57 -0.46 27.44
CA GLY A 328 11.53 -1.30 27.99
C GLY A 328 10.15 -1.04 27.42
N ALA A 329 9.92 0.16 26.91
CA ALA A 329 8.63 0.52 26.33
C ALA A 329 8.62 0.54 24.81
N ALA A 330 9.79 0.72 24.19
CA ALA A 330 9.85 0.76 22.74
C ALA A 330 9.71 -0.63 22.14
N VAL A 331 10.23 -1.64 22.84
CA VAL A 331 10.14 -3.00 22.36
C VAL A 331 8.78 -3.63 22.59
N CYS A 332 8.00 -3.11 23.53
CA CYS A 332 6.70 -3.65 23.85
C CYS A 332 5.56 -2.97 23.11
N ALA A 333 5.65 -1.66 22.96
CA ALA A 333 4.62 -0.88 22.29
C ALA A 333 4.63 -0.84 20.78
N GLN A 334 4.97 -1.96 20.17
CA GLN A 334 5.10 -2.08 18.73
C GLN A 334 4.29 -3.21 18.13
N THR A 335 3.78 -4.14 18.93
CA THR A 335 3.01 -5.28 18.43
C THR A 335 1.58 -5.22 18.93
N GLN A 336 0.83 -6.24 18.57
CA GLN A 336 -0.56 -6.37 18.97
C GLN A 336 -0.63 -7.33 20.14
N GLN A 337 -1.22 -6.88 21.24
CA GLN A 337 -1.32 -7.72 22.42
C GLN A 337 -2.40 -8.79 22.24
N THR A 338 -3.62 -8.37 21.97
CA THR A 338 -4.73 -9.29 21.79
C THR A 338 -4.70 -9.89 20.39
N SER A 339 -5.67 -10.76 20.14
CA SER A 339 -5.80 -11.45 18.86
C SER A 339 -6.76 -10.75 17.90
N ASN A 340 -7.39 -9.67 18.31
CA ASN A 340 -8.32 -8.91 17.47
C ASN A 340 -7.85 -7.46 17.43
N PRO A 341 -7.49 -6.90 16.27
CA PRO A 341 -7.01 -5.50 16.25
C PRO A 341 -8.09 -4.45 16.50
N THR A 342 -8.83 -4.61 17.59
CA THR A 342 -9.79 -3.62 18.04
C THR A 342 -9.76 -3.40 19.54
N VAL A 343 -8.90 -4.10 20.28
CA VAL A 343 -8.81 -3.97 21.72
C VAL A 343 -7.34 -3.82 22.08
N TRP A 344 -7.09 -3.08 23.15
CA TRP A 344 -5.74 -2.85 23.66
C TRP A 344 -4.86 -2.18 22.60
N ILE A 345 -5.27 -0.99 22.18
CA ILE A 345 -4.49 -0.20 21.23
C ILE A 345 -3.44 0.58 22.00
N THR A 346 -2.16 0.30 21.73
CA THR A 346 -1.05 0.95 22.41
C THR A 346 -0.41 1.96 21.49
N GLU A 347 -0.34 3.21 21.93
CA GLU A 347 0.25 4.29 21.15
C GLU A 347 1.24 5.06 22.01
N TRP A 348 2.10 5.81 21.33
CA TRP A 348 3.10 6.65 22.00
C TRP A 348 2.45 7.93 22.49
N ALA A 349 2.43 8.12 23.80
CA ALA A 349 1.83 9.31 24.37
C ALA A 349 2.73 10.52 24.15
N PRO A 350 2.18 11.68 23.78
CA PRO A 350 3.04 12.84 23.54
C PRO A 350 3.46 13.46 24.87
N GLU A 351 4.18 14.57 24.77
CA GLU A 351 4.62 15.27 25.95
C GLU A 351 3.42 15.82 26.70
N PRO A 352 3.55 16.07 28.00
CA PRO A 352 2.40 16.56 28.77
C PRO A 352 1.82 17.87 28.28
N ARG A 353 2.61 18.69 27.58
CA ARG A 353 2.10 19.95 27.06
C ARG A 353 1.31 19.80 25.77
N ASP A 354 1.48 18.68 25.06
CA ASP A 354 0.79 18.43 23.80
C ASP A 354 -0.47 17.58 23.95
N VAL A 355 -0.74 17.06 25.15
CA VAL A 355 -1.92 16.23 25.35
C VAL A 355 -3.16 17.10 25.21
N TYR A 356 -4.05 16.72 24.29
CA TYR A 356 -5.29 17.44 24.08
C TYR A 356 -6.36 16.75 24.94
N TRP A 357 -6.40 17.13 26.21
CA TRP A 357 -7.28 16.47 27.16
C TRP A 357 -8.76 16.64 26.85
N ASN A 358 -9.11 17.65 26.05
CA ASN A 358 -10.51 17.92 25.78
C ASN A 358 -11.14 16.82 24.94
N ASN A 359 -10.60 16.59 23.74
CA ASN A 359 -11.16 15.63 22.80
C ASN A 359 -10.55 14.26 23.04
N LEU A 360 -10.94 13.69 24.18
CA LEU A 360 -10.56 12.35 24.57
C LEU A 360 -11.80 11.61 25.06
N SER A 361 -11.60 10.36 25.48
CA SER A 361 -12.67 9.52 26.01
C SER A 361 -13.77 9.30 24.99
N ILE A 362 -13.40 9.34 23.71
CA ILE A 362 -14.33 9.14 22.61
C ILE A 362 -14.43 7.65 22.32
N PRO A 363 -15.62 7.07 22.14
CA PRO A 363 -15.67 5.64 21.85
C PRO A 363 -15.09 5.32 20.50
N PHE A 364 -14.53 4.12 20.40
CA PHE A 364 -13.91 3.70 19.15
C PHE A 364 -14.94 3.51 18.05
N VAL A 365 -16.17 3.16 18.41
CA VAL A 365 -17.20 2.92 17.40
C VAL A 365 -17.50 4.20 16.63
N SER A 366 -17.45 5.33 17.32
CA SER A 366 -17.76 6.60 16.67
C SER A 366 -16.61 7.11 15.82
N LEU A 367 -15.37 6.70 16.12
CA LEU A 367 -14.20 7.17 15.37
C LEU A 367 -14.36 6.92 13.88
N THR A 368 -15.02 5.83 13.50
CA THR A 368 -15.28 5.57 12.10
C THR A 368 -16.35 6.52 11.55
N VAL A 369 -17.44 6.67 12.30
CA VAL A 369 -18.53 7.55 11.87
C VAL A 369 -18.02 8.98 11.71
N ARG A 370 -17.32 9.48 12.72
CA ARG A 370 -16.74 10.81 12.63
C ARG A 370 -15.75 10.95 11.49
N ARG A 371 -15.24 9.85 10.97
CA ARG A 371 -14.33 9.87 9.83
C ARG A 371 -15.09 9.80 8.51
N LEU A 372 -16.34 9.36 8.54
CA LEU A 372 -17.15 9.26 7.33
C LEU A 372 -18.14 10.42 7.21
N ILE A 373 -18.85 10.73 8.29
CA ILE A 373 -19.83 11.80 8.26
C ILE A 373 -19.14 13.13 8.02
N VAL A 374 -18.16 13.45 8.85
CA VAL A 374 -17.43 14.72 8.70
C VAL A 374 -16.80 14.81 7.33
N ALA A 375 -16.46 13.68 6.74
CA ALA A 375 -15.92 13.70 5.39
C ALA A 375 -16.98 14.11 4.38
N VAL A 376 -18.20 13.58 4.53
CA VAL A 376 -19.28 13.93 3.59
C VAL A 376 -19.49 15.44 3.58
N ALA A 377 -19.66 16.05 4.77
CA ALA A 377 -19.83 17.49 4.85
C ALA A 377 -18.68 18.23 4.18
N PHE A 378 -17.50 17.62 4.16
CA PHE A 378 -16.37 18.22 3.46
C PHE A 378 -16.54 18.11 1.95
N PHE A 379 -16.96 16.96 1.46
CA PHE A 379 -17.13 16.78 0.02
C PHE A 379 -18.18 17.72 -0.56
N PHE A 380 -19.12 18.20 0.26
CA PHE A 380 -20.11 19.16 -0.21
C PHE A 380 -19.54 20.56 -0.29
N LEU A 381 -18.55 20.86 0.56
CA LEU A 381 -17.95 22.18 0.54
C LEU A 381 -17.29 22.45 -0.80
N ASN A 382 -16.72 21.43 -1.43
CA ASN A 382 -16.10 21.61 -2.73
C ASN A 382 -17.12 21.96 -3.80
N PHE A 383 -18.35 21.48 -3.64
CA PHE A 383 -19.39 21.74 -4.63
C PHE A 383 -19.96 23.14 -4.50
N PHE A 384 -19.93 23.69 -3.29
CA PHE A 384 -20.42 25.04 -3.04
C PHE A 384 -19.30 26.07 -3.00
N TYR A 385 -18.06 25.66 -3.26
CA TYR A 385 -16.92 26.56 -3.27
C TYR A 385 -16.31 26.62 -4.67
N VAL A 386 -17.16 26.65 -5.68
CA VAL A 386 -16.72 26.74 -7.07
C VAL A 386 -17.00 28.12 -7.68
N ILE A 387 -18.09 28.75 -7.30
CA ILE A 387 -18.43 30.08 -7.81
C ILE A 387 -17.45 31.14 -7.33
N PRO A 388 -16.78 31.01 -6.16
CA PRO A 388 -15.81 32.05 -5.80
C PRO A 388 -14.69 32.16 -6.81
N ILE A 389 -14.20 31.04 -7.30
CA ILE A 389 -13.12 31.06 -8.28
C ILE A 389 -13.59 31.74 -9.55
N ALA A 390 -14.83 31.47 -9.97
CA ALA A 390 -15.34 32.08 -11.17
C ALA A 390 -15.50 33.59 -11.00
N PHE A 391 -15.93 34.03 -9.82
CA PHE A 391 -16.04 35.46 -9.57
C PHE A 391 -14.68 36.11 -9.50
N VAL A 392 -13.67 35.39 -9.02
CA VAL A 392 -12.33 35.94 -8.96
C VAL A 392 -11.79 36.15 -10.37
N GLN A 393 -11.95 35.14 -11.21
CA GLN A 393 -11.47 35.20 -12.59
C GLN A 393 -12.54 35.80 -13.49
N SER A 394 -13.10 36.93 -13.07
CA SER A 394 -14.14 37.61 -13.85
C SER A 394 -13.76 39.06 -14.09
N LEU A 395 -12.73 39.53 -13.40
CA LEU A 395 -12.34 40.93 -13.46
C LEU A 395 -10.83 41.08 -13.63
N ALA A 396 -10.16 39.96 -13.88
CA ALA A 396 -8.72 39.95 -14.07
C ALA A 396 -8.35 40.50 -15.45
N SER A 397 -8.48 39.66 -16.47
CA SER A 397 -8.17 40.06 -17.83
C SER A 397 -9.42 40.52 -18.57
N LEU A 398 -9.78 41.78 -18.38
CA LEU A 398 -10.96 42.35 -19.02
C LEU A 398 -10.90 42.17 -20.55
N GLU A 399 -9.72 41.84 -21.05
CA GLU A 399 -9.54 41.64 -22.48
C GLU A 399 -10.18 40.32 -22.88
N GLY A 400 -11.30 40.41 -23.60
CA GLY A 400 -12.03 39.25 -24.05
C GLY A 400 -13.33 39.03 -23.32
N ILE A 401 -13.62 39.83 -22.29
CA ILE A 401 -14.84 39.71 -21.51
C ILE A 401 -15.77 40.89 -21.78
N GLU A 402 -15.24 42.10 -21.66
CA GLU A 402 -16.01 43.32 -21.90
C GLU A 402 -15.96 43.76 -23.35
N LYS A 403 -15.70 42.85 -24.28
CA LYS A 403 -15.50 43.22 -25.67
C LYS A 403 -16.76 43.11 -26.52
N ALA A 404 -17.62 42.11 -26.28
CA ALA A 404 -18.78 41.89 -27.15
C ALA A 404 -20.10 42.15 -26.45
N LEU A 405 -20.41 41.44 -25.37
CA LEU A 405 -21.70 41.62 -24.69
C LEU A 405 -21.66 42.83 -23.78
N PRO A 406 -20.70 42.95 -22.86
CA PRO A 406 -20.72 44.10 -21.96
C PRO A 406 -19.89 45.25 -22.54
N PHE A 407 -19.94 46.38 -21.85
CA PHE A 407 -19.20 47.56 -22.23
C PHE A 407 -18.94 48.39 -20.99
N LEU A 408 -18.35 49.57 -21.19
CA LEU A 408 -18.02 50.45 -20.08
C LEU A 408 -19.28 50.90 -19.36
N LYS A 409 -19.25 50.82 -18.07
CA LYS A 409 -20.37 51.23 -17.24
C LYS A 409 -20.21 52.70 -16.82
N PRO A 410 -21.32 53.40 -16.53
CA PRO A 410 -21.22 54.84 -16.24
C PRO A 410 -20.48 55.11 -14.94
N LEU A 411 -20.09 56.39 -14.78
CA LEU A 411 -19.39 56.92 -13.61
C LEU A 411 -17.93 56.48 -13.53
N ILE A 412 -17.50 55.59 -14.44
CA ILE A 412 -16.12 55.13 -14.50
C ILE A 412 -15.81 54.78 -15.95
N LYS A 413 -14.69 55.29 -16.44
CA LYS A 413 -14.21 54.98 -17.78
C LYS A 413 -13.18 53.87 -17.70
N ILE A 414 -13.37 52.83 -18.51
CA ILE A 414 -12.47 51.69 -18.49
C ILE A 414 -11.31 51.87 -19.47
N ASP A 415 -11.44 52.77 -20.45
CA ASP A 415 -10.37 52.99 -21.41
C ASP A 415 -9.13 53.58 -20.76
N VAL A 416 -9.27 54.19 -19.58
CA VAL A 416 -8.12 54.78 -18.91
C VAL A 416 -7.28 53.66 -18.30
N ILE A 417 -5.96 53.82 -18.37
CA ILE A 417 -5.06 52.78 -17.89
C ILE A 417 -5.21 52.59 -16.38
N LYS A 418 -5.53 53.67 -15.67
CA LYS A 418 -5.71 53.59 -14.22
C LYS A 418 -6.81 52.61 -13.84
N SER A 419 -7.76 52.38 -14.74
CA SER A 419 -8.82 51.41 -14.50
C SER A 419 -8.43 50.02 -14.96
N PHE A 420 -7.60 49.93 -16.01
CA PHE A 420 -7.17 48.64 -16.50
C PHE A 420 -6.08 48.00 -15.65
N ILE A 421 -5.33 48.81 -14.89
CA ILE A 421 -4.28 48.27 -14.03
C ILE A 421 -4.80 47.62 -12.76
N GLN A 422 -6.11 47.54 -12.58
CA GLN A 422 -6.70 46.93 -11.39
C GLN A 422 -6.81 45.43 -11.49
N GLY A 423 -6.05 44.79 -12.37
CA GLY A 423 -6.11 43.35 -12.51
C GLY A 423 -5.66 42.61 -11.26
N PHE A 424 -4.85 43.25 -10.42
CA PHE A 424 -4.37 42.62 -9.20
C PHE A 424 -5.34 42.74 -8.04
N LEU A 425 -6.44 43.48 -8.20
CA LEU A 425 -7.42 43.59 -7.14
C LEU A 425 -8.02 42.23 -6.74
N PRO A 426 -8.52 41.41 -7.67
CA PRO A 426 -9.04 40.10 -7.24
C PRO A 426 -7.99 39.19 -6.65
N GLY A 427 -6.75 39.29 -7.11
CA GLY A 427 -5.68 38.50 -6.53
C GLY A 427 -5.49 38.80 -5.06
N ILE A 428 -5.63 40.06 -4.67
CA ILE A 428 -5.51 40.43 -3.28
C ILE A 428 -6.77 40.06 -2.51
N ALA A 429 -7.93 40.22 -3.14
CA ALA A 429 -9.18 39.92 -2.48
C ALA A 429 -9.37 38.43 -2.25
N LEU A 430 -8.68 37.59 -3.02
CA LEU A 430 -8.79 36.15 -2.83
C LEU A 430 -8.30 35.72 -1.47
N LYS A 431 -7.22 36.34 -1.00
CA LYS A 431 -6.68 36.00 0.31
C LYS A 431 -7.69 36.26 1.41
N VAL A 432 -8.51 37.30 1.25
CA VAL A 432 -9.51 37.62 2.26
C VAL A 432 -10.50 36.49 2.41
N PHE A 433 -10.83 35.80 1.32
CA PHE A 433 -11.76 34.69 1.33
C PHE A 433 -11.08 33.35 1.57
N LEU A 434 -9.87 33.37 2.13
CA LEU A 434 -9.10 32.17 2.37
C LEU A 434 -8.54 32.06 3.77
N ILE A 435 -8.53 33.15 4.55
CA ILE A 435 -7.96 33.12 5.89
C ILE A 435 -8.94 32.66 6.95
N LEU A 436 -10.23 32.54 6.62
CA LEU A 436 -11.25 32.15 7.59
C LEU A 436 -11.63 30.69 7.53
N LEU A 437 -11.50 30.05 6.39
CA LEU A 437 -11.84 28.64 6.25
C LEU A 437 -10.86 27.69 6.96
N PRO A 438 -9.56 28.02 7.11
CA PRO A 438 -8.70 27.11 7.87
C PRO A 438 -9.15 26.88 9.29
N THR A 439 -9.72 27.91 9.91
CA THR A 439 -10.24 27.75 11.26
C THR A 439 -11.39 26.76 11.29
N ILE A 440 -12.31 26.86 10.32
CA ILE A 440 -13.41 25.91 10.26
C ILE A 440 -12.87 24.52 10.00
N LEU A 441 -11.85 24.41 9.15
CA LEU A 441 -11.25 23.11 8.90
C LEU A 441 -10.62 22.56 10.17
N MET A 442 -9.95 23.41 10.94
CA MET A 442 -9.37 22.95 12.19
C MET A 442 -10.43 22.50 13.17
N PHE A 443 -11.53 23.25 13.26
CA PHE A 443 -12.60 22.85 14.16
C PHE A 443 -13.20 21.53 13.74
N MET A 444 -13.34 21.31 12.43
CA MET A 444 -13.88 20.04 11.97
C MET A 444 -12.94 18.90 12.29
N SER A 445 -11.63 19.11 12.08
CA SER A 445 -10.67 18.07 12.39
C SER A 445 -10.65 17.77 13.88
N LYS A 446 -10.86 18.78 14.72
CA LYS A 446 -10.96 18.53 16.14
C LYS A 446 -12.23 17.75 16.45
N PHE A 447 -13.32 18.08 15.77
CA PHE A 447 -14.56 17.36 15.99
C PHE A 447 -14.44 15.91 15.55
N GLU A 448 -13.57 15.64 14.57
CA GLU A 448 -13.35 14.25 14.16
C GLU A 448 -12.84 13.41 15.32
N GLY A 449 -11.95 13.98 16.13
CA GLY A 449 -11.46 13.29 17.30
C GLY A 449 -10.20 12.52 17.01
N LEU A 450 -9.13 12.87 17.69
CA LEU A 450 -7.85 12.17 17.55
C LEU A 450 -7.28 11.98 18.95
N ILE A 451 -6.05 11.48 18.99
CA ILE A 451 -5.39 11.18 20.23
C ILE A 451 -4.45 12.30 20.65
N SER A 452 -3.60 12.75 19.73
CA SER A 452 -2.61 13.77 20.01
C SER A 452 -2.71 14.92 19.02
N GLN A 453 -2.30 16.10 19.48
CA GLN A 453 -2.32 17.27 18.64
C GLN A 453 -1.22 17.29 17.62
N SER A 454 -0.11 16.61 17.87
CA SER A 454 0.97 16.56 16.90
C SER A 454 0.51 15.94 15.60
N SER A 455 -0.37 14.96 15.68
CA SER A 455 -0.91 14.33 14.47
C SER A 455 -2.05 15.14 13.91
N LEU A 456 -2.80 15.81 14.76
CA LEU A 456 -3.90 16.64 14.30
C LEU A 456 -3.37 17.80 13.46
N GLU A 457 -2.31 18.44 13.93
CA GLU A 457 -1.77 19.58 13.21
C GLU A 457 -1.22 19.18 11.86
N ARG A 458 -0.87 17.92 11.68
CA ARG A 458 -0.40 17.43 10.38
C ARG A 458 -1.53 16.97 9.47
N ARG A 459 -2.51 16.28 10.03
CA ARG A 459 -3.63 15.84 9.20
C ARG A 459 -4.44 17.01 8.71
N SER A 460 -4.55 18.05 9.52
CA SER A 460 -5.26 19.24 9.09
C SER A 460 -4.61 19.85 7.85
N ALA A 461 -3.30 20.02 7.88
CA ALA A 461 -2.61 20.55 6.71
C ALA A 461 -2.67 19.59 5.55
N SER A 462 -2.64 18.30 5.85
CA SER A 462 -2.74 17.30 4.79
C SER A 462 -4.07 17.41 4.06
N LYS A 463 -5.15 17.60 4.80
CA LYS A 463 -6.46 17.77 4.18
C LYS A 463 -6.56 19.08 3.43
N TYR A 464 -5.97 20.15 3.97
CA TYR A 464 -6.04 21.45 3.34
C TYR A 464 -5.35 21.47 1.99
N TYR A 465 -4.20 20.79 1.89
CA TYR A 465 -3.48 20.78 0.63
C TYR A 465 -4.23 20.04 -0.45
N ILE A 466 -4.77 18.88 -0.11
CA ILE A 466 -5.53 18.12 -1.11
C ILE A 466 -6.79 18.86 -1.48
N PHE A 467 -7.30 19.68 -0.57
CA PHE A 467 -8.44 20.51 -0.91
C PHE A 467 -8.05 21.57 -1.93
N LEU A 468 -6.96 22.29 -1.68
CA LEU A 468 -6.54 23.29 -2.63
C LEU A 468 -5.92 22.70 -3.89
N PHE A 469 -5.66 21.41 -3.90
CA PHE A 469 -5.05 20.82 -5.09
C PHE A 469 -6.07 20.68 -6.20
N PHE A 470 -7.22 20.09 -5.90
CA PHE A 470 -8.22 19.92 -6.94
C PHE A 470 -9.02 21.18 -7.19
N ASN A 471 -8.70 22.28 -6.50
CA ASN A 471 -9.42 23.53 -6.65
C ASN A 471 -8.56 24.64 -7.21
N VAL A 472 -7.35 24.81 -6.71
CA VAL A 472 -6.52 25.91 -7.16
C VAL A 472 -5.91 25.61 -8.51
N PHE A 473 -5.51 24.36 -8.74
CA PHE A 473 -4.86 23.97 -9.98
C PHE A 473 -5.83 23.31 -10.94
N LEU A 474 -6.49 22.23 -10.51
CA LEU A 474 -7.40 21.52 -11.39
C LEU A 474 -8.76 22.19 -11.45
N GLY A 475 -9.14 22.91 -10.40
CA GLY A 475 -10.42 23.58 -10.37
C GLY A 475 -10.39 24.95 -11.00
N SER A 476 -9.20 25.52 -11.19
CA SER A 476 -9.06 26.85 -11.75
C SER A 476 -9.05 26.85 -13.27
N ILE A 477 -8.28 25.94 -13.86
CA ILE A 477 -8.16 25.92 -15.31
C ILE A 477 -9.48 25.49 -15.95
N VAL A 478 -10.16 24.52 -15.34
CA VAL A 478 -11.42 24.02 -15.88
C VAL A 478 -12.43 25.15 -15.90
N THR A 479 -12.35 26.05 -14.92
CA THR A 479 -13.27 27.18 -14.81
C THR A 479 -12.78 28.38 -15.60
N GLY A 480 -11.49 28.45 -15.91
CA GLY A 480 -10.98 29.54 -16.71
C GLY A 480 -11.08 29.31 -18.20
N SER A 481 -11.20 28.04 -18.60
CA SER A 481 -11.37 27.71 -20.00
C SER A 481 -12.82 27.82 -20.44
N ALA A 482 -13.75 27.32 -19.62
CA ALA A 482 -15.17 27.41 -19.95
C ALA A 482 -15.62 28.86 -20.00
N LEU A 483 -15.26 29.65 -19.00
CA LEU A 483 -15.63 31.06 -18.99
C LEU A 483 -14.94 31.82 -20.11
N ASP A 484 -13.84 31.31 -20.65
CA ASP A 484 -13.16 31.96 -21.75
C ASP A 484 -13.70 31.57 -23.11
N GLN A 485 -14.17 30.33 -23.26
CA GLN A 485 -14.72 29.88 -24.53
C GLN A 485 -16.19 30.19 -24.69
N LEU A 486 -16.92 30.38 -23.60
CA LEU A 486 -18.34 30.68 -23.68
C LEU A 486 -18.63 32.15 -23.91
N LYS A 487 -17.60 32.96 -24.19
CA LYS A 487 -17.77 34.38 -24.47
C LYS A 487 -17.50 34.69 -25.93
N ALA A 488 -17.71 33.71 -26.80
CA ALA A 488 -17.48 33.85 -28.22
C ALA A 488 -18.84 33.96 -28.91
N TYR A 489 -19.16 35.15 -29.42
CA TYR A 489 -20.46 35.42 -30.03
C TYR A 489 -20.39 35.72 -31.51
N ILE A 490 -19.65 36.78 -31.92
CA ILE A 490 -19.67 37.24 -33.31
C ILE A 490 -18.26 37.31 -33.89
N HIS A 491 -17.42 38.18 -33.34
CA HIS A 491 -16.07 38.44 -33.88
C HIS A 491 -15.09 37.51 -33.18
N GLN A 492 -15.09 36.25 -33.62
CA GLN A 492 -14.38 35.19 -32.91
C GLN A 492 -13.78 34.26 -33.96
N SER A 493 -13.37 33.08 -33.51
CA SER A 493 -12.80 32.04 -34.36
C SER A 493 -13.63 30.78 -34.18
N ALA A 494 -13.14 29.65 -34.70
CA ALA A 494 -13.86 28.39 -34.65
C ALA A 494 -14.39 28.02 -33.26
N ASN A 495 -13.49 27.72 -32.32
CA ASN A 495 -13.84 27.40 -30.92
C ASN A 495 -14.98 26.39 -30.76
N GLU A 496 -15.23 25.52 -31.75
CA GLU A 496 -16.37 24.62 -31.61
C GLU A 496 -16.03 23.31 -30.90
N ILE A 497 -15.42 22.35 -31.60
CA ILE A 497 -15.07 21.06 -31.01
C ILE A 497 -13.63 21.02 -30.47
N PRO A 498 -12.58 21.16 -31.32
CA PRO A 498 -11.22 20.91 -30.82
C PRO A 498 -10.50 22.15 -30.34
N ARG A 499 -10.97 23.32 -30.76
CA ARG A 499 -10.18 24.54 -30.64
C ARG A 499 -10.25 25.14 -29.24
N THR A 500 -9.94 24.36 -28.25
CA THR A 500 -9.93 24.78 -26.86
C THR A 500 -8.65 24.41 -26.15
N ILE A 501 -8.08 23.25 -26.46
CA ILE A 501 -6.90 22.77 -25.75
C ILE A 501 -5.60 23.30 -26.35
N GLY A 502 -5.67 24.05 -27.45
CA GLY A 502 -4.47 24.57 -28.05
C GLY A 502 -3.68 25.49 -27.15
N VAL A 503 -4.25 26.65 -26.86
CA VAL A 503 -3.66 27.63 -25.95
C VAL A 503 -4.71 27.88 -24.87
N ALA A 504 -4.62 27.12 -23.79
CA ALA A 504 -5.51 27.23 -22.64
C ALA A 504 -4.74 27.38 -21.35
N ILE A 505 -3.62 26.68 -21.20
CA ILE A 505 -2.79 26.78 -20.01
C ILE A 505 -1.94 28.04 -20.09
N PRO A 506 -1.34 28.37 -21.23
CA PRO A 506 -0.57 29.62 -21.28
C PRO A 506 -1.38 30.85 -20.91
N MET A 507 -2.70 30.81 -21.13
CA MET A 507 -3.54 31.94 -20.79
C MET A 507 -3.73 32.10 -19.30
N ARG A 508 -3.52 31.04 -18.53
CA ARG A 508 -3.68 31.11 -17.08
C ARG A 508 -2.43 31.62 -16.38
N ALA A 509 -1.27 31.59 -17.04
CA ALA A 509 -0.04 32.04 -16.42
C ALA A 509 -0.12 33.50 -15.99
N THR A 510 -0.86 34.30 -16.74
CA THR A 510 -1.02 35.70 -16.37
C THR A 510 -1.68 35.84 -15.01
N PHE A 511 -2.57 34.92 -14.67
CA PHE A 511 -3.21 34.98 -13.36
C PHE A 511 -2.23 34.64 -12.24
N PHE A 512 -1.42 33.61 -12.43
CA PHE A 512 -0.48 33.22 -11.40
C PHE A 512 0.62 34.24 -11.23
N ILE A 513 1.00 34.93 -12.31
CA ILE A 513 2.00 35.97 -12.20
C ILE A 513 1.57 37.02 -11.20
N THR A 514 0.29 37.37 -11.22
CA THR A 514 -0.24 38.33 -10.27
C THR A 514 -0.48 37.70 -8.92
N TYR A 515 -0.88 36.43 -8.88
CA TYR A 515 -1.11 35.76 -7.62
C TYR A 515 0.17 35.73 -6.78
N VAL A 516 1.30 35.47 -7.42
CA VAL A 516 2.56 35.40 -6.71
C VAL A 516 2.95 36.74 -6.13
N MET A 517 2.70 37.81 -6.87
CA MET A 517 3.10 39.13 -6.41
C MET A 517 2.20 39.62 -5.27
N VAL A 518 0.95 39.17 -5.25
CA VAL A 518 0.03 39.60 -4.21
C VAL A 518 0.06 38.69 -2.98
N ASP A 519 0.60 37.48 -3.11
CA ASP A 519 0.70 36.54 -2.01
C ASP A 519 2.13 36.12 -1.68
N GLY A 520 3.02 36.09 -2.67
CA GLY A 520 4.40 35.72 -2.40
C GLY A 520 5.24 36.83 -1.83
N TRP A 521 4.81 38.08 -1.97
CA TRP A 521 5.53 39.25 -1.48
C TRP A 521 4.85 39.95 -0.31
N THR A 522 3.54 40.13 -0.35
CA THR A 522 2.82 40.80 0.71
C THR A 522 2.38 39.86 1.80
N GLY A 523 2.06 38.63 1.44
CA GLY A 523 1.62 37.67 2.44
C GLY A 523 2.69 37.41 3.48
N VAL A 524 3.94 37.34 3.05
CA VAL A 524 5.03 37.09 3.98
C VAL A 524 5.38 38.35 4.75
N ALA A 525 5.34 39.50 4.08
CA ALA A 525 5.67 40.75 4.76
C ALA A 525 4.63 41.10 5.80
N GLY A 526 3.40 40.66 5.61
CA GLY A 526 2.35 40.96 6.56
C GLY A 526 2.43 40.20 7.85
N GLU A 527 3.41 39.32 8.01
CA GLU A 527 3.56 38.55 9.23
C GLU A 527 4.56 39.13 10.22
N ILE A 528 5.52 39.91 9.74
CA ILE A 528 6.54 40.46 10.62
C ILE A 528 5.94 41.50 11.55
N LEU A 529 5.07 42.34 11.01
CA LEU A 529 4.48 43.42 11.79
C LEU A 529 3.51 42.91 12.83
N ARG A 530 2.91 41.76 12.59
CA ARG A 530 1.96 41.16 13.52
C ARG A 530 0.81 42.12 13.81
N LEU A 531 0.08 42.44 12.76
CA LEU A 531 -1.00 43.43 12.88
C LEU A 531 -2.11 42.97 13.80
N ARG A 532 -2.20 41.66 14.10
CA ARG A 532 -3.28 41.15 14.92
C ARG A 532 -2.95 41.21 16.41
N ALA A 533 -1.88 40.55 16.82
CA ALA A 533 -1.51 40.53 18.23
C ALA A 533 -0.94 41.86 18.70
N LEU A 534 -0.45 42.68 17.79
CA LEU A 534 0.07 43.99 18.18
C LEU A 534 -1.03 44.88 18.72
N ILE A 535 -2.21 44.85 18.09
CA ILE A 535 -3.33 45.62 18.59
C ILE A 535 -3.75 45.09 19.96
N ILE A 536 -3.65 43.79 20.15
CA ILE A 536 -3.98 43.19 21.44
C ILE A 536 -3.03 43.70 22.50
N PHE A 537 -1.75 43.79 22.16
CA PHE A 537 -0.80 44.30 23.13
C PHE A 537 -1.05 45.77 23.46
N HIS A 538 -1.37 46.58 22.45
CA HIS A 538 -1.70 47.97 22.71
C HIS A 538 -2.92 48.09 23.61
N LEU A 539 -3.90 47.21 23.41
CA LEU A 539 -5.07 47.24 24.27
C LEU A 539 -4.73 46.82 25.68
N LYS A 540 -3.93 45.76 25.81
CA LYS A 540 -3.51 45.33 27.13
C LYS A 540 -2.66 46.38 27.81
N ASN A 541 -2.01 47.24 27.03
CA ASN A 541 -1.22 48.30 27.64
C ASN A 541 -2.10 49.31 28.37
N PHE A 542 -3.39 49.40 28.02
CA PHE A 542 -4.33 50.30 28.67
C PHE A 542 -5.15 49.58 29.76
N PHE A 543 -4.56 48.59 30.40
CA PHE A 543 -5.25 47.82 31.42
C PHE A 543 -5.05 48.38 32.82
N LEU A 544 -4.34 49.50 32.96
CA LEU A 544 -4.06 50.13 34.26
C LEU A 544 -3.33 49.16 35.18
N VAL A 545 -2.24 48.59 34.67
CA VAL A 545 -1.41 47.63 35.40
C VAL A 545 0.04 48.07 35.31
N LYS A 546 0.69 48.15 36.46
CA LYS A 546 2.08 48.59 36.51
C LYS A 546 3.04 47.44 36.20
N THR A 547 3.04 46.40 37.05
CA THR A 547 3.92 45.25 36.86
C THR A 547 3.25 43.94 37.20
N GLU A 548 1.93 43.93 37.37
CA GLU A 548 1.24 42.71 37.78
C GLU A 548 1.17 41.78 36.58
N LYS A 549 2.12 40.85 36.51
CA LYS A 549 2.16 39.82 35.48
C LYS A 549 2.33 40.40 34.08
N ASP A 550 2.75 41.65 33.98
CA ASP A 550 2.94 42.24 32.67
C ASP A 550 4.01 41.52 31.88
N ARG A 551 5.03 41.03 32.56
CA ARG A 551 6.10 40.29 31.90
C ARG A 551 5.68 38.88 31.53
N GLU A 552 4.51 38.41 31.98
CA GLU A 552 4.08 37.03 31.81
C GLU A 552 2.92 36.89 30.83
N GLU A 553 1.91 37.74 30.93
CA GLU A 553 0.78 37.64 30.01
C GLU A 553 1.12 38.17 28.63
N ALA A 554 2.19 38.93 28.51
CA ALA A 554 2.58 39.49 27.23
C ALA A 554 3.30 38.49 26.34
N MET A 555 3.56 37.27 26.82
CA MET A 555 4.23 36.24 26.04
C MET A 555 3.36 34.99 25.89
N ASP A 556 2.04 35.14 26.06
CA ASP A 556 1.15 33.99 25.91
C ASP A 556 0.98 33.61 24.45
N PRO A 557 0.61 34.51 23.53
CA PRO A 557 0.48 34.12 22.14
C PRO A 557 1.83 33.85 21.50
N GLY A 558 1.86 32.87 20.60
CA GLY A 558 3.08 32.47 19.92
C GLY A 558 3.05 32.76 18.44
N SER A 559 3.65 31.88 17.64
CA SER A 559 3.72 32.00 16.18
C SER A 559 3.35 30.70 15.50
N ILE A 560 2.24 30.11 15.93
CA ILE A 560 1.77 28.83 15.39
C ILE A 560 1.16 28.96 13.99
N CYS A 561 1.98 28.78 12.95
CA CYS A 561 1.55 28.97 11.57
C CYS A 561 1.95 27.79 10.70
N PHE A 562 2.24 26.64 11.30
CA PHE A 562 2.64 25.48 10.53
C PHE A 562 1.51 24.96 9.65
N ASP A 563 0.29 24.95 10.18
CA ASP A 563 -0.85 24.46 9.41
C ASP A 563 -1.05 25.28 8.14
N TRP A 564 -0.79 26.58 8.21
CA TRP A 564 -0.95 27.44 7.04
C TRP A 564 0.29 27.48 6.17
N CYS A 565 1.46 27.38 6.78
CA CYS A 565 2.68 27.53 6.00
C CYS A 565 3.05 26.27 5.23
N GLU A 566 2.75 25.09 5.78
CA GLU A 566 3.17 23.86 5.12
C GLU A 566 2.47 23.67 3.78
N PRO A 567 1.16 23.87 3.65
CA PRO A 567 0.54 23.71 2.34
C PRO A 567 0.86 24.84 1.39
N ARG A 568 1.36 25.97 1.91
CA ARG A 568 1.61 27.10 1.05
C ARG A 568 2.80 26.87 0.15
N ILE A 569 3.85 26.25 0.68
CA ILE A 569 5.06 26.06 -0.10
C ILE A 569 4.86 24.98 -1.14
N GLN A 570 4.05 23.97 -0.84
CA GLN A 570 3.87 22.89 -1.80
C GLN A 570 3.16 23.38 -3.05
N LEU A 571 2.23 24.32 -2.90
CA LEU A 571 1.56 24.87 -4.06
C LEU A 571 2.54 25.59 -4.96
N TYR A 572 3.42 26.41 -4.37
CA TYR A 572 4.41 27.10 -5.16
C TYR A 572 5.36 26.12 -5.84
N PHE A 573 5.76 25.08 -5.13
CA PHE A 573 6.62 24.08 -5.73
C PHE A 573 5.93 23.40 -6.88
N LEU A 574 4.65 23.06 -6.72
CA LEU A 574 3.93 22.42 -7.81
C LEU A 574 3.83 23.33 -9.02
N LEU A 575 3.47 24.59 -8.82
CA LEU A 575 3.34 25.53 -9.94
C LEU A 575 4.66 25.69 -10.69
N GLY A 576 5.75 25.82 -9.96
CA GLY A 576 7.03 25.98 -10.61
C GLY A 576 7.46 24.74 -11.38
N LEU A 577 7.26 23.57 -10.78
CA LEU A 577 7.67 22.33 -11.42
C LEU A 577 6.84 22.04 -12.65
N VAL A 578 5.61 22.55 -12.67
CA VAL A 578 4.75 22.35 -13.83
C VAL A 578 5.06 23.36 -14.92
N TYR A 579 5.28 24.61 -14.57
CA TYR A 579 5.53 25.66 -15.56
C TYR A 579 7.00 25.76 -15.93
N ALA A 580 7.89 25.04 -15.26
CA ALA A 580 9.29 25.11 -15.59
C ALA A 580 9.55 24.67 -17.02
N VAL A 581 8.82 23.66 -17.48
CA VAL A 581 8.99 23.16 -18.83
C VAL A 581 8.11 23.91 -19.83
N VAL A 582 7.03 24.52 -19.37
CA VAL A 582 6.11 25.23 -20.24
C VAL A 582 6.51 26.69 -20.33
N THR A 583 6.49 27.37 -19.20
CA THR A 583 6.80 28.80 -19.12
C THR A 583 8.02 28.99 -18.24
N PRO A 584 9.22 29.00 -18.80
CA PRO A 584 10.41 29.23 -17.97
C PRO A 584 10.58 30.67 -17.49
N LEU A 585 9.60 31.53 -17.72
CA LEU A 585 9.69 32.92 -17.28
C LEU A 585 9.22 33.13 -15.85
N LEU A 586 8.74 32.08 -15.17
CA LEU A 586 8.25 32.21 -13.80
C LEU A 586 9.27 31.82 -12.76
N LEU A 587 10.25 31.02 -13.12
CA LEU A 587 11.26 30.61 -12.17
C LEU A 587 12.12 31.78 -11.68
N PRO A 588 12.30 32.89 -12.42
CA PRO A 588 13.06 34.00 -11.84
C PRO A 588 12.31 34.71 -10.75
N PHE A 589 10.98 34.67 -10.75
CA PHE A 589 10.17 35.44 -9.82
C PHE A 589 9.75 34.70 -8.56
N ILE A 590 10.37 33.54 -8.29
CA ILE A 590 10.01 32.71 -7.15
C ILE A 590 11.11 32.70 -6.10
N LEU A 591 12.37 32.57 -6.52
CA LEU A 591 13.47 32.58 -5.59
C LEU A 591 13.65 33.93 -4.96
N VAL A 592 13.29 34.99 -5.68
CA VAL A 592 13.46 36.35 -5.18
C VAL A 592 12.72 36.52 -3.85
N PHE A 593 11.59 35.83 -3.74
CA PHE A 593 10.78 35.87 -2.53
C PHE A 593 11.19 34.77 -1.55
N PHE A 594 11.52 33.58 -2.06
CA PHE A 594 11.92 32.50 -1.16
C PHE A 594 13.07 32.93 -0.28
N GLY A 595 13.98 33.72 -0.81
CA GLY A 595 15.09 34.18 -0.01
C GLY A 595 14.63 35.04 1.16
N LEU A 596 13.76 36.02 0.89
CA LEU A 596 13.28 36.87 1.97
C LEU A 596 12.38 36.11 2.94
N ALA A 597 11.62 35.15 2.45
CA ALA A 597 10.85 34.32 3.37
C ALA A 597 11.76 33.56 4.29
N TYR A 598 12.83 33.00 3.75
CA TYR A 598 13.77 32.24 4.57
C TYR A 598 14.41 33.10 5.63
N VAL A 599 14.89 34.28 5.25
CA VAL A 599 15.57 35.13 6.22
C VAL A 599 14.60 35.63 7.28
N VAL A 600 13.37 35.93 6.87
CA VAL A 600 12.38 36.39 7.84
C VAL A 600 12.03 35.29 8.80
N TYR A 601 11.90 34.07 8.30
CA TYR A 601 11.60 32.96 9.17
C TYR A 601 12.77 32.65 10.08
N ARG A 602 13.98 32.80 9.57
CA ARG A 602 15.14 32.65 10.44
C ARG A 602 15.13 33.69 11.54
N HIS A 603 14.82 34.93 11.18
CA HIS A 603 14.75 35.99 12.18
C HIS A 603 13.67 35.72 13.20
N GLN A 604 12.50 35.25 12.75
CA GLN A 604 11.40 34.99 13.65
C GLN A 604 11.62 33.74 14.47
N ILE A 605 12.49 32.87 14.03
CA ILE A 605 12.82 31.68 14.80
C ILE A 605 13.89 31.97 15.84
N ILE A 606 14.85 32.81 15.49
CA ILE A 606 15.93 33.10 16.42
C ILE A 606 15.47 34.07 17.50
N ASN A 607 14.78 35.13 17.11
CA ASN A 607 14.46 36.18 18.07
C ASN A 607 13.25 35.84 18.90
N VAL A 608 12.10 35.68 18.25
CA VAL A 608 10.84 35.46 18.94
C VAL A 608 9.94 34.59 18.08
N TYR A 609 9.69 33.38 18.54
CA TYR A 609 8.73 32.50 17.91
C TYR A 609 7.73 31.93 18.90
N ASN A 610 8.18 31.61 20.12
CA ASN A 610 7.33 31.14 21.21
C ASN A 610 6.45 29.97 20.78
N GLN A 611 7.12 28.85 20.46
CA GLN A 611 6.43 27.62 20.10
C GLN A 611 6.83 26.47 21.01
N GLN A 612 5.85 25.62 21.32
CA GLN A 612 6.12 24.41 22.09
C GLN A 612 5.26 23.19 21.74
N TYR A 613 5.59 22.57 20.61
CA TYR A 613 4.85 21.40 20.14
C TYR A 613 5.77 20.27 19.69
N GLU A 614 7.07 20.35 19.98
CA GLU A 614 8.03 19.40 19.44
C GLU A 614 7.69 17.99 19.88
N SER A 615 7.52 17.11 18.91
CA SER A 615 7.29 15.70 19.16
C SER A 615 8.05 14.84 18.16
N GLY A 616 9.17 15.32 17.68
CA GLY A 616 9.95 14.63 16.67
C GLY A 616 9.98 15.42 15.38
N ALA A 617 10.37 14.71 14.32
CA ALA A 617 10.44 15.29 12.99
C ALA A 617 9.87 14.34 11.96
N GLN A 618 8.81 13.62 12.33
CA GLN A 618 8.18 12.62 11.48
C GLN A 618 7.20 13.20 10.45
N PHE A 619 7.66 14.23 9.74
CA PHE A 619 6.85 14.89 8.74
C PHE A 619 7.58 15.17 7.43
N TRP A 620 8.82 14.79 7.31
CA TRP A 620 9.58 15.01 6.09
C TRP A 620 9.28 13.96 5.03
N PRO A 621 9.17 12.68 5.38
CA PRO A 621 8.73 11.69 4.40
C PRO A 621 7.39 12.01 3.80
N SER A 622 6.52 12.62 4.60
CA SER A 622 5.22 13.03 4.11
C SER A 622 5.36 14.08 3.03
N VAL A 623 6.41 14.87 3.10
CA VAL A 623 6.64 15.85 2.06
C VAL A 623 7.18 15.21 0.81
N HIS A 624 8.08 14.25 0.97
CA HIS A 624 8.69 13.61 -0.18
C HIS A 624 7.63 12.88 -0.98
N GLY A 625 6.87 12.05 -0.31
CA GLY A 625 5.86 11.28 -0.98
C GLY A 625 4.75 12.11 -1.55
N ARG A 626 4.66 13.38 -1.15
CA ARG A 626 3.65 14.26 -1.69
C ARG A 626 4.18 15.21 -2.73
N ILE A 627 5.50 15.43 -2.81
CA ILE A 627 6.06 16.12 -3.97
C ILE A 627 6.42 15.17 -5.09
N ILE A 628 6.70 13.91 -4.76
CA ILE A 628 6.95 12.93 -5.80
C ILE A 628 5.71 12.70 -6.63
N ILE A 629 4.55 12.62 -5.98
CA ILE A 629 3.31 12.47 -6.72
C ILE A 629 3.03 13.75 -7.49
N ALA A 630 3.46 14.89 -6.95
CA ALA A 630 3.31 16.13 -7.67
C ALA A 630 4.12 16.14 -8.95
N LEU A 631 5.35 15.63 -8.89
CA LEU A 631 6.16 15.52 -10.09
C LEU A 631 5.54 14.57 -11.09
N ILE A 632 4.98 13.47 -10.60
CA ILE A 632 4.31 12.52 -11.47
C ILE A 632 3.13 13.19 -12.15
N VAL A 633 2.40 14.03 -11.41
CA VAL A 633 1.27 14.73 -12.00
C VAL A 633 1.75 15.66 -13.09
N SER A 634 2.87 16.34 -12.88
CA SER A 634 3.39 17.21 -13.91
C SER A 634 3.80 16.45 -15.15
N GLN A 635 4.50 15.35 -14.98
CA GLN A 635 4.94 14.56 -16.13
C GLN A 635 3.77 13.96 -16.89
N LEU A 636 2.67 13.69 -16.20
CA LEU A 636 1.48 13.13 -16.84
C LEU A 636 0.67 14.20 -17.54
N LEU A 637 0.75 15.44 -17.08
CA LEU A 637 0.06 16.53 -17.74
C LEU A 637 0.85 17.06 -18.93
N LEU A 638 2.17 16.87 -18.95
CA LEU A 638 2.95 17.30 -20.10
C LEU A 638 2.65 16.43 -21.30
N ILE A 639 2.58 15.11 -21.10
CA ILE A 639 2.30 14.21 -22.19
C ILE A 639 0.90 14.39 -22.74
N GLY A 640 0.03 15.10 -22.03
CA GLY A 640 -1.33 15.26 -22.48
C GLY A 640 -1.63 16.50 -23.28
N LEU A 641 -0.66 17.41 -23.40
CA LEU A 641 -0.85 18.66 -24.12
C LEU A 641 -0.03 18.71 -25.40
N LEU A 642 1.26 18.48 -25.31
CA LEU A 642 2.11 18.57 -26.49
C LEU A 642 2.11 17.29 -27.33
N SER A 643 1.35 16.27 -26.93
CA SER A 643 1.26 15.05 -27.70
C SER A 643 0.06 15.02 -28.63
N THR A 644 -0.75 16.07 -28.61
CA THR A 644 -1.92 16.17 -29.47
C THR A 644 -1.60 16.91 -30.75
N LYS A 645 -0.38 17.43 -30.89
CA LYS A 645 -0.01 18.16 -32.09
C LYS A 645 0.09 17.21 -33.27
N GLY A 646 0.98 16.21 -33.18
CA GLY A 646 1.19 15.27 -34.25
C GLY A 646 1.47 13.87 -33.78
N PHE A 647 2.52 13.26 -34.34
CA PHE A 647 2.87 11.89 -33.99
C PHE A 647 3.25 11.80 -32.52
N GLU A 648 3.05 10.61 -31.94
CA GLU A 648 3.35 10.36 -30.53
C GLU A 648 4.82 9.99 -30.37
N GLU A 649 5.68 10.91 -30.84
CA GLU A 649 7.12 10.71 -30.76
C GLU A 649 7.66 11.01 -29.38
N THR A 650 6.93 11.80 -28.59
CA THR A 650 7.38 12.16 -27.25
C THR A 650 6.93 11.19 -26.17
N THR A 651 5.98 10.30 -26.48
CA THR A 651 5.48 9.39 -25.46
C THR A 651 6.54 8.44 -24.89
N PRO A 652 7.54 7.96 -25.64
CA PRO A 652 8.50 7.03 -25.02
C PRO A 652 9.20 7.61 -23.81
N VAL A 653 9.57 8.88 -23.88
CA VAL A 653 10.28 9.50 -22.76
C VAL A 653 9.33 9.79 -21.62
N LEU A 654 8.18 10.38 -21.93
CA LEU A 654 7.24 10.75 -20.88
C LEU A 654 6.51 9.55 -20.27
N VAL A 655 6.80 8.34 -20.75
CA VAL A 655 6.26 7.13 -20.16
C VAL A 655 7.32 6.33 -19.44
N VAL A 656 8.59 6.42 -19.85
CA VAL A 656 9.65 5.74 -19.13
C VAL A 656 10.13 6.55 -17.95
N LEU A 657 10.02 7.87 -18.02
CA LEU A 657 10.46 8.70 -16.90
C LEU A 657 9.64 8.47 -15.65
N PRO A 658 8.30 8.55 -15.67
CA PRO A 658 7.55 8.31 -14.43
C PRO A 658 7.71 6.92 -13.89
N VAL A 659 8.08 5.95 -14.72
CA VAL A 659 8.31 4.62 -14.22
C VAL A 659 9.54 4.57 -13.36
N LEU A 660 10.63 5.16 -13.84
CA LEU A 660 11.83 5.25 -13.05
C LEU A 660 11.62 6.07 -11.79
N THR A 661 10.75 7.08 -11.90
CA THR A 661 10.44 7.94 -10.75
C THR A 661 9.84 7.12 -9.62
N PHE A 662 8.95 6.20 -9.99
CA PHE A 662 8.30 5.34 -9.01
C PHE A 662 9.28 4.26 -8.53
N TRP A 663 10.21 3.89 -9.41
CA TRP A 663 11.21 2.90 -9.09
C TRP A 663 12.17 3.43 -8.03
N PHE A 664 12.44 4.73 -8.09
CA PHE A 664 13.32 5.37 -7.14
C PHE A 664 12.60 5.66 -5.83
N TYR A 665 11.33 6.04 -5.91
CA TYR A 665 10.54 6.29 -4.72
C TYR A 665 10.39 5.03 -3.88
N LYS A 666 10.09 3.91 -4.54
CA LYS A 666 9.98 2.66 -3.82
C LYS A 666 11.31 2.26 -3.22
N TYR A 667 12.41 2.49 -3.96
CA TYR A 667 13.72 2.16 -3.42
C TYR A 667 14.02 2.97 -2.17
N CYS A 668 13.72 4.26 -2.19
CA CYS A 668 13.92 5.08 -1.01
C CYS A 668 13.01 4.63 0.13
N LYS A 669 11.75 4.38 -0.18
CA LYS A 669 10.82 3.92 0.84
C LYS A 669 11.29 2.63 1.47
N ASN A 670 11.96 1.78 0.70
CA ASN A 670 12.45 0.54 1.25
C ASN A 670 13.75 0.75 2.02
N ARG A 671 14.57 1.68 1.58
CA ARG A 671 15.90 1.83 2.14
C ARG A 671 15.94 2.71 3.37
N PHE A 672 15.38 3.92 3.29
CA PHE A 672 15.58 4.92 4.33
C PHE A 672 14.33 5.25 5.14
N GLU A 673 13.16 4.98 4.64
CA GLU A 673 11.95 5.38 5.33
C GLU A 673 11.75 4.65 6.65
N PRO A 674 11.94 3.31 6.70
CA PRO A 674 11.66 2.61 7.96
C PRO A 674 12.54 3.07 9.10
N ALA A 675 13.73 3.57 8.79
CA ALA A 675 14.64 4.03 9.81
C ALA A 675 14.30 5.42 10.33
N PHE A 676 13.26 6.06 9.80
CA PHE A 676 12.91 7.42 10.18
C PHE A 676 11.70 7.46 11.09
N VAL A 677 10.67 6.68 10.78
CA VAL A 677 9.45 6.68 11.55
C VAL A 677 9.48 5.71 12.72
N ARG A 678 10.40 4.76 12.73
CA ARG A 678 10.46 3.75 13.78
C ARG A 678 11.56 4.09 14.77
N ASN A 679 11.72 3.22 15.77
CA ASN A 679 12.71 3.40 16.83
C ASN A 679 13.63 2.19 16.86
N PRO A 680 14.86 2.28 16.35
CA PRO A 680 15.76 1.13 16.39
C PRO A 680 16.06 0.71 17.82
N LEU A 681 16.31 -0.58 17.98
CA LEU A 681 16.63 -1.15 19.28
C LEU A 681 18.12 -1.22 19.55
N GLN A 682 18.95 -0.80 18.61
CA GLN A 682 20.40 -0.83 18.81
C GLN A 682 20.89 0.39 19.55
N GLU A 683 20.43 1.57 19.13
CA GLU A 683 20.83 2.80 19.80
C GLU A 683 20.14 2.97 21.13
N ALA A 684 18.97 2.35 21.31
CA ALA A 684 18.24 2.49 22.58
C ALA A 684 19.06 1.97 23.74
N MET A 685 19.57 0.75 23.61
CA MET A 685 20.38 0.18 24.67
C MET A 685 21.67 0.95 24.85
N ARG A 686 22.25 1.43 23.74
CA ARG A 686 23.46 2.21 23.83
C ARG A 686 23.24 3.47 24.66
N LYS A 687 22.15 4.17 24.41
CA LYS A 687 21.87 5.37 25.19
C LYS A 687 21.46 5.03 26.60
N ASP A 688 20.75 3.93 26.78
CA ASP A 688 20.32 3.52 28.13
C ASP A 688 21.52 3.17 29.01
N THR A 689 22.53 2.55 28.44
CA THR A 689 23.73 2.23 29.21
C THR A 689 24.37 3.48 29.78
N LEU A 690 24.53 4.51 28.94
CA LEU A 690 25.16 5.75 29.41
C LEU A 690 24.28 6.49 30.40
N GLU A 691 22.98 6.53 30.15
CA GLU A 691 22.09 7.23 31.04
C GLU A 691 22.00 6.53 32.39
N ARG A 692 22.29 5.23 32.43
CA ARG A 692 22.32 4.49 33.67
C ARG A 692 23.68 4.55 34.34
N ALA A 693 24.76 4.67 33.57
CA ALA A 693 26.08 4.79 34.15
C ALA A 693 26.37 6.20 34.66
N ARG A 694 25.68 7.21 34.14
CA ARG A 694 25.89 8.57 34.61
C ARG A 694 25.22 8.81 35.95
N GLU A 695 23.95 8.46 36.05
CA GLU A 695 23.19 8.63 37.28
C GLU A 695 22.93 7.25 37.90
N PRO A 696 23.65 6.88 38.98
CA PRO A 696 23.42 5.56 39.57
C PRO A 696 22.11 5.47 40.32
N THR A 697 21.53 6.61 40.70
CA THR A 697 20.26 6.60 41.42
C THR A 697 19.11 6.40 40.45
N PHE A 698 18.05 5.76 40.96
CA PHE A 698 16.89 5.48 40.13
C PHE A 698 16.13 6.76 39.84
N ASP A 699 15.59 7.39 40.89
CA ASP A 699 15.04 8.75 40.90
C ASP A 699 14.20 9.08 39.66
N LEU A 700 13.49 8.08 39.12
CA LEU A 700 12.67 8.30 37.94
C LEU A 700 11.19 8.09 38.18
N LYS A 701 10.79 7.57 39.34
CA LYS A 701 9.37 7.39 39.62
C LYS A 701 8.75 8.63 40.22
N ALA A 702 9.56 9.63 40.55
CA ALA A 702 9.04 10.84 41.17
C ALA A 702 8.34 11.71 40.15
N TYR A 703 9.06 12.14 39.13
CA TYR A 703 8.50 13.06 38.15
C TYR A 703 7.61 12.37 37.15
N LEU A 704 7.60 11.05 37.11
CA LEU A 704 6.73 10.33 36.19
C LEU A 704 5.38 10.01 36.78
N ALA A 705 5.27 9.95 38.10
CA ALA A 705 3.97 9.68 38.70
C ALA A 705 3.00 10.81 38.42
N ASN A 706 3.34 12.01 38.89
CA ASN A 706 2.49 13.18 38.68
C ASN A 706 2.94 13.94 37.44
N ALA A 707 2.91 13.23 36.33
CA ALA A 707 3.31 13.79 35.04
C ALA A 707 2.13 14.12 34.15
N TYR A 708 1.09 13.30 34.16
CA TYR A 708 -0.13 13.49 33.36
C TYR A 708 -1.30 13.54 34.31
N LEU A 709 -1.75 14.75 34.65
CA LEU A 709 -2.85 14.94 35.57
C LEU A 709 -3.61 16.21 35.20
N HIS A 710 -4.67 16.46 35.94
CA HIS A 710 -5.49 17.65 35.71
C HIS A 710 -4.99 18.77 36.61
N PRO A 711 -5.40 20.01 36.34
CA PRO A 711 -4.88 21.13 37.15
C PRO A 711 -5.14 21.00 38.64
N VAL A 712 -6.29 20.47 39.04
CA VAL A 712 -6.61 20.33 40.46
C VAL A 712 -6.02 19.02 40.96
N THR B 3 -23.53 -27.74 -32.33
CA THR B 3 -22.61 -27.83 -33.45
C THR B 3 -21.28 -28.45 -33.01
N VAL B 4 -20.63 -27.79 -32.05
CA VAL B 4 -19.36 -28.25 -31.51
C VAL B 4 -19.50 -28.73 -30.07
N SER B 5 -20.31 -28.03 -29.28
CA SER B 5 -20.52 -28.43 -27.90
C SER B 5 -21.40 -29.66 -27.78
N ASP B 6 -22.19 -29.95 -28.81
CA ASP B 6 -23.06 -31.12 -28.78
C ASP B 6 -22.27 -32.40 -28.96
N ILE B 7 -21.11 -32.32 -29.62
CA ILE B 7 -20.28 -33.48 -29.87
C ILE B 7 -19.07 -33.54 -28.95
N GLY B 8 -18.69 -32.43 -28.33
CA GLY B 8 -17.55 -32.43 -27.43
C GLY B 8 -17.82 -33.08 -26.10
N LEU B 9 -19.09 -33.25 -25.75
CA LEU B 9 -19.44 -33.88 -24.49
C LEU B 9 -19.35 -35.40 -24.52
N SER B 10 -19.43 -36.00 -25.70
CA SER B 10 -19.35 -37.45 -25.79
C SER B 10 -17.92 -37.92 -25.66
N ALA B 11 -17.01 -37.28 -26.40
CA ALA B 11 -15.61 -37.68 -26.37
C ALA B 11 -14.96 -37.48 -25.01
N ALA B 12 -15.60 -36.75 -24.10
CA ALA B 12 -15.08 -36.55 -22.75
C ALA B 12 -15.72 -37.48 -21.74
N ILE B 13 -17.03 -37.66 -21.84
CA ILE B 13 -17.72 -38.56 -20.92
C ILE B 13 -17.34 -40.01 -21.19
N ASN B 14 -17.20 -40.36 -22.46
CA ASN B 14 -16.82 -41.71 -22.81
C ASN B 14 -15.44 -42.07 -22.31
N VAL B 15 -14.59 -41.07 -22.07
CA VAL B 15 -13.26 -41.33 -21.51
C VAL B 15 -13.28 -41.29 -19.98
N SER B 16 -14.07 -40.41 -19.39
CA SER B 16 -14.17 -40.33 -17.93
C SER B 16 -14.75 -41.60 -17.35
N MET B 17 -15.75 -42.17 -18.00
CA MET B 17 -16.33 -43.42 -17.52
C MET B 17 -15.30 -44.53 -17.58
N ALA B 18 -14.52 -44.57 -18.67
CA ALA B 18 -13.51 -45.61 -18.79
C ALA B 18 -12.42 -45.44 -17.74
N VAL B 19 -12.07 -44.19 -17.44
CA VAL B 19 -11.06 -43.94 -16.43
C VAL B 19 -11.59 -44.32 -15.06
N ALA B 20 -12.86 -44.03 -14.80
CA ALA B 20 -13.45 -44.36 -13.51
C ALA B 20 -13.62 -45.86 -13.35
N PHE B 21 -13.90 -46.57 -14.44
CA PHE B 21 -14.04 -48.01 -14.35
C PHE B 21 -12.72 -48.68 -14.06
N LEU B 22 -11.65 -48.21 -14.71
CA LEU B 22 -10.34 -48.78 -14.45
C LEU B 22 -9.91 -48.58 -13.01
N LEU B 23 -10.38 -47.51 -12.38
CA LEU B 23 -10.06 -47.30 -10.98
C LEU B 23 -10.57 -48.44 -10.12
N VAL B 24 -11.86 -48.74 -10.26
CA VAL B 24 -12.44 -49.84 -9.49
C VAL B 24 -11.81 -51.16 -9.89
N PHE B 25 -11.40 -51.28 -11.15
CA PHE B 25 -10.76 -52.51 -11.60
C PHE B 25 -9.43 -52.72 -10.88
N ALA B 26 -8.57 -51.69 -10.88
CA ALA B 26 -7.27 -51.78 -10.26
C ALA B 26 -7.30 -51.49 -8.77
N PHE B 27 -8.48 -51.28 -8.20
CA PHE B 27 -8.55 -51.06 -6.77
C PHE B 27 -8.33 -52.35 -5.99
N LEU B 28 -8.92 -53.46 -6.45
CA LEU B 28 -8.79 -54.74 -5.78
C LEU B 28 -7.64 -55.54 -6.39
N ARG B 29 -6.44 -55.03 -6.16
CA ARG B 29 -5.21 -55.65 -6.61
C ARG B 29 -4.44 -56.15 -5.41
N LEU B 30 -3.27 -56.75 -5.68
CA LEU B 30 -2.44 -57.36 -4.66
C LEU B 30 -1.10 -56.67 -4.49
N GLN B 31 -0.33 -56.55 -5.56
CA GLN B 31 1.00 -55.99 -5.49
C GLN B 31 0.90 -54.46 -5.48
N PRO B 32 0.07 -53.83 -6.35
CA PRO B 32 -0.01 -52.37 -6.32
C PRO B 32 -0.84 -51.85 -5.13
N ILE B 33 -0.19 -51.75 -3.97
CA ILE B 33 -0.84 -51.27 -2.76
C ILE B 33 -0.58 -49.78 -2.54
N ASN B 34 -0.16 -49.06 -3.58
CA ASN B 34 0.06 -47.63 -3.44
C ASN B 34 -1.21 -46.85 -3.18
N ASP B 35 -2.35 -47.39 -3.58
CA ASP B 35 -3.62 -46.72 -3.36
C ASP B 35 -3.87 -46.48 -1.87
N ARG B 36 -3.31 -47.32 -1.01
CA ARG B 36 -3.46 -47.17 0.43
C ARG B 36 -2.12 -47.34 1.12
N VAL B 37 -1.09 -46.66 0.58
CA VAL B 37 0.24 -46.76 1.13
C VAL B 37 0.38 -46.09 2.48
N TYR B 38 -0.57 -45.23 2.86
CA TYR B 38 -0.44 -44.50 4.10
C TYR B 38 -0.98 -45.29 5.28
N PHE B 39 -1.98 -46.14 5.06
CA PHE B 39 -2.56 -46.93 6.15
C PHE B 39 -1.55 -47.87 6.79
N PRO B 40 -0.72 -48.64 6.05
CA PRO B 40 0.23 -49.53 6.71
C PRO B 40 1.49 -48.84 7.18
N LYS B 41 1.47 -47.49 7.27
CA LYS B 41 2.63 -46.74 7.73
C LYS B 41 3.13 -47.25 9.08
N TRP B 42 2.20 -47.68 9.93
CA TRP B 42 2.56 -48.21 11.24
C TRP B 42 3.17 -49.60 11.08
N LEU B 64 -20.44 -59.63 -15.32
CA LEU B 64 -20.91 -59.68 -13.95
C LEU B 64 -21.36 -58.32 -13.46
N ASN B 65 -22.66 -58.18 -13.20
CA ASN B 65 -23.23 -56.90 -12.77
C ASN B 65 -23.09 -56.65 -11.28
N MET B 66 -22.53 -57.60 -10.52
CA MET B 66 -22.39 -57.39 -9.08
C MET B 66 -21.35 -56.33 -8.77
N ARG B 67 -20.21 -56.38 -9.47
CA ARG B 67 -19.12 -55.43 -9.28
C ARG B 67 -19.11 -54.28 -10.28
N SER B 68 -20.19 -54.12 -11.06
CA SER B 68 -20.27 -53.12 -12.12
C SER B 68 -21.17 -51.95 -11.74
N TYR B 69 -22.38 -52.23 -11.25
CA TYR B 69 -23.32 -51.20 -10.84
C TYR B 69 -23.44 -51.04 -9.34
N LEU B 70 -22.78 -51.91 -8.56
CA LEU B 70 -22.81 -51.85 -7.11
C LEU B 70 -21.42 -51.87 -6.47
N LYS B 71 -20.42 -51.38 -7.21
CA LYS B 71 -19.02 -51.44 -6.77
C LYS B 71 -18.33 -50.09 -6.72
N PHE B 72 -18.84 -49.08 -7.40
CA PHE B 72 -18.23 -47.75 -7.38
C PHE B 72 -18.66 -46.90 -6.19
N LEU B 73 -19.71 -47.30 -5.48
CA LEU B 73 -20.19 -46.60 -4.30
C LEU B 73 -19.46 -47.04 -3.04
N SER B 74 -18.36 -47.78 -3.16
CA SER B 74 -17.64 -48.25 -1.99
C SER B 74 -16.89 -47.13 -1.28
N TRP B 75 -16.57 -46.04 -2.00
CA TRP B 75 -15.84 -44.91 -1.44
C TRP B 75 -16.41 -43.55 -1.79
N MET B 76 -17.38 -43.47 -2.69
CA MET B 76 -17.96 -42.17 -3.04
C MET B 76 -18.77 -41.59 -1.90
N PRO B 77 -19.71 -42.30 -1.27
CA PRO B 77 -20.45 -41.70 -0.16
C PRO B 77 -19.71 -41.78 1.16
N ALA B 78 -18.70 -42.65 1.28
CA ALA B 78 -17.99 -42.80 2.53
C ALA B 78 -16.98 -41.69 2.75
N ALA B 79 -16.52 -41.08 1.67
CA ALA B 79 -15.53 -40.01 1.81
C ALA B 79 -16.12 -38.80 2.51
N LEU B 80 -17.40 -38.52 2.28
CA LEU B 80 -18.05 -37.36 2.89
C LEU B 80 -18.42 -37.60 4.34
N LYS B 81 -18.26 -38.83 4.84
CA LYS B 81 -18.62 -39.16 6.22
C LYS B 81 -17.51 -38.86 7.22
N MET B 82 -16.55 -38.01 6.85
CA MET B 82 -15.46 -37.65 7.75
C MET B 82 -15.71 -36.25 8.31
N PRO B 83 -16.10 -36.11 9.58
CA PRO B 83 -16.31 -34.76 10.12
C PRO B 83 -15.03 -33.95 10.08
N GLU B 84 -15.19 -32.64 10.29
CA GLU B 84 -14.06 -31.74 10.25
C GLU B 84 -13.05 -32.05 11.34
N ASP B 85 -13.52 -32.47 12.51
CA ASP B 85 -12.62 -32.78 13.59
C ASP B 85 -11.75 -33.97 13.24
N GLU B 86 -12.32 -34.96 12.58
CA GLU B 86 -11.54 -36.13 12.19
C GLU B 86 -10.54 -35.80 11.10
N LEU B 87 -10.89 -34.88 10.21
CA LEU B 87 -9.95 -34.49 9.16
C LEU B 87 -8.79 -33.68 9.69
N ILE B 88 -9.08 -32.79 10.63
CA ILE B 88 -8.04 -31.95 11.19
C ILE B 88 -7.14 -32.78 12.09
N ASN B 89 -7.70 -33.80 12.73
CA ASN B 89 -6.97 -34.65 13.65
C ASN B 89 -6.37 -35.85 12.95
N HIS B 90 -6.04 -35.70 11.67
CA HIS B 90 -5.44 -36.74 10.84
C HIS B 90 -4.31 -36.14 10.04
N ALA B 91 -3.78 -36.95 9.12
CA ALA B 91 -2.72 -36.52 8.23
C ALA B 91 -3.14 -35.25 7.53
N GLY B 92 -2.22 -34.32 7.42
CA GLY B 92 -2.56 -33.05 6.82
C GLY B 92 -3.18 -32.11 7.84
N LEU B 93 -2.43 -31.85 8.91
CA LEU B 93 -2.93 -31.00 9.98
C LEU B 93 -3.36 -29.65 9.45
N ASP B 94 -2.63 -29.12 8.46
CA ASP B 94 -2.92 -27.85 7.83
C ASP B 94 -3.49 -28.02 6.43
N SER B 95 -4.18 -29.13 6.19
CA SER B 95 -4.83 -29.41 4.91
C SER B 95 -6.34 -29.26 4.95
N ALA B 96 -6.93 -29.19 6.13
CA ALA B 96 -8.38 -28.97 6.21
C ALA B 96 -8.74 -27.62 5.65
N VAL B 97 -7.84 -26.65 5.78
CA VAL B 97 -8.05 -25.34 5.20
C VAL B 97 -7.85 -25.35 3.70
N TYR B 98 -7.08 -26.31 3.21
CA TYR B 98 -6.93 -26.43 1.77
C TYR B 98 -8.19 -26.98 1.13
N LEU B 99 -8.92 -27.80 1.88
CA LEU B 99 -10.16 -28.39 1.38
C LEU B 99 -11.28 -27.36 1.36
N ARG B 100 -10.91 -26.08 1.45
CA ARG B 100 -11.88 -24.99 1.45
C ARG B 100 -12.04 -24.41 0.04
N ILE B 101 -11.41 -25.05 -0.94
CA ILE B 101 -11.48 -24.60 -2.32
C ILE B 101 -12.50 -25.43 -3.10
N TYR B 102 -12.79 -26.63 -2.60
CA TYR B 102 -13.74 -27.52 -3.25
C TYR B 102 -15.00 -27.67 -2.40
N LEU B 103 -14.83 -28.15 -1.17
CA LEU B 103 -15.93 -28.34 -0.25
C LEU B 103 -16.67 -27.03 -0.01
N THR B 104 -15.90 -25.99 0.34
CA THR B 104 -16.47 -24.68 0.59
C THR B 104 -16.82 -23.99 -0.73
N GLY B 105 -16.11 -24.36 -1.78
CA GLY B 105 -16.35 -23.80 -3.09
C GLY B 105 -17.78 -24.00 -3.55
N ILE B 106 -18.27 -25.22 -3.35
CA ILE B 106 -19.65 -25.55 -3.73
C ILE B 106 -20.63 -24.67 -2.95
N LYS B 107 -20.37 -24.52 -1.66
CA LYS B 107 -21.22 -23.71 -0.80
C LYS B 107 -21.34 -22.30 -1.38
N ILE B 108 -20.20 -21.67 -1.63
CA ILE B 108 -20.18 -20.33 -2.20
C ILE B 108 -20.87 -20.33 -3.56
N PHE B 109 -20.54 -21.34 -4.37
CA PHE B 109 -21.13 -21.47 -5.69
C PHE B 109 -22.63 -21.73 -5.59
N VAL B 110 -23.07 -22.25 -4.45
CA VAL B 110 -24.49 -22.52 -4.23
C VAL B 110 -25.29 -21.24 -4.44
N PRO B 111 -24.86 -20.15 -3.79
CA PRO B 111 -25.53 -18.86 -3.95
C PRO B 111 -25.59 -18.50 -5.43
N ILE B 112 -24.62 -19.02 -6.18
CA ILE B 112 -24.56 -18.77 -7.62
C ILE B 112 -25.59 -19.60 -8.34
N SER B 113 -25.75 -20.86 -7.94
CA SER B 113 -26.77 -21.69 -8.56
C SER B 113 -28.17 -21.25 -8.13
N ILE B 114 -28.31 -20.76 -6.90
CA ILE B 114 -29.61 -20.26 -6.44
C ILE B 114 -30.04 -19.07 -7.28
N LEU B 115 -29.13 -18.14 -7.52
CA LEU B 115 -29.49 -17.00 -8.37
C LEU B 115 -29.57 -17.39 -9.83
N ALA B 116 -28.85 -18.41 -10.24
CA ALA B 116 -29.03 -18.93 -11.59
C ALA B 116 -30.40 -19.55 -11.76
N SER B 117 -30.97 -20.10 -10.68
CA SER B 117 -32.32 -20.63 -10.75
C SER B 117 -33.35 -19.57 -11.12
N LEU B 118 -33.02 -18.30 -10.90
CA LEU B 118 -33.93 -17.20 -11.22
C LEU B 118 -33.56 -16.52 -12.53
N VAL B 119 -32.26 -16.52 -12.85
CA VAL B 119 -31.78 -15.89 -14.08
C VAL B 119 -31.83 -16.87 -15.25
N LEU B 120 -31.96 -18.17 -15.00
CA LEU B 120 -32.16 -19.11 -16.08
C LEU B 120 -33.49 -18.90 -16.80
N PHE B 121 -34.44 -18.24 -16.17
CA PHE B 121 -35.73 -17.98 -16.81
C PHE B 121 -35.57 -16.84 -17.82
N PRO B 122 -34.91 -15.73 -17.46
CA PRO B 122 -34.51 -14.77 -18.49
C PRO B 122 -33.72 -15.41 -19.62
N VAL B 123 -32.98 -16.48 -19.34
CA VAL B 123 -32.30 -17.19 -20.42
C VAL B 123 -33.31 -17.97 -21.24
N ASN B 124 -34.28 -18.60 -20.56
CA ASN B 124 -35.39 -19.24 -21.26
C ASN B 124 -36.39 -18.23 -21.80
N TRP B 125 -36.30 -16.97 -21.41
CA TRP B 125 -37.18 -15.92 -21.90
C TRP B 125 -36.47 -14.88 -22.77
N THR B 126 -35.16 -15.03 -22.99
CA THR B 126 -34.42 -14.20 -23.94
C THR B 126 -33.98 -14.95 -25.17
N ASN B 127 -33.78 -16.27 -25.08
CA ASN B 127 -33.40 -17.05 -26.26
C ASN B 127 -34.60 -17.31 -27.16
N ASP B 128 -35.79 -17.33 -26.58
CA ASP B 128 -36.99 -17.60 -27.35
C ASP B 128 -37.45 -16.38 -28.14
N THR B 129 -36.69 -15.28 -28.13
CA THR B 129 -37.02 -14.09 -28.91
C THR B 129 -36.27 -14.21 -30.24
N LEU B 130 -36.98 -14.67 -31.27
CA LEU B 130 -36.36 -14.90 -32.56
C LEU B 130 -36.34 -13.61 -33.38
N ASP B 131 -35.26 -13.44 -34.15
CA ASP B 131 -35.09 -12.27 -34.99
C ASP B 131 -34.29 -12.70 -36.21
N SER B 132 -33.79 -11.73 -36.98
CA SER B 132 -32.99 -12.03 -38.16
C SER B 132 -31.77 -12.86 -37.80
N MET B 133 -31.11 -12.52 -36.70
CA MET B 133 -29.92 -13.23 -36.24
C MET B 133 -28.85 -13.30 -37.33
N LYS B 134 -28.37 -12.14 -37.73
CA LYS B 134 -27.36 -11.99 -38.77
C LYS B 134 -25.99 -11.75 -38.17
N VAL B 135 -25.70 -12.44 -37.07
CA VAL B 135 -24.42 -12.26 -36.36
C VAL B 135 -23.27 -12.45 -37.33
N VAL B 136 -23.16 -13.64 -37.92
CA VAL B 136 -22.17 -13.90 -38.94
C VAL B 136 -22.85 -14.41 -40.19
N HIS B 137 -23.49 -15.57 -40.13
CA HIS B 137 -24.20 -16.14 -41.26
C HIS B 137 -25.25 -17.11 -40.72
N SER B 138 -26.49 -16.63 -40.57
CA SER B 138 -27.70 -17.41 -40.25
C SER B 138 -27.40 -18.56 -39.29
N LYS B 139 -26.85 -18.21 -38.13
CA LYS B 139 -26.49 -19.17 -37.10
C LYS B 139 -27.58 -19.12 -36.02
N ILE B 140 -28.54 -20.03 -36.14
CA ILE B 140 -29.63 -20.12 -35.15
C ILE B 140 -29.10 -21.04 -34.06
N ASP B 141 -28.43 -20.43 -33.08
CA ASP B 141 -27.83 -21.15 -31.98
C ASP B 141 -28.11 -20.38 -30.70
N LYS B 142 -27.40 -20.73 -29.64
CA LYS B 142 -27.57 -20.08 -28.35
C LYS B 142 -27.02 -18.67 -28.46
N LEU B 143 -27.93 -17.70 -28.57
CA LEU B 143 -27.57 -16.29 -28.74
C LEU B 143 -28.42 -15.42 -27.83
N SER B 144 -28.60 -15.84 -26.58
CA SER B 144 -29.40 -15.11 -25.62
C SER B 144 -28.69 -13.89 -25.03
N ILE B 145 -27.53 -13.51 -25.55
CA ILE B 145 -26.75 -12.41 -25.00
C ILE B 145 -27.17 -11.08 -25.63
N SER B 146 -27.21 -11.03 -26.96
CA SER B 146 -27.44 -9.81 -27.72
C SER B 146 -28.50 -10.04 -28.79
N ASN B 147 -29.62 -10.62 -28.36
CA ASN B 147 -30.72 -10.93 -29.27
C ASN B 147 -31.17 -9.67 -30.02
N ILE B 148 -31.65 -8.68 -29.29
CA ILE B 148 -32.15 -7.43 -29.86
C ILE B 148 -31.60 -6.27 -29.03
N PRO B 149 -30.78 -5.38 -29.58
CA PRO B 149 -30.33 -4.22 -28.80
C PRO B 149 -31.48 -3.31 -28.45
N TYR B 150 -31.21 -2.39 -27.53
CA TYR B 150 -32.20 -1.41 -27.07
C TYR B 150 -33.43 -2.13 -26.50
N GLY B 151 -33.18 -2.91 -25.45
CA GLY B 151 -34.26 -3.67 -24.85
C GLY B 151 -35.19 -2.79 -24.04
N SER B 152 -36.49 -2.95 -24.26
CA SER B 152 -37.47 -2.14 -23.55
C SER B 152 -37.41 -2.38 -22.05
N ASN B 153 -37.70 -3.62 -21.62
CA ASN B 153 -37.73 -3.97 -20.21
C ASN B 153 -37.07 -5.31 -19.98
N ARG B 154 -35.96 -5.55 -20.67
CA ARG B 154 -35.19 -6.78 -20.52
C ARG B 154 -33.79 -6.56 -19.97
N PHE B 155 -33.12 -5.46 -20.33
CA PHE B 155 -31.80 -5.16 -19.76
C PHE B 155 -31.88 -4.67 -18.33
N VAL B 156 -33.07 -4.27 -17.87
CA VAL B 156 -33.22 -3.80 -16.50
C VAL B 156 -32.83 -4.90 -15.53
N THR B 157 -33.32 -6.11 -15.76
CA THR B 157 -32.96 -7.23 -14.91
C THR B 157 -31.49 -7.56 -15.07
N HIS B 158 -30.99 -7.49 -16.30
CA HIS B 158 -29.58 -7.78 -16.54
C HIS B 158 -28.66 -6.81 -15.80
N LEU B 159 -29.14 -5.59 -15.55
CA LEU B 159 -28.36 -4.63 -14.79
C LEU B 159 -28.56 -4.75 -13.29
N VAL B 160 -29.77 -5.11 -12.85
CA VAL B 160 -30.04 -5.20 -11.43
C VAL B 160 -29.42 -6.46 -10.83
N MET B 161 -29.27 -7.51 -11.62
CA MET B 161 -28.70 -8.75 -11.10
C MET B 161 -27.26 -8.57 -10.65
N ALA B 162 -26.56 -7.59 -11.20
CA ALA B 162 -25.18 -7.36 -10.81
C ALA B 162 -25.06 -7.02 -9.33
N TYR B 163 -26.09 -6.40 -8.77
CA TYR B 163 -26.10 -6.12 -7.35
C TYR B 163 -25.94 -7.39 -6.53
N ALA B 164 -26.89 -8.31 -6.66
CA ALA B 164 -26.83 -9.55 -5.91
C ALA B 164 -25.63 -10.40 -6.30
N VAL B 165 -25.12 -10.24 -7.52
CA VAL B 165 -23.95 -11.00 -7.95
C VAL B 165 -22.77 -10.76 -7.03
N THR B 166 -22.68 -9.57 -6.45
CA THR B 166 -21.58 -9.22 -5.57
C THR B 166 -21.98 -9.23 -4.10
N PHE B 167 -23.18 -8.75 -3.80
CA PHE B 167 -23.57 -8.58 -2.42
C PHE B 167 -23.66 -9.91 -1.70
N TRP B 168 -24.16 -10.94 -2.38
CA TRP B 168 -24.30 -12.22 -1.71
C TRP B 168 -22.96 -12.93 -1.58
N THR B 169 -22.15 -12.90 -2.63
CA THR B 169 -20.85 -13.57 -2.57
C THR B 169 -19.95 -12.94 -1.52
N CYS B 170 -19.98 -11.62 -1.41
CA CYS B 170 -19.19 -10.97 -0.38
C CYS B 170 -19.72 -11.29 1.01
N TYR B 171 -21.04 -11.34 1.15
CA TYR B 171 -21.65 -11.68 2.43
C TYR B 171 -21.25 -13.08 2.85
N VAL B 172 -21.13 -13.98 1.88
CA VAL B 172 -20.73 -15.35 2.19
C VAL B 172 -19.25 -15.42 2.48
N LEU B 173 -18.44 -14.69 1.71
CA LEU B 173 -17.01 -14.68 1.97
C LEU B 173 -16.69 -14.09 3.32
N PHE B 174 -17.52 -13.17 3.79
CA PHE B 174 -17.33 -12.62 5.12
C PHE B 174 -17.40 -13.72 6.17
N ARG B 175 -18.51 -14.48 6.18
CA ARG B 175 -18.63 -15.58 7.12
C ARG B 175 -17.56 -16.63 6.89
N GLU B 176 -17.15 -16.83 5.65
CA GLU B 176 -16.10 -17.80 5.37
C GLU B 176 -14.80 -17.41 6.05
N TYR B 177 -14.36 -16.17 5.86
CA TYR B 177 -13.12 -15.73 6.46
C TYR B 177 -13.22 -15.68 7.98
N GLU B 178 -14.43 -15.47 8.49
CA GLU B 178 -14.61 -15.49 9.94
C GLU B 178 -14.44 -16.88 10.50
N ILE B 179 -15.06 -17.86 9.86
CA ILE B 179 -14.93 -19.24 10.31
C ILE B 179 -13.49 -19.69 10.22
N ILE B 180 -12.81 -19.28 9.14
CA ILE B 180 -11.43 -19.67 8.94
C ILE B 180 -10.54 -19.08 10.03
N THR B 181 -10.73 -17.81 10.35
CA THR B 181 -9.93 -17.21 11.39
C THR B 181 -10.17 -17.90 12.74
N THR B 182 -11.43 -18.21 13.06
CA THR B 182 -11.74 -18.82 14.34
C THR B 182 -11.09 -20.19 14.45
N MET B 183 -11.20 -21.00 13.41
CA MET B 183 -10.62 -22.33 13.46
C MET B 183 -9.10 -22.28 13.52
N ARG B 184 -8.49 -21.30 12.86
CA ARG B 184 -7.03 -21.18 12.95
C ARG B 184 -6.61 -20.80 14.35
N LEU B 185 -7.30 -19.85 14.96
CA LEU B 185 -6.97 -19.48 16.32
C LEU B 185 -7.17 -20.64 17.28
N ARG B 186 -8.19 -21.46 17.02
CA ARG B 186 -8.41 -22.61 17.88
C ARG B 186 -7.28 -23.61 17.72
N PHE B 187 -6.90 -23.88 16.47
CA PHE B 187 -5.81 -24.81 16.22
C PHE B 187 -4.50 -24.26 16.73
N LEU B 188 -4.37 -22.94 16.78
CA LEU B 188 -3.15 -22.35 17.26
C LEU B 188 -2.87 -22.70 18.72
N ALA B 189 -3.89 -23.10 19.47
CA ALA B 189 -3.77 -23.47 20.86
C ALA B 189 -3.77 -24.98 21.05
N SER B 190 -3.59 -25.74 19.98
CA SER B 190 -3.56 -27.20 20.05
C SER B 190 -2.40 -27.74 19.23
N GLU B 191 -1.24 -27.14 19.41
CA GLU B 191 -0.04 -27.53 18.70
C GLU B 191 1.05 -27.94 19.67
N LYS B 192 1.87 -28.90 19.24
CA LYS B 192 2.96 -29.41 20.05
C LYS B 192 4.13 -28.43 20.02
N ARG B 193 5.23 -28.83 20.62
CA ARG B 193 6.42 -27.98 20.71
C ARG B 193 7.26 -28.14 19.46
N ARG B 194 7.08 -27.21 18.51
CA ARG B 194 7.85 -27.21 17.29
C ARG B 194 8.95 -26.15 17.34
N PRO B 195 10.04 -26.34 16.59
CA PRO B 195 11.13 -25.36 16.61
C PRO B 195 10.83 -24.10 15.82
N ASP B 196 9.67 -24.01 15.17
CA ASP B 196 9.36 -22.83 14.37
C ASP B 196 9.24 -21.61 15.27
N GLN B 197 8.46 -21.73 16.33
CA GLN B 197 8.27 -20.61 17.22
C GLN B 197 9.49 -20.35 18.08
N PHE B 198 10.36 -21.35 18.21
CA PHE B 198 11.54 -21.21 19.04
C PHE B 198 12.73 -20.65 18.27
N THR B 199 13.01 -21.18 17.09
CA THR B 199 14.20 -20.83 16.33
C THR B 199 13.85 -19.87 15.20
N VAL B 200 14.53 -18.73 15.18
CA VAL B 200 14.40 -17.75 14.11
C VAL B 200 15.73 -17.61 13.40
N LEU B 201 15.66 -17.11 12.17
CA LEU B 201 16.82 -16.96 11.31
C LEU B 201 17.20 -15.50 11.21
N VAL B 202 18.44 -15.18 11.60
CA VAL B 202 18.97 -13.83 11.54
C VAL B 202 20.07 -13.79 10.49
N ARG B 203 19.89 -12.95 9.48
CA ARG B 203 20.83 -12.86 8.37
C ARG B 203 21.38 -11.44 8.24
N ASN B 204 22.39 -11.30 7.36
CA ASN B 204 23.03 -10.02 7.08
C ASN B 204 23.72 -9.48 8.32
N ILE B 205 24.36 -10.37 9.06
CA ILE B 205 25.18 -9.92 10.18
C ILE B 205 26.30 -9.06 9.63
N PRO B 206 26.74 -8.00 10.31
CA PRO B 206 27.78 -7.16 9.75
C PRO B 206 29.02 -7.97 9.42
N PRO B 207 29.79 -7.56 8.41
CA PRO B 207 31.01 -8.29 8.07
C PRO B 207 31.99 -8.27 9.24
N ASP B 208 32.37 -9.47 9.67
CA ASP B 208 33.33 -9.58 10.74
C ASP B 208 34.65 -8.91 10.34
N PRO B 209 35.37 -8.29 11.30
CA PRO B 209 36.66 -7.66 10.93
C PRO B 209 37.79 -8.65 10.70
N ASP B 210 37.55 -9.68 9.89
CA ASP B 210 38.52 -10.69 9.46
C ASP B 210 39.21 -11.40 10.64
N GLU B 211 38.68 -11.29 11.86
CA GLU B 211 39.25 -11.89 13.05
C GLU B 211 38.25 -12.74 13.81
N SER B 212 37.01 -12.27 13.93
CA SER B 212 35.98 -12.98 14.66
C SER B 212 34.92 -13.65 13.81
N ILE B 213 34.43 -14.79 14.28
CA ILE B 213 33.43 -15.58 13.58
C ILE B 213 32.09 -15.61 14.31
N SER B 214 32.13 -15.75 15.64
CA SER B 214 30.93 -15.75 16.46
C SER B 214 31.09 -14.97 17.76
N GLU B 215 32.28 -14.42 18.02
CA GLU B 215 32.49 -13.67 19.25
C GLU B 215 31.73 -12.36 19.26
N LEU B 216 31.41 -11.84 18.09
CA LEU B 216 30.67 -10.60 17.95
C LEU B 216 29.18 -10.80 17.82
N VAL B 217 28.73 -12.01 17.53
CA VAL B 217 27.32 -12.28 17.41
C VAL B 217 26.68 -12.43 18.77
N GLU B 218 27.19 -13.36 19.56
CA GLU B 218 26.64 -13.61 20.88
C GLU B 218 26.86 -12.44 21.80
N HIS B 219 27.86 -11.61 21.52
CA HIS B 219 28.12 -10.45 22.35
C HIS B 219 26.97 -9.47 22.34
N PHE B 220 26.12 -9.50 21.32
CA PHE B 220 24.98 -8.60 21.24
C PHE B 220 23.73 -9.17 21.88
N PHE B 221 23.56 -10.49 21.80
CA PHE B 221 22.38 -11.10 22.37
C PHE B 221 22.45 -11.25 23.87
N LEU B 222 23.55 -10.87 24.50
CA LEU B 222 23.67 -10.91 25.96
C LEU B 222 23.50 -9.55 26.59
N VAL B 223 23.86 -8.49 25.86
CA VAL B 223 23.63 -7.14 26.36
C VAL B 223 22.14 -6.83 26.34
N ASN B 224 21.44 -7.35 25.34
CA ASN B 224 20.01 -7.16 25.22
C ASN B 224 19.31 -8.17 26.13
N HIS B 225 17.99 -8.27 25.99
CA HIS B 225 17.16 -9.19 26.74
C HIS B 225 17.87 -10.53 26.62
N PRO B 226 18.36 -11.11 27.71
CA PRO B 226 18.96 -12.43 27.61
C PRO B 226 17.97 -13.50 27.20
N ASP B 227 16.91 -13.61 28.00
CA ASP B 227 15.86 -14.61 27.77
C ASP B 227 16.44 -16.01 27.60
N HIS B 228 17.52 -16.30 28.33
CA HIS B 228 18.18 -17.60 28.30
C HIS B 228 18.55 -17.99 26.88
N TYR B 229 19.45 -17.19 26.29
CA TYR B 229 19.94 -17.44 24.94
C TYR B 229 20.46 -18.87 24.83
N LEU B 230 19.82 -19.63 23.95
CA LEU B 230 20.14 -21.03 23.79
C LEU B 230 21.34 -21.17 22.86
N ARG B 231 21.61 -22.39 22.41
CA ARG B 231 22.76 -22.66 21.55
C ARG B 231 22.75 -21.74 20.33
N HIS B 232 23.94 -21.49 19.82
CA HIS B 232 24.17 -20.64 18.65
C HIS B 232 24.74 -21.46 17.53
N GLN B 233 24.16 -21.30 16.34
CA GLN B 233 24.59 -22.01 15.14
C GLN B 233 24.92 -21.00 14.06
N VAL B 234 26.17 -20.99 13.66
CA VAL B 234 26.65 -20.12 12.59
C VAL B 234 26.55 -20.88 11.28
N VAL B 235 25.83 -20.30 10.33
CA VAL B 235 25.63 -20.92 9.02
C VAL B 235 26.79 -20.55 8.12
N TYR B 236 27.51 -21.55 7.63
CA TYR B 236 28.63 -21.34 6.74
C TYR B 236 28.13 -21.35 5.30
N ASN B 237 29.06 -21.34 4.35
CA ASN B 237 28.72 -21.34 2.93
C ASN B 237 28.08 -22.66 2.55
N ALA B 238 26.79 -22.62 2.24
CA ALA B 238 26.05 -23.84 1.94
C ALA B 238 26.55 -24.49 0.65
N ASN B 239 26.55 -23.74 -0.45
CA ASN B 239 26.83 -24.29 -1.76
C ASN B 239 28.34 -24.48 -2.03
N LYS B 240 29.04 -25.07 -1.09
CA LYS B 240 30.38 -25.60 -1.25
C LYS B 240 30.48 -27.02 -0.75
N LEU B 241 29.79 -27.34 0.33
CA LEU B 241 29.65 -28.70 0.82
C LEU B 241 28.30 -29.28 0.49
N ALA B 242 27.26 -28.44 0.52
CA ALA B 242 25.92 -28.92 0.19
C ALA B 242 25.87 -29.48 -1.22
N ASP B 243 26.70 -28.95 -2.12
CA ASP B 243 26.77 -29.46 -3.48
C ASP B 243 27.11 -30.94 -3.50
N LEU B 244 28.23 -31.30 -2.88
CA LEU B 244 28.63 -32.70 -2.86
C LEU B 244 27.73 -33.53 -1.98
N VAL B 245 27.10 -32.91 -0.97
CA VAL B 245 26.14 -33.63 -0.16
C VAL B 245 24.99 -34.11 -1.03
N GLU B 246 24.48 -33.22 -1.88
CA GLU B 246 23.40 -33.61 -2.77
C GLU B 246 23.90 -34.62 -3.80
N LYS B 247 25.12 -34.44 -4.28
CA LYS B 247 25.68 -35.40 -5.22
C LYS B 247 25.80 -36.78 -4.60
N LYS B 248 26.09 -36.84 -3.31
CA LYS B 248 26.16 -38.13 -2.64
C LYS B 248 24.78 -38.71 -2.42
N LYS B 249 23.82 -37.87 -2.02
CA LYS B 249 22.45 -38.33 -1.95
C LYS B 249 21.95 -38.88 -3.28
N LYS B 250 22.45 -38.32 -4.39
CA LYS B 250 22.10 -38.83 -5.71
C LYS B 250 22.99 -39.97 -6.16
N LEU B 251 24.27 -39.92 -5.81
CA LEU B 251 25.16 -41.03 -6.12
C LEU B 251 24.76 -42.31 -5.45
N GLN B 252 24.00 -42.23 -4.37
CA GLN B 252 23.47 -43.43 -3.74
C GLN B 252 22.46 -44.11 -4.65
N ASN B 253 21.54 -43.33 -5.23
CA ASN B 253 20.65 -43.88 -6.24
C ASN B 253 21.43 -44.38 -7.43
N TRP B 254 22.46 -43.64 -7.86
CA TRP B 254 23.28 -44.13 -8.95
C TRP B 254 24.09 -45.33 -8.52
N LEU B 255 24.51 -45.37 -7.26
CA LEU B 255 25.19 -46.55 -6.76
C LEU B 255 24.30 -47.77 -6.86
N ASP B 256 23.04 -47.61 -6.48
CA ASP B 256 22.10 -48.70 -6.63
C ASP B 256 21.88 -49.01 -8.10
N TYR B 257 21.88 -47.97 -8.94
CA TYR B 257 21.69 -48.18 -10.37
C TYR B 257 22.88 -48.91 -10.97
N TYR B 258 24.04 -48.78 -10.32
CA TYR B 258 25.26 -49.43 -10.81
C TYR B 258 25.45 -50.77 -10.11
N GLN B 259 24.94 -50.87 -8.89
CA GLN B 259 25.06 -52.10 -8.11
C GLN B 259 23.90 -53.05 -8.44
N LEU B 260 22.85 -52.49 -9.02
CA LEU B 260 21.67 -53.27 -9.39
C LEU B 260 21.93 -54.09 -10.65
N LYS B 261 22.87 -53.62 -11.46
CA LYS B 261 23.21 -54.30 -12.71
C LYS B 261 24.13 -55.49 -12.44
N TYR B 262 24.81 -55.46 -11.30
CA TYR B 262 25.72 -56.53 -10.92
C TYR B 262 24.97 -57.67 -10.23
N GLU B 263 23.73 -57.41 -9.86
CA GLU B 263 22.90 -58.40 -9.17
C GLU B 263 21.69 -58.79 -10.02
N ARG B 264 21.71 -58.40 -11.28
CA ARG B 264 20.62 -58.71 -12.20
C ARG B 264 21.13 -59.42 -13.45
N ASN B 265 22.06 -58.76 -14.16
CA ASN B 265 22.64 -59.33 -15.36
C ASN B 265 23.21 -60.71 -15.10
N PRO B 266 24.12 -60.81 -14.12
CA PRO B 266 24.77 -62.07 -13.74
C PRO B 266 23.82 -63.09 -13.18
N SER B 267 22.56 -62.73 -12.91
CA SER B 267 21.61 -63.70 -12.38
C SER B 267 21.37 -64.82 -13.39
N LYS B 268 21.01 -64.46 -14.61
CA LYS B 268 20.83 -65.46 -15.67
C LYS B 268 22.17 -65.84 -16.27
N ARG B 269 22.85 -64.86 -16.88
CA ARG B 269 24.18 -65.08 -17.43
C ARG B 269 24.80 -63.74 -17.78
N PRO B 270 26.11 -63.51 -17.54
CA PRO B 270 26.71 -62.24 -17.96
C PRO B 270 26.96 -62.24 -19.46
N THR B 271 26.15 -61.48 -20.21
CA THR B 271 26.28 -61.40 -21.66
C THR B 271 26.69 -60.01 -22.12
N THR B 272 25.91 -58.98 -21.76
CA THR B 272 26.18 -57.60 -22.18
C THR B 272 25.57 -56.66 -21.16
N LYS B 273 25.79 -55.36 -21.39
CA LYS B 273 25.24 -54.31 -20.55
C LYS B 273 24.50 -53.29 -21.40
N THR B 274 24.05 -52.19 -20.79
CA THR B 274 23.29 -51.16 -21.51
C THR B 274 24.19 -50.45 -22.51
N GLY B 275 25.22 -49.78 -22.01
CA GLY B 275 26.18 -49.13 -22.89
C GLY B 275 25.95 -47.64 -23.09
N PHE B 276 25.29 -47.30 -24.20
CA PHE B 276 25.11 -45.91 -24.63
C PHE B 276 24.72 -44.97 -23.49
N LEU B 277 23.53 -45.20 -22.91
CA LEU B 277 23.00 -44.47 -21.74
C LEU B 277 23.36 -42.98 -21.76
N GLY B 278 23.04 -42.31 -22.87
CA GLY B 278 23.23 -40.87 -22.99
C GLY B 278 24.25 -40.52 -24.05
N CYS B 279 25.44 -40.05 -23.65
CA CYS B 279 26.45 -39.62 -24.60
C CYS B 279 26.93 -40.79 -25.45
N PHE B 280 27.76 -40.48 -26.44
CA PHE B 280 28.30 -41.50 -27.34
C PHE B 280 29.10 -42.54 -26.57
N GLY B 281 29.34 -43.69 -27.19
CA GLY B 281 30.08 -44.77 -26.58
C GLY B 281 29.48 -46.13 -26.88
N SER B 282 30.34 -47.14 -26.96
CA SER B 282 29.89 -48.50 -27.24
C SER B 282 29.02 -49.05 -26.11
N GLU B 283 29.67 -49.42 -25.01
CA GLU B 283 28.95 -49.96 -23.86
C GLU B 283 29.81 -49.85 -22.59
N VAL B 284 29.17 -50.06 -21.44
CA VAL B 284 29.87 -49.98 -20.16
C VAL B 284 30.90 -51.10 -20.04
N ASP B 285 31.99 -50.81 -19.34
CA ASP B 285 33.06 -51.79 -19.14
C ASP B 285 32.96 -52.89 -18.09
N ALA B 286 32.89 -52.49 -16.83
CA ALA B 286 32.78 -53.43 -15.73
C ALA B 286 31.93 -52.74 -14.68
N ILE B 287 31.75 -53.38 -13.53
CA ILE B 287 30.95 -52.83 -12.45
C ILE B 287 31.83 -52.27 -11.34
N GLU B 288 32.87 -53.02 -10.97
CA GLU B 288 33.79 -52.60 -9.93
C GLU B 288 34.58 -51.38 -10.42
N TYR B 289 34.74 -51.29 -11.74
CA TYR B 289 35.46 -50.17 -12.35
C TYR B 289 34.61 -48.92 -12.28
N TYR B 290 33.29 -49.10 -12.34
CA TYR B 290 32.35 -47.99 -12.28
C TYR B 290 32.11 -47.60 -10.82
N LYS B 291 32.40 -48.54 -9.92
CA LYS B 291 32.23 -48.31 -8.49
C LYS B 291 33.43 -47.57 -7.92
N ALA B 292 34.53 -47.58 -8.66
CA ALA B 292 35.75 -46.91 -8.24
C ALA B 292 35.68 -45.41 -8.54
N GLU B 293 34.79 -45.04 -9.45
CA GLU B 293 34.61 -43.64 -9.83
C GLU B 293 34.05 -42.83 -8.67
N ILE B 294 33.16 -43.46 -7.89
CA ILE B 294 32.55 -42.80 -6.74
C ILE B 294 33.34 -43.09 -5.47
N GLU B 295 34.42 -43.87 -5.60
CA GLU B 295 35.26 -44.22 -4.46
C GLU B 295 36.51 -43.38 -4.22
N LYS B 296 37.47 -43.47 -5.12
CA LYS B 296 38.72 -42.72 -5.01
C LYS B 296 38.42 -41.27 -5.36
N ILE B 297 37.63 -41.07 -6.41
CA ILE B 297 37.27 -39.73 -6.87
C ILE B 297 36.07 -39.19 -6.11
N GLY B 298 35.40 -40.06 -5.36
CA GLY B 298 34.23 -39.67 -4.60
C GLY B 298 34.56 -39.33 -3.15
N LYS B 299 35.34 -40.19 -2.51
CA LYS B 299 35.71 -39.98 -1.12
C LYS B 299 36.66 -38.80 -0.96
N GLU B 300 37.74 -38.80 -1.74
CA GLU B 300 38.73 -37.73 -1.68
C GLU B 300 38.10 -36.34 -1.80
N GLU B 301 37.22 -36.17 -2.77
CA GLU B 301 36.56 -34.89 -2.99
C GLU B 301 35.65 -34.50 -1.82
N ALA B 302 35.02 -35.51 -1.22
CA ALA B 302 34.12 -35.28 -0.09
C ALA B 302 34.87 -35.17 1.24
N ASP B 303 36.05 -35.78 1.30
CA ASP B 303 36.86 -35.75 2.51
C ASP B 303 37.47 -34.38 2.76
N GLU B 304 37.90 -33.73 1.68
CA GLU B 304 38.50 -32.40 1.79
C GLU B 304 37.49 -31.33 2.19
N ARG B 305 36.33 -31.30 1.50
CA ARG B 305 35.35 -30.25 1.80
C ARG B 305 34.69 -30.48 3.14
N GLN B 306 34.69 -31.72 3.62
CA GLN B 306 34.17 -32.00 4.95
C GLN B 306 35.13 -31.48 6.01
N LYS B 307 36.43 -31.52 5.73
CA LYS B 307 37.40 -30.88 6.60
C LYS B 307 37.34 -29.37 6.48
N ILE B 308 37.01 -28.86 5.28
CA ILE B 308 36.89 -27.43 5.02
C ILE B 308 35.81 -26.77 5.88
N MET B 309 34.67 -27.43 6.07
CA MET B 309 33.57 -26.81 6.82
C MET B 309 33.85 -26.80 8.32
N LYS B 310 34.83 -27.58 8.76
CA LYS B 310 35.32 -27.53 10.13
C LYS B 310 36.53 -26.60 10.23
N ASP B 311 36.78 -25.81 9.19
CA ASP B 311 37.87 -24.86 9.16
C ASP B 311 37.31 -23.49 8.80
N PRO B 312 37.97 -22.39 9.18
CA PRO B 312 37.42 -21.06 8.86
C PRO B 312 37.68 -20.61 7.42
N GLN B 313 37.31 -21.44 6.46
CA GLN B 313 37.51 -21.10 5.05
C GLN B 313 36.53 -20.02 4.59
N SER B 314 35.26 -20.22 4.91
CA SER B 314 34.21 -19.27 4.53
C SER B 314 33.03 -19.35 5.49
N ALA B 315 32.75 -18.25 6.18
CA ALA B 315 31.64 -18.20 7.13
C ALA B 315 30.69 -17.06 6.81
N VAL B 316 29.59 -17.39 6.12
CA VAL B 316 28.60 -16.39 5.75
C VAL B 316 27.84 -15.89 6.98
N PRO B 317 27.50 -14.60 6.98
CA PRO B 317 26.77 -13.97 8.10
C PRO B 317 25.31 -14.41 8.16
N ALA B 318 25.09 -15.57 8.78
CA ALA B 318 23.74 -16.08 8.96
C ALA B 318 23.73 -17.09 10.10
N ALA B 319 22.73 -16.98 10.98
CA ALA B 319 22.68 -17.83 12.15
C ALA B 319 21.25 -18.00 12.61
N PHE B 320 21.10 -18.79 13.67
CA PHE B 320 19.83 -19.09 14.30
C PHE B 320 19.81 -18.55 15.71
N VAL B 321 18.66 -18.04 16.12
CA VAL B 321 18.45 -17.47 17.45
C VAL B 321 17.24 -18.09 18.09
N SER B 322 17.31 -18.29 19.39
CA SER B 322 16.22 -18.84 20.15
C SER B 322 16.08 -18.07 21.46
N PHE B 323 14.96 -18.30 22.14
CA PHE B 323 14.66 -17.63 23.42
C PHE B 323 14.03 -18.66 24.35
N ARG B 324 13.47 -18.17 25.46
CA ARG B 324 12.89 -19.04 26.48
C ARG B 324 11.79 -19.91 25.89
N SER B 325 10.74 -19.29 25.38
CA SER B 325 9.61 -20.03 24.85
C SER B 325 9.14 -19.31 23.60
N ARG B 326 7.96 -19.71 23.12
CA ARG B 326 7.41 -19.11 21.91
C ARG B 326 7.25 -17.61 22.09
N TRP B 327 6.75 -17.19 23.26
CA TRP B 327 6.56 -15.77 23.51
C TRP B 327 7.87 -15.02 23.53
N GLY B 328 8.92 -15.65 24.03
CA GLY B 328 10.22 -15.00 24.06
C GLY B 328 10.77 -14.65 22.70
N ALA B 329 10.35 -15.36 21.66
CA ALA B 329 10.81 -15.11 20.30
C ALA B 329 9.79 -14.37 19.45
N ALA B 330 8.51 -14.47 19.79
CA ALA B 330 7.49 -13.80 19.00
C ALA B 330 7.50 -12.30 19.24
N VAL B 331 7.80 -11.89 20.47
CA VAL B 331 7.83 -10.48 20.80
C VAL B 331 9.11 -9.80 20.33
N CYS B 332 10.17 -10.56 20.09
CA CYS B 332 11.46 -10.01 19.69
C CYS B 332 11.67 -10.03 18.19
N ALA B 333 11.17 -11.06 17.53
CA ALA B 333 11.34 -11.20 16.09
C ALA B 333 10.35 -10.46 15.20
N GLN B 334 9.98 -9.26 15.62
CA GLN B 334 8.99 -8.47 14.91
C GLN B 334 9.46 -7.06 14.60
N THR B 335 10.55 -6.58 15.20
CA THR B 335 11.05 -5.23 14.98
C THR B 335 12.43 -5.28 14.33
N GLN B 336 12.92 -4.09 14.02
CA GLN B 336 14.23 -3.93 13.40
C GLN B 336 15.24 -3.65 14.51
N GLN B 337 16.25 -4.49 14.61
CA GLN B 337 17.26 -4.30 15.65
C GLN B 337 18.15 -3.10 15.35
N THR B 338 18.77 -3.09 14.19
CA THR B 338 19.66 -2.01 13.80
C THR B 338 18.87 -0.79 13.36
N SER B 339 19.59 0.24 12.96
CA SER B 339 19.01 1.50 12.52
C SER B 339 18.96 1.63 11.00
N ASN B 340 19.39 0.61 10.26
CA ASN B 340 19.35 0.62 8.80
C ASN B 340 18.65 -0.66 8.34
N PRO B 341 17.56 -0.59 7.56
CA PRO B 341 16.91 -1.85 7.14
C PRO B 341 17.69 -2.65 6.10
N THR B 342 18.95 -2.94 6.38
CA THR B 342 19.77 -3.78 5.55
C THR B 342 20.66 -4.73 6.32
N VAL B 343 20.62 -4.69 7.66
CA VAL B 343 21.47 -5.52 8.50
C VAL B 343 20.57 -6.14 9.57
N TRP B 344 20.93 -7.34 10.00
CA TRP B 344 20.23 -8.05 11.06
C TRP B 344 18.76 -8.28 10.68
N ILE B 345 18.55 -9.00 9.59
CA ILE B 345 17.21 -9.37 9.15
C ILE B 345 16.77 -10.62 9.90
N THR B 346 15.73 -10.50 10.71
CA THR B 346 15.23 -11.61 11.52
C THR B 346 13.94 -12.13 10.90
N GLU B 347 13.93 -13.43 10.61
CA GLU B 347 12.77 -14.07 10.01
C GLU B 347 12.45 -15.35 10.79
N TRP B 348 11.23 -15.84 10.60
CA TRP B 348 10.76 -17.07 11.23
C TRP B 348 11.29 -18.27 10.44
N ALA B 349 12.12 -19.06 11.08
CA ALA B 349 12.68 -20.23 10.42
C ALA B 349 11.63 -21.32 10.30
N PRO B 350 11.53 -22.00 9.15
CA PRO B 350 10.52 -23.05 9.01
C PRO B 350 10.95 -24.31 9.75
N GLU B 351 10.12 -25.34 9.62
CA GLU B 351 10.42 -26.60 10.24
C GLU B 351 11.69 -27.19 9.61
N PRO B 352 12.38 -28.07 10.32
CA PRO B 352 13.63 -28.64 9.78
C PRO B 352 13.45 -29.39 8.47
N ARG B 353 12.25 -29.89 8.18
CA ARG B 353 12.03 -30.61 6.93
C ARG B 353 11.79 -29.68 5.75
N ASP B 354 11.45 -28.42 6.00
CA ASP B 354 11.18 -27.45 4.94
C ASP B 354 12.36 -26.55 4.62
N VAL B 355 13.45 -26.64 5.38
CA VAL B 355 14.61 -25.80 5.14
C VAL B 355 15.25 -26.22 3.82
N TYR B 356 15.36 -25.27 2.89
CA TYR B 356 15.99 -25.53 1.61
C TYR B 356 17.46 -25.17 1.74
N TRP B 357 18.24 -26.13 2.26
CA TRP B 357 19.65 -25.86 2.57
C TRP B 357 20.48 -25.57 1.33
N ASN B 358 20.00 -25.92 0.15
CA ASN B 358 20.78 -25.74 -1.06
C ASN B 358 20.93 -24.27 -1.41
N ASN B 359 19.79 -23.59 -1.62
CA ASN B 359 19.80 -22.20 -2.07
C ASN B 359 19.81 -21.28 -0.84
N LEU B 360 20.95 -21.28 -0.18
CA LEU B 360 21.21 -20.42 0.95
C LEU B 360 22.59 -19.80 0.79
N SER B 361 22.99 -19.00 1.77
CA SER B 361 24.28 -18.33 1.80
C SER B 361 24.46 -17.40 0.59
N ILE B 362 23.35 -16.88 0.08
CA ILE B 362 23.37 -15.98 -1.06
C ILE B 362 23.55 -14.56 -0.56
N PRO B 363 24.42 -13.74 -1.14
CA PRO B 363 24.57 -12.37 -0.65
C PRO B 363 23.33 -11.55 -0.89
N PHE B 364 23.10 -10.60 0.01
CA PHE B 364 21.92 -9.75 -0.10
C PHE B 364 22.00 -8.84 -1.32
N VAL B 365 23.20 -8.47 -1.74
CA VAL B 365 23.35 -7.58 -2.87
C VAL B 365 22.78 -8.21 -4.14
N SER B 366 22.97 -9.52 -4.28
CA SER B 366 22.49 -10.21 -5.47
C SER B 366 21.00 -10.45 -5.45
N LEU B 367 20.39 -10.52 -4.26
CA LEU B 367 18.95 -10.76 -4.15
C LEU B 367 18.14 -9.79 -4.99
N THR B 368 18.61 -8.55 -5.10
CA THR B 368 17.93 -7.58 -5.94
C THR B 368 18.15 -7.90 -7.42
N VAL B 369 19.40 -8.17 -7.79
CA VAL B 369 19.73 -8.49 -9.17
C VAL B 369 18.96 -9.72 -9.63
N ARG B 370 18.99 -10.78 -8.84
CA ARG B 370 18.25 -11.98 -9.17
C ARG B 370 16.75 -11.73 -9.25
N ARG B 371 16.27 -10.64 -8.69
CA ARG B 371 14.86 -10.28 -8.78
C ARG B 371 14.57 -9.43 -9.99
N LEU B 372 15.58 -8.78 -10.56
CA LEU B 372 15.41 -7.95 -11.73
C LEU B 372 15.81 -8.66 -13.01
N ILE B 373 16.96 -9.33 -13.01
CA ILE B 373 17.43 -10.02 -14.20
C ILE B 373 16.50 -11.17 -14.54
N VAL B 374 16.26 -12.05 -13.57
CA VAL B 374 15.37 -13.18 -13.80
C VAL B 374 13.99 -12.71 -14.23
N ALA B 375 13.59 -11.52 -13.79
CA ALA B 375 12.31 -10.98 -14.22
C ALA B 375 12.35 -10.63 -15.71
N VAL B 376 13.44 -10.01 -16.16
CA VAL B 376 13.56 -9.63 -17.57
C VAL B 376 13.39 -10.87 -18.45
N ALA B 377 14.15 -11.93 -18.18
CA ALA B 377 14.03 -13.17 -18.95
C ALA B 377 12.60 -13.67 -18.94
N PHE B 378 11.84 -13.38 -17.89
CA PHE B 378 10.44 -13.77 -17.85
C PHE B 378 9.61 -12.91 -18.77
N PHE B 379 9.83 -11.59 -18.77
CA PHE B 379 9.07 -10.70 -19.62
C PHE B 379 9.27 -11.00 -21.11
N PHE B 380 10.38 -11.61 -21.48
CA PHE B 380 10.59 -12.00 -22.87
C PHE B 380 9.83 -13.26 -23.22
N LEU B 381 9.61 -14.13 -22.26
CA LEU B 381 8.87 -15.35 -22.52
C LEU B 381 7.45 -15.07 -22.99
N ASN B 382 6.85 -14.01 -22.47
CA ASN B 382 5.51 -13.64 -22.91
C ASN B 382 5.48 -13.20 -24.36
N PHE B 383 6.58 -12.62 -24.84
CA PHE B 383 6.63 -12.14 -26.21
C PHE B 383 6.85 -13.28 -27.20
N PHE B 384 7.51 -14.34 -26.76
CA PHE B 384 7.74 -15.51 -27.61
C PHE B 384 6.74 -16.62 -27.35
N TYR B 385 5.75 -16.41 -26.48
CA TYR B 385 4.72 -17.39 -26.19
C TYR B 385 3.35 -16.86 -26.61
N VAL B 386 3.31 -16.22 -27.78
CA VAL B 386 2.06 -15.69 -28.33
C VAL B 386 1.58 -16.49 -29.53
N ILE B 387 2.47 -17.00 -30.35
CA ILE B 387 2.10 -17.80 -31.52
C ILE B 387 1.47 -19.13 -31.12
N PRO B 388 1.78 -19.74 -29.95
CA PRO B 388 1.08 -20.99 -29.62
C PRO B 388 -0.41 -20.81 -29.52
N ILE B 389 -0.84 -19.70 -28.93
CA ILE B 389 -2.28 -19.45 -28.80
C ILE B 389 -2.91 -19.31 -30.17
N ALA B 390 -2.21 -18.63 -31.08
CA ALA B 390 -2.75 -18.45 -32.43
C ALA B 390 -2.84 -19.79 -33.16
N PHE B 391 -1.83 -20.63 -32.99
CA PHE B 391 -1.79 -21.93 -33.64
C PHE B 391 -2.84 -22.86 -33.02
N VAL B 392 -3.19 -22.61 -31.77
CA VAL B 392 -4.17 -23.42 -31.07
C VAL B 392 -5.60 -22.95 -31.38
N GLN B 393 -5.76 -21.64 -31.57
CA GLN B 393 -7.06 -21.07 -31.87
C GLN B 393 -7.32 -20.88 -33.36
N SER B 394 -6.75 -21.76 -34.18
CA SER B 394 -6.84 -21.64 -35.63
C SER B 394 -7.34 -22.93 -36.25
N LEU B 395 -7.44 -23.98 -35.45
CA LEU B 395 -7.92 -25.28 -35.92
C LEU B 395 -9.21 -25.68 -35.22
N ALA B 396 -9.62 -24.88 -34.25
CA ALA B 396 -10.84 -25.14 -33.49
C ALA B 396 -12.17 -24.90 -34.19
N SER B 397 -12.40 -23.65 -34.58
CA SER B 397 -13.63 -23.28 -35.28
C SER B 397 -13.38 -23.10 -36.76
N LEU B 398 -13.47 -24.20 -37.50
CA LEU B 398 -13.24 -24.18 -38.96
C LEU B 398 -14.12 -23.15 -39.65
N GLU B 399 -15.40 -23.14 -39.31
CA GLU B 399 -16.35 -22.20 -39.91
C GLU B 399 -15.87 -20.76 -39.78
N GLY B 400 -15.43 -20.19 -40.90
CA GLY B 400 -14.95 -18.82 -40.91
C GLY B 400 -13.47 -18.72 -41.23
N ILE B 401 -12.83 -19.87 -41.44
CA ILE B 401 -11.41 -19.91 -41.76
C ILE B 401 -11.15 -20.59 -43.10
N GLU B 402 -11.74 -21.77 -43.28
CA GLU B 402 -11.58 -22.53 -44.52
C GLU B 402 -12.67 -22.19 -45.53
N LYS B 403 -13.27 -21.01 -45.45
CA LYS B 403 -14.41 -20.68 -46.31
C LYS B 403 -14.02 -19.91 -47.56
N ALA B 404 -13.01 -19.01 -47.47
CA ALA B 404 -12.66 -18.16 -48.59
C ALA B 404 -11.28 -18.45 -49.16
N LEU B 405 -10.22 -18.36 -48.35
CA LEU B 405 -8.88 -18.57 -48.89
C LEU B 405 -8.57 -20.05 -48.99
N PRO B 406 -8.70 -20.83 -47.90
CA PRO B 406 -8.34 -22.25 -47.98
C PRO B 406 -9.53 -23.10 -48.37
N PHE B 407 -9.30 -24.40 -48.51
CA PHE B 407 -10.35 -25.35 -48.83
C PHE B 407 -9.91 -26.73 -48.36
N LEU B 408 -10.75 -27.73 -48.63
CA LEU B 408 -10.46 -29.08 -48.21
C LEU B 408 -9.19 -29.59 -48.89
N LYS B 409 -8.29 -30.10 -48.11
CA LYS B 409 -7.04 -30.64 -48.63
C LYS B 409 -7.19 -32.13 -48.93
N PRO B 410 -6.42 -32.68 -49.87
CA PRO B 410 -6.63 -34.07 -50.30
C PRO B 410 -6.35 -35.07 -49.17
N LEU B 411 -6.74 -36.33 -49.43
CA LEU B 411 -6.58 -37.47 -48.54
C LEU B 411 -7.54 -37.45 -47.37
N ILE B 412 -8.29 -36.36 -47.20
CA ILE B 412 -9.30 -36.22 -46.15
C ILE B 412 -10.35 -35.23 -46.63
N LYS B 413 -11.61 -35.62 -46.48
CA LYS B 413 -12.74 -34.76 -46.80
C LYS B 413 -13.21 -34.08 -45.51
N ILE B 414 -13.33 -32.76 -45.55
CA ILE B 414 -13.74 -32.01 -44.38
C ILE B 414 -15.26 -31.90 -44.27
N ASP B 415 -15.99 -32.11 -45.37
CA ASP B 415 -17.44 -32.04 -45.34
C ASP B 415 -18.05 -33.12 -44.45
N VAL B 416 -17.31 -34.17 -44.16
CA VAL B 416 -17.82 -35.24 -43.32
C VAL B 416 -17.80 -34.76 -41.87
N ILE B 417 -18.82 -35.16 -41.11
CA ILE B 417 -18.94 -34.70 -39.73
C ILE B 417 -17.81 -35.25 -38.89
N LYS B 418 -17.30 -36.45 -39.21
CA LYS B 418 -16.20 -37.05 -38.46
C LYS B 418 -14.97 -36.17 -38.48
N SER B 419 -14.82 -35.32 -39.51
CA SER B 419 -13.70 -34.40 -39.60
C SER B 419 -14.00 -33.08 -38.92
N PHE B 420 -15.26 -32.66 -38.91
CA PHE B 420 -15.64 -31.41 -38.26
C PHE B 420 -15.76 -31.54 -36.75
N ILE B 421 -15.98 -32.76 -36.23
CA ILE B 421 -16.08 -32.96 -34.79
C ILE B 421 -14.75 -32.93 -34.07
N GLN B 422 -13.65 -32.67 -34.78
CA GLN B 422 -12.33 -32.64 -34.17
C GLN B 422 -11.99 -31.29 -33.56
N GLY B 423 -12.99 -30.47 -33.26
CA GLY B 423 -12.72 -29.17 -32.67
C GLY B 423 -12.07 -29.25 -31.30
N PHE B 424 -12.24 -30.37 -30.60
CA PHE B 424 -11.65 -30.54 -29.28
C PHE B 424 -10.21 -31.02 -29.31
N LEU B 425 -9.67 -31.33 -30.49
CA LEU B 425 -8.29 -31.76 -30.58
C LEU B 425 -7.32 -30.70 -30.07
N PRO B 426 -7.37 -29.44 -30.53
CA PRO B 426 -6.43 -28.45 -29.97
C PRO B 426 -6.63 -28.17 -28.50
N GLY B 427 -7.87 -28.27 -28.00
CA GLY B 427 -8.10 -28.10 -26.59
C GLY B 427 -7.35 -29.12 -25.76
N ILE B 428 -7.23 -30.35 -26.25
CA ILE B 428 -6.48 -31.37 -25.55
C ILE B 428 -4.99 -31.16 -25.75
N ALA B 429 -4.59 -30.79 -26.96
CA ALA B 429 -3.18 -30.61 -27.26
C ALA B 429 -2.59 -29.43 -26.50
N LEU B 430 -3.42 -28.48 -26.08
CA LEU B 430 -2.91 -27.33 -25.34
C LEU B 430 -2.30 -27.75 -24.01
N LYS B 431 -2.92 -28.72 -23.35
CA LYS B 431 -2.40 -29.17 -22.07
C LYS B 431 -1.00 -29.75 -22.22
N VAL B 432 -0.72 -30.39 -23.35
CA VAL B 432 0.59 -30.96 -23.58
C VAL B 432 1.66 -29.88 -23.58
N PHE B 433 1.33 -28.70 -24.10
CA PHE B 433 2.25 -27.57 -24.15
C PHE B 433 2.19 -26.70 -22.91
N LEU B 434 1.67 -27.23 -21.81
CA LEU B 434 1.52 -26.49 -20.58
C LEU B 434 2.05 -27.21 -19.35
N ILE B 435 2.32 -28.51 -19.43
CA ILE B 435 2.78 -29.27 -18.29
C ILE B 435 4.29 -29.21 -18.09
N LEU B 436 5.04 -28.67 -19.06
CA LEU B 436 6.49 -28.63 -18.99
C LEU B 436 7.04 -27.28 -18.54
N LEU B 437 6.33 -26.20 -18.80
CA LEU B 437 6.79 -24.87 -18.41
C LEU B 437 6.73 -24.62 -16.91
N PRO B 438 5.82 -25.22 -16.13
CA PRO B 438 5.86 -25.00 -14.68
C PRO B 438 7.17 -25.42 -14.05
N THR B 439 7.79 -26.49 -14.56
CA THR B 439 9.07 -26.92 -14.05
C THR B 439 10.14 -25.87 -14.32
N ILE B 440 10.14 -25.29 -15.51
CA ILE B 440 11.11 -24.24 -15.80
C ILE B 440 10.84 -23.04 -14.90
N LEU B 441 9.57 -22.72 -14.68
CA LEU B 441 9.24 -21.63 -13.79
C LEU B 441 9.73 -21.91 -12.38
N MET B 442 9.57 -23.14 -11.91
CA MET B 442 10.04 -23.49 -10.59
C MET B 442 11.54 -23.39 -10.50
N PHE B 443 12.26 -23.85 -11.53
CA PHE B 443 13.71 -23.74 -11.53
C PHE B 443 14.14 -22.28 -11.49
N MET B 444 13.45 -21.43 -12.24
CA MET B 444 13.79 -20.02 -12.23
C MET B 444 13.55 -19.40 -10.87
N SER B 445 12.43 -19.73 -10.24
CA SER B 445 12.14 -19.21 -8.92
C SER B 445 13.15 -19.69 -7.90
N LYS B 446 13.64 -20.92 -8.05
CA LYS B 446 14.71 -21.38 -7.17
C LYS B 446 15.99 -20.62 -7.44
N PHE B 447 16.27 -20.34 -8.72
CA PHE B 447 17.47 -19.59 -9.05
C PHE B 447 17.38 -18.18 -8.51
N GLU B 448 16.17 -17.64 -8.36
CA GLU B 448 16.03 -16.31 -7.79
C GLU B 448 16.60 -16.27 -6.38
N GLY B 449 16.37 -17.33 -5.60
CA GLY B 449 16.92 -17.40 -4.27
C GLY B 449 15.97 -16.87 -3.22
N LEU B 450 15.58 -17.72 -2.29
CA LEU B 450 14.71 -17.33 -1.19
C LEU B 450 15.24 -18.00 0.07
N ILE B 451 14.47 -17.87 1.14
CA ILE B 451 14.87 -18.36 2.44
C ILE B 451 14.19 -19.69 2.74
N SER B 452 12.88 -19.76 2.55
CA SER B 452 12.10 -20.95 2.86
C SER B 452 11.31 -21.42 1.65
N GLN B 453 11.05 -22.72 1.62
CA GLN B 453 10.28 -23.31 0.54
C GLN B 453 8.80 -23.03 0.65
N SER B 454 8.31 -22.79 1.85
CA SER B 454 6.89 -22.50 2.03
C SER B 454 6.52 -21.24 1.27
N SER B 455 7.42 -20.26 1.24
CA SER B 455 7.16 -19.04 0.49
C SER B 455 7.46 -19.20 -0.98
N LEU B 456 8.42 -20.06 -1.31
CA LEU B 456 8.73 -20.30 -2.71
C LEU B 456 7.57 -20.98 -3.41
N GLU B 457 6.97 -21.97 -2.76
CA GLU B 457 5.88 -22.68 -3.38
C GLU B 457 4.68 -21.78 -3.59
N ARG B 458 4.58 -20.69 -2.85
CA ARG B 458 3.49 -19.74 -3.05
C ARG B 458 3.81 -18.66 -4.07
N ARG B 459 5.04 -18.15 -4.07
CA ARG B 459 5.41 -17.14 -5.04
C ARG B 459 5.44 -17.72 -6.45
N SER B 460 5.81 -18.99 -6.58
CA SER B 460 5.79 -19.63 -7.87
C SER B 460 4.40 -19.66 -8.46
N ALA B 461 3.43 -20.08 -7.66
CA ALA B 461 2.06 -20.10 -8.12
C ALA B 461 1.54 -18.70 -8.36
N SER B 462 1.99 -17.75 -7.55
CA SER B 462 1.57 -16.37 -7.74
C SER B 462 2.04 -15.84 -9.09
N LYS B 463 3.28 -16.15 -9.45
CA LYS B 463 3.80 -15.73 -10.74
C LYS B 463 3.11 -16.45 -11.88
N TYR B 464 2.82 -17.73 -11.70
CA TYR B 464 2.17 -18.51 -12.75
C TYR B 464 0.79 -18.00 -13.08
N TYR B 465 0.02 -17.61 -12.06
CA TYR B 465 -1.32 -17.12 -12.29
C TYR B 465 -1.33 -15.81 -13.05
N ILE B 466 -0.47 -14.88 -12.65
CA ILE B 466 -0.41 -13.61 -13.35
C ILE B 466 0.12 -13.80 -14.75
N PHE B 467 0.92 -14.83 -14.97
CA PHE B 467 1.36 -15.14 -16.31
C PHE B 467 0.18 -15.61 -17.16
N LEU B 468 -0.61 -16.54 -16.64
CA LEU B 468 -1.76 -17.01 -17.41
C LEU B 468 -2.89 -16.01 -17.43
N PHE B 469 -2.83 -14.96 -16.64
CA PHE B 469 -3.92 -14.01 -16.62
C PHE B 469 -3.88 -13.13 -17.86
N PHE B 470 -2.72 -12.57 -18.15
CA PHE B 470 -2.63 -11.70 -19.32
C PHE B 470 -2.48 -12.49 -20.61
N ASN B 471 -2.47 -13.82 -20.55
CA ASN B 471 -2.32 -14.64 -21.73
C ASN B 471 -3.54 -15.49 -22.03
N VAL B 472 -4.15 -16.10 -21.03
CA VAL B 472 -5.28 -16.97 -21.28
C VAL B 472 -6.54 -16.17 -21.51
N PHE B 473 -6.72 -15.08 -20.77
CA PHE B 473 -7.92 -14.27 -20.86
C PHE B 473 -7.70 -13.03 -21.73
N LEU B 474 -6.71 -12.22 -21.38
CA LEU B 474 -6.46 -10.99 -22.12
C LEU B 474 -5.66 -11.26 -23.38
N GLY B 475 -4.85 -12.32 -23.39
CA GLY B 475 -4.03 -12.63 -24.54
C GLY B 475 -4.76 -13.49 -25.56
N SER B 476 -5.86 -14.11 -25.18
CA SER B 476 -6.61 -14.98 -26.06
C SER B 476 -7.60 -14.23 -26.93
N ILE B 477 -8.35 -13.31 -26.33
CA ILE B 477 -9.38 -12.59 -27.08
C ILE B 477 -8.75 -11.67 -28.10
N VAL B 478 -7.65 -11.02 -27.72
CA VAL B 478 -6.97 -10.09 -28.60
C VAL B 478 -6.49 -10.83 -29.84
N THR B 479 -6.09 -12.10 -29.67
CA THR B 479 -5.59 -12.90 -30.76
C THR B 479 -6.73 -13.61 -31.49
N GLY B 480 -7.89 -13.79 -30.84
CA GLY B 480 -9.01 -14.40 -31.49
C GLY B 480 -9.86 -13.45 -32.31
N SER B 481 -9.77 -12.15 -32.01
CA SER B 481 -10.48 -11.14 -32.78
C SER B 481 -9.73 -10.74 -34.04
N ALA B 482 -8.41 -10.56 -33.93
CA ALA B 482 -7.62 -10.20 -35.10
C ALA B 482 -7.63 -11.31 -36.13
N LEU B 483 -7.41 -12.55 -35.69
CA LEU B 483 -7.44 -13.67 -36.60
C LEU B 483 -8.83 -13.90 -37.17
N ASP B 484 -9.88 -13.40 -36.50
CA ASP B 484 -11.23 -13.54 -37.00
C ASP B 484 -11.62 -12.44 -37.96
N GLN B 485 -11.11 -11.22 -37.75
CA GLN B 485 -11.44 -10.10 -38.63
C GLN B 485 -10.51 -9.99 -39.82
N LEU B 486 -9.29 -10.51 -39.71
CA LEU B 486 -8.33 -10.44 -40.82
C LEU B 486 -8.56 -11.51 -41.87
N LYS B 487 -9.63 -12.29 -41.77
CA LYS B 487 -9.98 -13.31 -42.75
C LYS B 487 -11.17 -12.88 -43.59
N ALA B 488 -11.39 -11.57 -43.71
CA ALA B 488 -12.51 -11.03 -44.46
C ALA B 488 -11.99 -10.53 -45.80
N TYR B 489 -12.35 -11.23 -46.88
CA TYR B 489 -11.84 -10.91 -48.20
C TYR B 489 -12.93 -10.45 -49.17
N ILE B 490 -13.96 -11.28 -49.42
CA ILE B 490 -14.95 -10.97 -50.46
C ILE B 490 -16.37 -10.99 -49.92
N HIS B 491 -16.82 -12.16 -49.46
CA HIS B 491 -18.21 -12.35 -49.01
C HIS B 491 -18.26 -12.14 -47.50
N GLN B 492 -18.29 -10.86 -47.12
CA GLN B 492 -18.13 -10.48 -45.73
C GLN B 492 -19.08 -9.32 -45.45
N SER B 493 -18.87 -8.65 -44.33
CA SER B 493 -19.65 -7.51 -43.90
C SER B 493 -18.73 -6.29 -43.84
N ALA B 494 -19.24 -5.19 -43.28
CA ALA B 494 -18.49 -3.94 -43.23
C ALA B 494 -17.15 -4.08 -42.51
N ASN B 495 -17.15 -4.35 -41.21
CA ASN B 495 -15.96 -4.76 -40.45
C ASN B 495 -14.77 -3.81 -40.58
N GLU B 496 -14.94 -2.58 -41.05
CA GLU B 496 -13.76 -1.74 -41.29
C GLU B 496 -13.28 -1.06 -40.01
N ILE B 497 -13.99 -0.03 -39.55
CA ILE B 497 -13.62 0.68 -38.32
C ILE B 497 -14.29 0.10 -37.08
N PRO B 498 -15.64 0.13 -36.95
CA PRO B 498 -16.23 -0.10 -35.62
C PRO B 498 -16.78 -1.49 -35.39
N ARG B 499 -16.91 -2.30 -36.44
CA ARG B 499 -17.80 -3.46 -36.39
C ARG B 499 -17.02 -4.69 -36.01
N THR B 500 -16.30 -4.57 -34.90
CA THR B 500 -15.50 -5.63 -34.31
C THR B 500 -15.76 -5.83 -32.83
N ILE B 501 -16.00 -4.74 -32.09
CA ILE B 501 -16.19 -4.86 -30.64
C ILE B 501 -17.60 -5.25 -30.25
N GLY B 502 -18.53 -5.28 -31.19
CA GLY B 502 -19.89 -5.63 -30.85
C GLY B 502 -20.04 -7.03 -30.31
N VAL B 503 -19.81 -8.01 -31.16
CA VAL B 503 -19.88 -9.42 -30.79
C VAL B 503 -18.49 -9.99 -31.02
N ALA B 504 -17.67 -9.96 -29.99
CA ALA B 504 -16.31 -10.49 -30.02
C ALA B 504 -16.07 -11.45 -28.87
N ILE B 505 -16.62 -11.17 -27.69
CA ILE B 505 -16.47 -12.03 -26.53
C ILE B 505 -17.42 -13.23 -26.65
N PRO B 506 -18.69 -13.04 -27.04
CA PRO B 506 -19.56 -14.21 -27.18
C PRO B 506 -19.03 -15.26 -28.13
N MET B 507 -18.22 -14.85 -29.10
CA MET B 507 -17.66 -15.81 -30.06
C MET B 507 -16.56 -16.66 -29.45
N ARG B 508 -15.97 -16.21 -28.34
CA ARG B 508 -14.91 -16.98 -27.69
C ARG B 508 -15.45 -18.03 -26.72
N ALA B 509 -16.71 -17.91 -26.30
CA ALA B 509 -17.27 -18.86 -25.35
C ALA B 509 -17.25 -20.27 -25.89
N THR B 510 -17.36 -20.42 -27.20
CA THR B 510 -17.32 -21.75 -27.80
C THR B 510 -15.99 -22.42 -27.53
N PHE B 511 -14.91 -21.66 -27.45
CA PHE B 511 -13.62 -22.25 -27.17
C PHE B 511 -13.53 -22.71 -25.72
N PHE B 512 -14.02 -21.90 -24.80
CA PHE B 512 -13.95 -22.27 -23.39
C PHE B 512 -14.86 -23.42 -23.06
N ILE B 513 -15.97 -23.56 -23.78
CA ILE B 513 -16.86 -24.70 -23.58
C ILE B 513 -16.10 -25.99 -23.80
N THR B 514 -15.27 -26.02 -24.84
CA THR B 514 -14.47 -27.20 -25.10
C THR B 514 -13.27 -27.30 -24.17
N TYR B 515 -12.72 -26.15 -23.77
CA TYR B 515 -11.59 -26.16 -22.85
C TYR B 515 -11.95 -26.81 -21.53
N VAL B 516 -13.15 -26.50 -21.03
CA VAL B 516 -13.58 -27.05 -19.75
C VAL B 516 -13.77 -28.55 -19.84
N MET B 517 -14.29 -29.03 -20.96
CA MET B 517 -14.55 -30.46 -21.08
C MET B 517 -13.26 -31.25 -21.25
N VAL B 518 -12.23 -30.64 -21.82
CA VAL B 518 -10.96 -31.33 -22.03
C VAL B 518 -10.00 -31.16 -20.87
N ASP B 519 -10.24 -30.18 -20.00
CA ASP B 519 -9.40 -29.95 -18.83
C ASP B 519 -10.15 -30.03 -17.51
N GLY B 520 -11.43 -29.69 -17.48
CA GLY B 520 -12.18 -29.79 -16.24
C GLY B 520 -12.68 -31.18 -15.92
N TRP B 521 -12.74 -32.07 -16.91
CA TRP B 521 -13.20 -33.43 -16.76
C TRP B 521 -12.09 -34.48 -16.83
N THR B 522 -11.18 -34.35 -17.79
CA THR B 522 -10.10 -35.31 -17.96
C THR B 522 -8.87 -34.93 -17.17
N GLY B 523 -8.64 -33.64 -16.95
CA GLY B 523 -7.48 -33.22 -16.20
C GLY B 523 -7.49 -33.76 -14.78
N VAL B 524 -8.66 -33.80 -14.16
CA VAL B 524 -8.77 -34.31 -12.80
C VAL B 524 -8.77 -35.84 -12.81
N ALA B 525 -9.42 -36.44 -13.80
CA ALA B 525 -9.49 -37.89 -13.85
C ALA B 525 -8.12 -38.49 -14.12
N GLY B 526 -7.26 -37.76 -14.82
CA GLY B 526 -5.94 -38.25 -15.12
C GLY B 526 -5.00 -38.30 -13.95
N GLU B 527 -5.41 -37.82 -12.78
CA GLU B 527 -4.57 -37.82 -11.59
C GLU B 527 -4.84 -39.00 -10.66
N ILE B 528 -6.02 -39.58 -10.72
CA ILE B 528 -6.35 -40.68 -9.81
C ILE B 528 -5.53 -41.92 -10.15
N LEU B 529 -5.35 -42.16 -11.45
CA LEU B 529 -4.64 -43.35 -11.89
C LEU B 529 -3.15 -43.26 -11.67
N ARG B 530 -2.62 -42.04 -11.62
CA ARG B 530 -1.20 -41.82 -11.41
C ARG B 530 -0.36 -42.56 -12.45
N LEU B 531 -0.55 -42.16 -13.71
CA LEU B 531 0.11 -42.83 -14.80
C LEU B 531 1.62 -42.69 -14.75
N ARG B 532 2.14 -41.70 -14.01
CA ARG B 532 3.58 -41.46 -13.99
C ARG B 532 4.28 -42.31 -12.94
N ALA B 533 3.89 -42.17 -11.68
CA ALA B 533 4.54 -42.91 -10.62
C ALA B 533 4.17 -44.39 -10.62
N LEU B 534 3.04 -44.75 -11.24
CA LEU B 534 2.66 -46.15 -11.31
C LEU B 534 3.63 -46.95 -12.15
N ILE B 535 4.09 -46.39 -13.26
CA ILE B 535 5.07 -47.05 -14.09
C ILE B 535 6.37 -47.20 -13.33
N ILE B 536 6.70 -46.20 -12.51
CA ILE B 536 7.91 -46.27 -11.70
C ILE B 536 7.81 -47.40 -10.71
N PHE B 537 6.63 -47.57 -10.11
CA PHE B 537 6.46 -48.67 -9.17
C PHE B 537 6.56 -50.02 -9.86
N HIS B 538 5.97 -50.14 -11.04
CA HIS B 538 6.08 -51.38 -11.79
C HIS B 538 7.54 -51.68 -12.13
N LEU B 539 8.30 -50.65 -12.47
CA LEU B 539 9.72 -50.86 -12.77
C LEU B 539 10.47 -51.27 -11.52
N LYS B 540 10.19 -50.61 -10.40
CA LYS B 540 10.85 -50.98 -9.16
C LYS B 540 10.45 -52.39 -8.74
N ASN B 541 9.28 -52.85 -9.18
CA ASN B 541 8.87 -54.20 -8.86
C ASN B 541 9.77 -55.24 -9.52
N PHE B 542 10.48 -54.87 -10.58
CA PHE B 542 11.40 -55.77 -11.27
C PHE B 542 12.85 -55.54 -10.84
N PHE B 543 13.06 -55.16 -9.59
CA PHE B 543 14.40 -54.87 -9.09
C PHE B 543 15.04 -56.09 -8.43
N LEU B 544 14.37 -57.24 -8.43
CA LEU B 544 14.89 -58.47 -7.80
C LEU B 544 15.15 -58.24 -6.32
N VAL B 545 14.14 -57.72 -5.62
CA VAL B 545 14.22 -57.42 -4.20
C VAL B 545 13.01 -58.05 -3.51
N LYS B 546 13.27 -58.81 -2.45
CA LYS B 546 12.19 -59.48 -1.73
C LYS B 546 11.54 -58.56 -0.72
N THR B 547 12.29 -58.11 0.28
CA THR B 547 11.76 -57.23 1.33
C THR B 547 12.71 -56.10 1.67
N GLU B 548 13.83 -55.96 0.96
CA GLU B 548 14.85 -54.99 1.34
C GLU B 548 14.32 -53.60 1.06
N LYS B 549 13.79 -52.97 2.10
CA LYS B 549 13.29 -51.60 2.06
C LYS B 549 12.15 -51.42 1.08
N ASP B 550 11.50 -52.51 0.67
CA ASP B 550 10.39 -52.40 -0.26
C ASP B 550 9.24 -51.60 0.34
N ARG B 551 9.04 -51.73 1.65
CA ARG B 551 7.99 -50.99 2.32
C ARG B 551 8.33 -49.53 2.50
N GLU B 552 9.58 -49.13 2.26
CA GLU B 552 10.06 -47.79 2.56
C GLU B 552 10.30 -46.95 1.33
N GLU B 553 10.94 -47.51 0.30
CA GLU B 553 11.21 -46.74 -0.90
C GLU B 553 9.98 -46.58 -1.77
N ALA B 554 8.95 -47.40 -1.55
CA ALA B 554 7.74 -47.31 -2.34
C ALA B 554 6.83 -46.18 -1.90
N MET B 555 7.18 -45.45 -0.83
CA MET B 555 6.40 -44.33 -0.35
C MET B 555 7.21 -43.04 -0.37
N ASP B 556 8.23 -42.96 -1.22
CA ASP B 556 9.03 -41.75 -1.32
C ASP B 556 8.28 -40.66 -2.07
N PRO B 557 7.75 -40.89 -3.27
CA PRO B 557 7.01 -39.83 -3.95
C PRO B 557 5.67 -39.56 -3.28
N GLY B 558 5.28 -38.28 -3.28
CA GLY B 558 4.04 -37.85 -2.67
C GLY B 558 3.02 -37.37 -3.67
N SER B 559 2.26 -36.33 -3.31
CA SER B 559 1.22 -35.75 -4.16
C SER B 559 1.32 -34.23 -4.16
N ILE B 560 2.53 -33.71 -4.35
CA ILE B 560 2.78 -32.27 -4.37
C ILE B 560 2.27 -31.61 -5.64
N CYS B 561 1.05 -31.08 -5.60
CA CYS B 561 0.43 -30.46 -6.77
C CYS B 561 -0.19 -29.12 -6.43
N PHE B 562 0.23 -28.49 -5.32
CA PHE B 562 -0.32 -27.22 -4.92
C PHE B 562 0.03 -26.12 -5.91
N ASP B 563 1.27 -26.12 -6.41
CA ASP B 563 1.71 -25.11 -7.35
C ASP B 563 0.86 -25.13 -8.62
N TRP B 564 0.43 -26.30 -9.05
CA TRP B 564 -0.40 -26.41 -10.25
C TRP B 564 -1.88 -26.27 -9.96
N CYS B 565 -2.32 -26.74 -8.80
CA CYS B 565 -3.75 -26.72 -8.53
C CYS B 565 -4.26 -25.35 -8.12
N GLU B 566 -3.43 -24.57 -7.41
CA GLU B 566 -3.91 -23.28 -6.91
C GLU B 566 -4.22 -22.32 -8.03
N PRO B 567 -3.39 -22.16 -9.06
CA PRO B 567 -3.77 -21.24 -10.14
C PRO B 567 -4.84 -21.81 -11.04
N ARG B 568 -5.11 -23.11 -10.96
CA ARG B 568 -6.07 -23.71 -11.85
C ARG B 568 -7.49 -23.31 -11.47
N ILE B 569 -7.77 -23.26 -10.18
CA ILE B 569 -9.12 -22.96 -9.75
C ILE B 569 -9.43 -21.50 -9.94
N GLN B 570 -8.43 -20.63 -9.80
CA GLN B 570 -8.69 -19.20 -9.92
C GLN B 570 -9.09 -18.85 -11.35
N LEU B 571 -8.52 -19.53 -12.33
CA LEU B 571 -8.90 -19.28 -13.72
C LEU B 571 -10.35 -19.65 -13.94
N TYR B 572 -10.78 -20.80 -13.43
CA TYR B 572 -12.17 -21.19 -13.58
C TYR B 572 -13.08 -20.21 -12.87
N PHE B 573 -12.70 -19.77 -11.67
CA PHE B 573 -13.51 -18.80 -10.96
C PHE B 573 -13.61 -17.51 -11.74
N LEU B 574 -12.50 -17.06 -12.32
CA LEU B 574 -12.55 -15.83 -13.11
C LEU B 574 -13.46 -15.97 -14.32
N LEU B 575 -13.32 -17.07 -15.05
CA LEU B 575 -14.15 -17.27 -16.23
C LEU B 575 -15.63 -17.30 -15.89
N GLY B 576 -15.98 -17.98 -14.81
CA GLY B 576 -17.37 -18.04 -14.42
C GLY B 576 -17.93 -16.70 -13.99
N LEU B 577 -17.16 -15.98 -13.19
CA LEU B 577 -17.61 -14.69 -12.68
C LEU B 577 -17.73 -13.67 -13.79
N VAL B 578 -16.97 -13.85 -14.86
CA VAL B 578 -17.04 -12.94 -16.00
C VAL B 578 -18.20 -13.30 -16.92
N TYR B 579 -18.38 -14.58 -17.20
CA TYR B 579 -19.42 -15.01 -18.12
C TYR B 579 -20.76 -15.23 -17.44
N ALA B 580 -20.81 -15.18 -16.11
CA ALA B 580 -22.08 -15.37 -15.41
C ALA B 580 -23.09 -14.31 -15.81
N VAL B 581 -22.63 -13.08 -16.02
CA VAL B 581 -23.53 -12.00 -16.41
C VAL B 581 -23.71 -11.95 -17.92
N VAL B 582 -22.77 -12.49 -18.69
CA VAL B 582 -22.83 -12.45 -20.13
C VAL B 582 -23.49 -13.73 -20.63
N THR B 583 -22.89 -14.88 -20.33
CA THR B 583 -23.37 -16.17 -20.79
C THR B 583 -23.73 -17.01 -19.57
N PRO B 584 -24.99 -16.99 -19.15
CA PRO B 584 -25.38 -17.83 -18.01
C PRO B 584 -25.48 -19.30 -18.33
N LEU B 585 -25.11 -19.71 -19.54
CA LEU B 585 -25.15 -21.10 -19.95
C LEU B 585 -23.90 -21.88 -19.56
N LEU B 586 -22.91 -21.22 -18.96
CA LEU B 586 -21.68 -21.90 -18.57
C LEU B 586 -21.65 -22.30 -17.11
N LEU B 587 -22.43 -21.65 -16.28
CA LEU B 587 -22.44 -21.98 -14.87
C LEU B 587 -22.99 -23.39 -14.60
N PRO B 588 -23.84 -23.99 -15.45
CA PRO B 588 -24.23 -25.38 -15.18
C PRO B 588 -23.12 -26.38 -15.41
N PHE B 589 -22.15 -26.05 -16.26
CA PHE B 589 -21.12 -26.99 -16.65
C PHE B 589 -19.82 -26.91 -15.86
N ILE B 590 -19.83 -26.18 -14.73
CA ILE B 590 -18.63 -25.97 -13.93
C ILE B 590 -18.72 -26.69 -12.59
N LEU B 591 -19.88 -26.62 -11.93
CA LEU B 591 -20.05 -27.32 -10.67
C LEU B 591 -20.02 -28.82 -10.86
N VAL B 592 -20.42 -29.28 -12.05
CA VAL B 592 -20.49 -30.72 -12.31
C VAL B 592 -19.15 -31.37 -12.06
N PHE B 593 -18.09 -30.63 -12.39
CA PHE B 593 -16.72 -31.09 -12.21
C PHE B 593 -16.21 -30.73 -10.82
N PHE B 594 -16.52 -29.53 -10.35
CA PHE B 594 -16.05 -29.14 -9.02
C PHE B 594 -16.42 -30.18 -7.99
N GLY B 595 -17.61 -30.75 -8.11
CA GLY B 595 -18.02 -31.77 -7.16
C GLY B 595 -17.14 -33.00 -7.24
N LEU B 596 -16.87 -33.48 -8.44
CA LEU B 596 -16.06 -34.68 -8.59
C LEU B 596 -14.62 -34.42 -8.14
N ALA B 597 -14.10 -33.24 -8.41
CA ALA B 597 -12.76 -32.90 -7.93
C ALA B 597 -12.72 -32.88 -6.43
N TYR B 598 -13.74 -32.30 -5.80
CA TYR B 598 -13.79 -32.22 -4.35
C TYR B 598 -13.80 -33.58 -3.71
N VAL B 599 -14.64 -34.48 -4.22
CA VAL B 599 -14.74 -35.80 -3.61
C VAL B 599 -13.46 -36.60 -3.86
N VAL B 600 -12.86 -36.43 -5.04
CA VAL B 600 -11.62 -37.14 -5.31
C VAL B 600 -10.52 -36.65 -4.38
N TYR B 601 -10.46 -35.34 -4.17
CA TYR B 601 -9.45 -34.81 -3.28
C TYR B 601 -9.72 -35.22 -1.85
N ARG B 602 -10.98 -35.26 -1.46
CA ARG B 602 -11.31 -35.76 -0.14
C ARG B 602 -10.87 -37.20 0.00
N HIS B 603 -11.05 -37.98 -1.06
CA HIS B 603 -10.64 -39.38 -1.02
C HIS B 603 -9.12 -39.52 -0.96
N GLN B 604 -8.40 -38.65 -1.69
CA GLN B 604 -6.96 -38.78 -1.82
C GLN B 604 -6.21 -38.11 -0.70
N ILE B 605 -6.87 -37.25 0.07
CA ILE B 605 -6.18 -36.57 1.15
C ILE B 605 -5.98 -37.50 2.33
N ILE B 606 -7.04 -38.19 2.73
CA ILE B 606 -6.95 -39.04 3.90
C ILE B 606 -6.31 -40.37 3.57
N ASN B 607 -6.55 -40.88 2.38
CA ASN B 607 -6.06 -42.21 2.06
C ASN B 607 -4.58 -42.19 1.75
N VAL B 608 -4.18 -41.47 0.71
CA VAL B 608 -2.79 -41.41 0.28
C VAL B 608 -2.50 -40.03 -0.30
N TYR B 609 -1.75 -39.23 0.43
CA TYR B 609 -1.28 -37.95 -0.08
C TYR B 609 0.22 -37.77 0.12
N ASN B 610 0.73 -38.19 1.27
CA ASN B 610 2.15 -38.06 1.56
C ASN B 610 2.62 -36.62 1.43
N GLN B 611 1.92 -35.72 2.12
CA GLN B 611 2.26 -34.29 2.09
C GLN B 611 3.06 -33.89 3.31
N GLN B 612 4.12 -33.13 3.12
CA GLN B 612 4.97 -32.69 4.22
C GLN B 612 5.57 -31.31 3.97
N TYR B 613 4.79 -30.27 4.26
CA TYR B 613 5.24 -28.90 4.09
C TYR B 613 4.50 -27.92 4.98
N GLU B 614 3.75 -28.40 5.96
CA GLU B 614 2.88 -27.54 6.75
C GLU B 614 3.69 -26.48 7.48
N SER B 615 3.33 -25.23 7.26
CA SER B 615 3.95 -24.10 7.96
C SER B 615 2.90 -23.05 8.30
N GLY B 616 1.65 -23.48 8.48
CA GLY B 616 0.56 -22.57 8.74
C GLY B 616 -0.45 -22.58 7.62
N ALA B 617 -1.28 -21.55 7.58
CA ALA B 617 -2.31 -21.41 6.57
C ALA B 617 -2.32 -20.02 5.96
N GLN B 618 -1.18 -19.34 5.98
CA GLN B 618 -1.06 -17.96 5.52
C GLN B 618 -1.14 -17.74 4.01
N PHE B 619 -2.15 -18.34 3.40
CA PHE B 619 -2.36 -18.23 1.96
C PHE B 619 -3.80 -17.95 1.58
N TRP B 620 -4.69 -17.83 2.51
CA TRP B 620 -6.09 -17.56 2.22
C TRP B 620 -6.34 -16.08 1.93
N PRO B 621 -5.75 -15.15 2.69
CA PRO B 621 -5.88 -13.74 2.32
C PRO B 621 -5.35 -13.44 0.94
N SER B 622 -4.32 -14.18 0.52
CA SER B 622 -3.79 -14.01 -0.82
C SER B 622 -4.82 -14.39 -1.85
N VAL B 623 -5.70 -15.31 -1.53
CA VAL B 623 -6.75 -15.67 -2.45
C VAL B 623 -7.82 -14.61 -2.51
N HIS B 624 -8.18 -14.05 -1.36
CA HIS B 624 -9.22 -13.05 -1.31
C HIS B 624 -8.84 -11.83 -2.10
N GLY B 625 -7.66 -11.31 -1.81
CA GLY B 625 -7.21 -10.13 -2.49
C GLY B 625 -6.93 -10.33 -3.94
N ARG B 626 -6.87 -11.58 -4.39
CA ARG B 626 -6.67 -11.87 -5.78
C ARG B 626 -7.95 -12.28 -6.51
N ILE B 627 -9.00 -12.68 -5.79
CA ILE B 627 -10.30 -12.81 -6.43
C ILE B 627 -11.10 -11.52 -6.37
N ILE B 628 -10.84 -10.67 -5.38
CA ILE B 628 -11.49 -9.38 -5.34
C ILE B 628 -11.08 -8.53 -6.52
N ILE B 629 -9.79 -8.53 -6.85
CA ILE B 629 -9.34 -7.81 -8.02
C ILE B 629 -9.90 -8.45 -9.26
N ALA B 630 -10.10 -9.77 -9.24
CA ALA B 630 -10.72 -10.43 -10.36
C ALA B 630 -12.16 -9.97 -10.57
N LEU B 631 -12.91 -9.83 -9.48
CA LEU B 631 -14.26 -9.31 -9.59
C LEU B 631 -14.26 -7.88 -10.11
N ILE B 632 -13.31 -7.08 -9.65
CA ILE B 632 -13.20 -5.70 -10.14
C ILE B 632 -12.92 -5.70 -11.62
N VAL B 633 -12.08 -6.61 -12.08
CA VAL B 633 -11.77 -6.69 -13.50
C VAL B 633 -13.01 -7.04 -14.28
N SER B 634 -13.83 -7.95 -13.77
CA SER B 634 -15.06 -8.29 -14.48
C SER B 634 -16.01 -7.12 -14.56
N GLN B 635 -16.20 -6.43 -13.44
CA GLN B 635 -17.11 -5.29 -13.44
C GLN B 635 -16.62 -4.16 -14.33
N LEU B 636 -15.31 -4.03 -14.49
CA LEU B 636 -14.75 -2.99 -15.34
C LEU B 636 -14.82 -3.36 -16.81
N LEU B 637 -14.84 -4.65 -17.11
CA LEU B 637 -15.00 -5.11 -18.48
C LEU B 637 -16.45 -5.13 -18.91
N LEU B 638 -17.39 -5.22 -17.97
CA LEU B 638 -18.79 -5.19 -18.33
C LEU B 638 -19.21 -3.82 -18.81
N ILE B 639 -18.76 -2.78 -18.13
CA ILE B 639 -19.14 -1.43 -18.52
C ILE B 639 -18.58 -1.04 -19.87
N GLY B 640 -17.61 -1.79 -20.38
CA GLY B 640 -16.98 -1.42 -21.64
C GLY B 640 -17.58 -2.03 -22.88
N LEU B 641 -18.53 -2.94 -22.73
CA LEU B 641 -19.16 -3.61 -23.86
C LEU B 641 -20.61 -3.20 -24.04
N LEU B 642 -21.41 -3.29 -23.00
CA LEU B 642 -22.82 -2.96 -23.10
C LEU B 642 -23.10 -1.47 -22.99
N SER B 643 -22.07 -0.64 -22.84
CA SER B 643 -22.27 0.79 -22.73
C SER B 643 -22.18 1.50 -24.08
N THR B 644 -22.01 0.75 -25.16
CA THR B 644 -21.91 1.32 -26.49
C THR B 644 -23.24 1.27 -27.23
N LYS B 645 -24.26 0.67 -26.63
CA LYS B 645 -25.55 0.55 -27.29
C LYS B 645 -26.20 1.92 -27.43
N GLY B 646 -26.43 2.58 -26.29
CA GLY B 646 -27.07 3.89 -26.28
C GLY B 646 -26.53 4.82 -25.22
N PHE B 647 -27.44 5.46 -24.49
CA PHE B 647 -27.04 6.39 -23.45
C PHE B 647 -26.29 5.66 -22.34
N GLU B 648 -25.45 6.40 -21.62
CA GLU B 648 -24.66 5.84 -20.53
C GLU B 648 -25.52 5.75 -19.26
N GLU B 649 -26.64 5.03 -19.39
CA GLU B 649 -27.56 4.84 -18.29
C GLU B 649 -27.09 3.76 -17.34
N THR B 650 -26.19 2.88 -17.78
CA THR B 650 -25.69 1.80 -16.96
C THR B 650 -24.42 2.17 -16.19
N THR B 651 -23.76 3.27 -16.55
CA THR B 651 -22.52 3.63 -15.88
C THR B 651 -22.70 3.95 -14.40
N PRO B 652 -23.81 4.54 -13.91
CA PRO B 652 -23.88 4.82 -12.47
C PRO B 652 -23.73 3.59 -11.60
N VAL B 653 -24.34 2.48 -12.02
CA VAL B 653 -24.26 1.28 -11.20
C VAL B 653 -22.87 0.66 -11.31
N LEU B 654 -22.36 0.53 -12.53
CA LEU B 654 -21.07 -0.11 -12.72
C LEU B 654 -19.91 0.75 -12.25
N VAL B 655 -20.16 1.95 -11.74
CA VAL B 655 -19.13 2.80 -11.17
C VAL B 655 -19.27 2.90 -9.66
N VAL B 656 -20.47 2.77 -9.12
CA VAL B 656 -20.64 2.77 -7.67
C VAL B 656 -20.41 1.40 -7.06
N LEU B 657 -20.67 0.34 -7.82
CA LEU B 657 -20.44 -1.00 -7.30
C LEU B 657 -18.97 -1.28 -7.00
N PRO B 658 -18.04 -1.08 -7.93
CA PRO B 658 -16.63 -1.35 -7.60
C PRO B 658 -16.08 -0.46 -6.52
N VAL B 659 -16.70 0.69 -6.28
CA VAL B 659 -16.25 1.55 -5.19
C VAL B 659 -16.59 0.91 -3.86
N LEU B 660 -17.83 0.44 -3.73
CA LEU B 660 -18.27 -0.21 -2.51
C LEU B 660 -17.63 -1.59 -2.38
N THR B 661 -17.06 -2.08 -3.48
CA THR B 661 -16.39 -3.37 -3.49
C THR B 661 -15.03 -3.28 -2.82
N PHE B 662 -14.26 -2.26 -3.21
CA PHE B 662 -12.93 -2.05 -2.64
C PHE B 662 -13.04 -1.49 -1.22
N TRP B 663 -14.13 -0.77 -0.96
CA TRP B 663 -14.37 -0.19 0.34
C TRP B 663 -14.54 -1.30 1.37
N PHE B 664 -15.27 -2.34 0.99
CA PHE B 664 -15.49 -3.48 1.86
C PHE B 664 -14.20 -4.26 2.02
N TYR B 665 -13.42 -4.33 0.94
CA TYR B 665 -12.15 -5.03 0.95
C TYR B 665 -11.22 -4.35 1.94
N LYS B 666 -11.18 -3.02 1.88
CA LYS B 666 -10.34 -2.24 2.78
C LYS B 666 -10.76 -2.51 4.22
N TYR B 667 -12.07 -2.54 4.44
CA TYR B 667 -12.62 -2.80 5.75
C TYR B 667 -12.17 -4.15 6.28
N CYS B 668 -12.23 -5.17 5.43
CA CYS B 668 -11.78 -6.49 5.86
C CYS B 668 -10.29 -6.50 6.13
N LYS B 669 -9.51 -5.88 5.23
CA LYS B 669 -8.07 -5.82 5.43
C LYS B 669 -7.72 -5.12 6.73
N ASN B 670 -8.55 -4.17 7.15
CA ASN B 670 -8.29 -3.48 8.40
C ASN B 670 -8.77 -4.29 9.59
N ARG B 671 -9.87 -5.03 9.42
CA ARG B 671 -10.50 -5.69 10.56
C ARG B 671 -9.90 -7.06 10.85
N PHE B 672 -9.85 -7.94 9.84
CA PHE B 672 -9.54 -9.34 10.08
C PHE B 672 -8.19 -9.79 9.55
N GLU B 673 -7.61 -9.08 8.61
CA GLU B 673 -6.37 -9.53 8.02
C GLU B 673 -5.19 -9.50 8.99
N PRO B 674 -5.03 -8.45 9.81
CA PRO B 674 -3.84 -8.41 10.68
C PRO B 674 -3.80 -9.55 11.68
N ALA B 675 -4.96 -10.07 12.05
CA ALA B 675 -5.02 -11.15 13.02
C ALA B 675 -4.67 -12.50 12.42
N PHE B 676 -4.44 -12.56 11.11
CA PHE B 676 -4.20 -13.83 10.44
C PHE B 676 -2.72 -14.08 10.20
N VAL B 677 -2.01 -13.08 9.69
CA VAL B 677 -0.60 -13.23 9.37
C VAL B 677 0.31 -12.95 10.54
N ARG B 678 -0.18 -12.33 11.61
CA ARG B 678 0.64 -11.98 12.75
C ARG B 678 0.47 -13.00 13.86
N ASN B 679 1.20 -12.80 14.94
CA ASN B 679 1.19 -13.70 16.10
C ASN B 679 0.78 -12.91 17.34
N PRO B 680 -0.46 -13.05 17.82
CA PRO B 680 -0.86 -12.32 19.02
C PRO B 680 -0.04 -12.74 20.22
N LEU B 681 0.12 -11.80 21.15
CA LEU B 681 0.87 -12.05 22.38
C LEU B 681 -0.02 -12.41 23.55
N GLN B 682 -1.34 -12.37 23.39
CA GLN B 682 -2.24 -12.72 24.47
C GLN B 682 -2.41 -14.22 24.59
N GLU B 683 -2.66 -14.88 23.47
CA GLU B 683 -2.80 -16.33 23.49
C GLU B 683 -1.46 -17.01 23.69
N ALA B 684 -0.37 -16.35 23.32
CA ALA B 684 0.95 -16.95 23.49
C ALA B 684 1.24 -17.23 24.96
N MET B 685 1.06 -16.24 25.81
CA MET B 685 1.29 -16.43 27.23
C MET B 685 0.31 -17.44 27.81
N ARG B 686 -0.93 -17.41 27.31
CA ARG B 686 -1.92 -18.35 27.79
C ARG B 686 -1.49 -19.79 27.52
N LYS B 687 -1.03 -20.05 26.30
CA LYS B 687 -0.57 -21.39 25.98
C LYS B 687 0.73 -21.72 26.69
N ASP B 688 1.60 -20.72 26.87
CA ASP B 688 2.85 -20.97 27.56
C ASP B 688 2.63 -21.34 29.02
N THR B 689 1.65 -20.72 29.67
CA THR B 689 1.34 -21.06 31.05
C THR B 689 0.99 -22.54 31.18
N LEU B 690 0.11 -23.04 30.30
CA LEU B 690 -0.30 -24.44 30.37
C LEU B 690 0.83 -25.37 30.01
N GLU B 691 1.61 -25.03 28.99
CA GLU B 691 2.70 -25.90 28.58
C GLU B 691 3.79 -25.93 29.64
N ARG B 692 3.87 -24.91 30.48
CA ARG B 692 4.82 -24.89 31.59
C ARG B 692 4.26 -25.54 32.84
N ALA B 693 2.95 -25.49 33.03
CA ALA B 693 2.33 -26.15 34.17
C ALA B 693 2.15 -27.64 33.98
N ARG B 694 2.10 -28.11 32.73
CA ARG B 694 1.96 -29.54 32.47
C ARG B 694 3.27 -30.26 32.69
N GLU B 695 4.34 -29.77 32.08
CA GLU B 695 5.66 -30.36 32.21
C GLU B 695 6.54 -29.46 33.06
N PRO B 696 6.80 -29.81 34.32
CA PRO B 696 7.63 -28.94 35.16
C PRO B 696 9.09 -28.97 34.77
N THR B 697 9.53 -30.00 34.06
CA THR B 697 10.92 -30.09 33.63
C THR B 697 11.18 -29.21 32.42
N PHE B 698 12.41 -28.70 32.34
CA PHE B 698 12.78 -27.82 31.24
C PHE B 698 12.87 -28.61 29.94
N ASP B 699 13.82 -29.54 29.88
CA ASP B 699 13.94 -30.58 28.85
C ASP B 699 13.68 -30.08 27.44
N LEU B 700 14.04 -28.84 27.15
CA LEU B 700 13.83 -28.26 25.83
C LEU B 700 15.11 -27.91 25.10
N LYS B 701 16.26 -27.95 25.76
CA LYS B 701 17.51 -27.66 25.08
C LYS B 701 18.10 -28.87 24.40
N ALA B 702 17.52 -30.05 24.62
CA ALA B 702 18.05 -31.27 24.06
C ALA B 702 17.73 -31.37 22.58
N TYR B 703 16.43 -31.37 22.27
CA TYR B 703 16.01 -31.56 20.88
C TYR B 703 16.16 -30.30 20.05
N LEU B 704 16.41 -29.15 20.68
CA LEU B 704 16.59 -27.92 19.94
C LEU B 704 18.04 -27.67 19.55
N ALA B 705 18.98 -28.29 20.23
CA ALA B 705 20.38 -28.09 19.87
C ALA B 705 20.67 -28.70 18.50
N ASN B 706 20.47 -30.01 18.39
CA ASN B 706 20.71 -30.72 17.14
C ASN B 706 19.42 -30.84 16.36
N ALA B 707 18.86 -29.68 16.04
CA ALA B 707 17.62 -29.59 15.28
C ALA B 707 17.83 -29.18 13.84
N TYR B 708 18.75 -28.25 13.59
CA TYR B 708 19.07 -27.77 12.26
C TYR B 708 20.55 -28.03 12.00
N LEU B 709 20.86 -29.14 11.34
CA LEU B 709 22.22 -29.53 11.06
C LEU B 709 22.27 -30.27 9.72
N HIS B 710 23.47 -30.64 9.33
CA HIS B 710 23.68 -31.37 8.09
C HIS B 710 23.66 -32.86 8.39
N PRO B 711 23.52 -33.70 7.36
CA PRO B 711 23.43 -35.15 7.62
C PRO B 711 24.61 -35.73 8.38
N VAL B 712 25.82 -35.24 8.10
CA VAL B 712 27.01 -35.77 8.77
C VAL B 712 27.19 -35.02 10.09
#